data_7D5K
#
_entry.id   7D5K
#
loop_
_entity.id
_entity.type
_entity.pdbx_description
1 polymer 'Cellulose synthase'
2 branched beta-D-glucopyranose-(1-4)-beta-D-glucopyranose
#
_entity_poly.entity_id   1
_entity_poly.type   'polypeptide(L)'
_entity_poly.pdbx_seq_one_letter_code
;MEASAGLVAGSHNRNELVVIHGHEEPKPLKNLDGQVCEICGDEIGVTVDGDLFVACNECGFPVCRPCYEYERREGTQQCP
QCKTRYKRLKGSPRVEGDEDEEDVDDIEHEFNIDDEQNKHRNVVESILHGKMSYGRGPEDDETPQIPVITGVRSRPVSGE
FPIAGALAYGEHMPNASLHKRVHPYPMSETEGAERWDDKKEGGWKERMDDWKMQQGNLGPEADDAYDDMSMLDEARQPLS
RKVPIASSKINPYRMVIVARLLILAFFLRYRILNPVHDAIGLWLTSVICEIWFAFSWILDQFPKWFPIDRETYLDRLSLR
YEREGEPNMLAPVDIFVSTVDPMKEPPLVTANTVLSILAMDYPVDKISCYISDDGASMLTFESLSETAEFARKWVPFCKK
FAIEPRAPEMYFTLKVDYLKDKVQPTFVKERRAMKREYEEFKVRINALVAKAQKVPPEGWIMQDGTPWPGNNTKDHPGMI
QVFLGQSGGHDTEGNELPRLVYVSREKRPGFLHHKKAGAMNALVRVSGVLTNAPFMLNLDCDHYINNSKAAREAMCFLMD
PQIGRKVCYVQFPQRFDGIDRHDRYANRNTVFFDINMKGLDGIQGPVYVGTGCVFRRQALYGYEPPKGPKRPKMVSCGCC
PCFGRRKKDKKYPKNGGNENGPSLEAVEDDKELLMSQMNFEKKFGQSAIFVTSTLMDQGGVPPSSSPAALLKEAIHVISC
GYEDKTEWGSELGWIYGSITEDILTGFKMHCRGWRSIYCMPKLPAFKGSAPINLSDRLNQVLRWALGSVEIFFSRHCPAW
YGLKGAKLRWLERFAYVNTTIYPFTSLPLLAYCTLPAICLLTDKFIMPPISTFASLFFIALFLSIFATGILELRWSGVSI
EEWWRNEQFWVIGGISAHLFAVVQGLLKVLAGIDTNFTVTSKTTDDEEFGELYTFKWTTLLIPPTTVLIINLVGVVAGIS
DAINNGYQSWGPLFGKLFFSFWVIVHLYPFLKGLMGRQNRTPTIVVIWSVLLASIFSLLWVRIDPFVLKTKGPDTTQCGI
NC
;
_entity_poly.pdbx_strand_id   A,B,C
#
# COMPACT_ATOMS: atom_id res chain seq x y z
N ALA A 235 13.60 -11.66 49.60
CA ALA A 235 12.93 -12.94 49.80
C ALA A 235 11.47 -12.73 50.19
N ARG A 236 11.19 -11.61 50.84
CA ARG A 236 9.85 -11.30 51.32
C ARG A 236 9.13 -10.27 50.47
N GLN A 237 9.63 -9.97 49.27
CA GLN A 237 8.96 -9.01 48.41
C GLN A 237 7.67 -9.63 47.88
N PRO A 238 6.66 -8.81 47.57
CA PRO A 238 5.55 -9.29 46.75
C PRO A 238 6.04 -9.57 45.33
N LEU A 239 5.37 -10.52 44.68
CA LEU A 239 5.68 -10.86 43.31
C LEU A 239 4.91 -10.02 42.29
N SER A 240 4.20 -9.00 42.74
CA SER A 240 3.53 -8.06 41.84
C SER A 240 3.21 -6.80 42.63
N ARG A 241 2.97 -5.71 41.90
CA ARG A 241 2.57 -4.47 42.55
C ARG A 241 1.53 -3.77 41.71
N LYS A 242 0.56 -3.17 42.40
CA LYS A 242 -0.52 -2.39 41.82
C LYS A 242 -0.14 -0.92 41.91
N VAL A 243 0.16 -0.32 40.77
CA VAL A 243 0.49 1.10 40.69
C VAL A 243 -0.77 1.87 40.33
N PRO A 244 -1.22 2.82 41.14
CA PRO A 244 -2.33 3.68 40.73
C PRO A 244 -1.89 4.62 39.62
N ILE A 245 -2.88 5.08 38.84
CA ILE A 245 -2.60 6.07 37.82
C ILE A 245 -2.07 7.34 38.49
N ALA A 246 -1.16 8.03 37.80
CA ALA A 246 -0.50 9.20 38.37
C ALA A 246 -1.53 10.22 38.84
N SER A 247 -1.29 10.77 40.05
CA SER A 247 -2.28 11.65 40.67
C SER A 247 -2.49 12.91 39.85
N SER A 248 -1.45 13.40 39.17
CA SER A 248 -1.60 14.60 38.35
C SER A 248 -2.48 14.36 37.14
N LYS A 249 -2.52 13.12 36.66
CA LYS A 249 -3.24 12.77 35.43
C LYS A 249 -4.61 12.14 35.69
N ILE A 250 -5.22 12.37 36.85
CA ILE A 250 -6.46 11.69 37.20
C ILE A 250 -7.39 12.63 37.97
N ASN A 251 -6.81 13.49 38.80
CA ASN A 251 -7.63 14.44 39.56
C ASN A 251 -8.42 15.40 38.67
N PRO A 252 -7.85 16.01 37.62
CA PRO A 252 -8.70 16.81 36.72
C PRO A 252 -9.81 15.99 36.10
N TYR A 253 -9.55 14.72 35.77
CA TYR A 253 -10.58 13.85 35.22
C TYR A 253 -11.74 13.68 36.21
N ARG A 254 -11.42 13.41 37.47
CA ARG A 254 -12.45 13.28 38.49
C ARG A 254 -13.22 14.58 38.68
N MET A 255 -12.51 15.71 38.69
CA MET A 255 -13.18 17.00 38.88
C MET A 255 -14.11 17.31 37.72
N VAL A 256 -13.70 17.01 36.49
CA VAL A 256 -14.56 17.22 35.34
C VAL A 256 -15.78 16.30 35.40
N ILE A 257 -15.60 15.07 35.88
CA ILE A 257 -16.75 14.19 36.04
C ILE A 257 -17.75 14.79 37.04
N VAL A 258 -17.25 15.30 38.17
CA VAL A 258 -18.15 15.89 39.17
C VAL A 258 -18.86 17.12 38.60
N ALA A 259 -18.12 17.97 37.89
CA ALA A 259 -18.71 19.16 37.30
C ALA A 259 -19.77 18.80 36.27
N ARG A 260 -19.51 17.77 35.47
CA ARG A 260 -20.49 17.33 34.48
C ARG A 260 -21.73 16.78 35.16
N LEU A 261 -21.56 16.06 36.27
CA LEU A 261 -22.71 15.60 37.05
C LEU A 261 -23.57 16.78 37.50
N LEU A 262 -22.94 17.81 38.08
CA LEU A 262 -23.69 18.96 38.56
C LEU A 262 -24.40 19.69 37.41
N ILE A 263 -23.69 19.90 36.30
CA ILE A 263 -24.28 20.61 35.16
C ILE A 263 -25.44 19.83 34.58
N LEU A 264 -25.28 18.51 34.46
CA LEU A 264 -26.35 17.68 33.94
C LEU A 264 -27.57 17.72 34.85
N ALA A 265 -27.36 17.68 36.16
CA ALA A 265 -28.48 17.77 37.09
C ALA A 265 -29.22 19.09 36.95
N PHE A 266 -28.46 20.20 36.86
CA PHE A 266 -29.10 21.51 36.74
C PHE A 266 -29.86 21.64 35.42
N PHE A 267 -29.27 21.16 34.32
CA PHE A 267 -29.94 21.23 33.03
C PHE A 267 -31.19 20.36 33.02
N LEU A 268 -31.13 19.20 33.67
CA LEU A 268 -32.30 18.34 33.72
C LEU A 268 -33.41 18.99 34.54
N ARG A 269 -33.05 19.66 35.63
CA ARG A 269 -34.04 20.43 36.39
C ARG A 269 -34.66 21.51 35.53
N TYR A 270 -33.85 22.21 34.74
CA TYR A 270 -34.36 23.25 33.86
C TYR A 270 -35.35 22.69 32.86
N ARG A 271 -35.02 21.53 32.27
CA ARG A 271 -35.93 20.91 31.32
C ARG A 271 -37.24 20.49 31.99
N ILE A 272 -37.15 19.94 33.20
CA ILE A 272 -38.35 19.49 33.91
C ILE A 272 -39.26 20.68 34.22
N LEU A 273 -38.68 21.78 34.69
CA LEU A 273 -39.47 22.93 35.10
C LEU A 273 -40.20 23.55 33.93
N ASN A 274 -39.51 23.70 32.79
CA ASN A 274 -40.05 24.45 31.66
C ASN A 274 -40.95 23.57 30.80
N PRO A 275 -42.22 23.93 30.62
CA PRO A 275 -43.06 23.19 29.66
C PRO A 275 -42.93 23.76 28.26
N VAL A 276 -43.88 23.45 27.38
CA VAL A 276 -43.88 23.95 26.01
C VAL A 276 -45.26 24.47 25.64
N HIS A 277 -46.30 23.82 26.16
CA HIS A 277 -47.70 24.21 25.96
C HIS A 277 -48.15 24.05 24.51
N ASP A 278 -47.33 24.51 23.55
CA ASP A 278 -47.71 24.43 22.14
C ASP A 278 -47.87 22.98 21.69
N ALA A 279 -46.95 22.12 22.09
CA ALA A 279 -47.02 20.69 21.73
C ALA A 279 -46.18 19.94 22.78
N ILE A 280 -46.88 19.25 23.69
CA ILE A 280 -46.19 18.66 24.84
C ILE A 280 -45.69 17.25 24.55
N GLY A 281 -46.21 16.60 23.52
CA GLY A 281 -45.83 15.22 23.26
C GLY A 281 -44.37 15.06 22.90
N LEU A 282 -43.90 15.88 21.95
CA LEU A 282 -42.50 15.80 21.54
C LEU A 282 -41.58 16.18 22.69
N TRP A 283 -41.95 17.20 23.46
CA TRP A 283 -41.15 17.62 24.60
C TRP A 283 -41.05 16.50 25.63
N LEU A 284 -42.17 15.83 25.93
CA LEU A 284 -42.16 14.74 26.89
C LEU A 284 -41.29 13.59 26.40
N THR A 285 -41.41 13.23 25.12
CA THR A 285 -40.59 12.16 24.59
C THR A 285 -39.11 12.51 24.68
N SER A 286 -38.75 13.74 24.32
CA SER A 286 -37.36 14.17 24.36
C SER A 286 -36.81 14.18 25.79
N VAL A 287 -37.59 14.68 26.75
CA VAL A 287 -37.09 14.75 28.12
C VAL A 287 -36.93 13.35 28.70
N ILE A 288 -37.86 12.44 28.36
CA ILE A 288 -37.70 11.06 28.83
C ILE A 288 -36.45 10.43 28.24
N CYS A 289 -36.20 10.64 26.94
CA CYS A 289 -35.00 10.11 26.31
C CYS A 289 -33.75 10.66 26.99
N GLU A 290 -33.75 11.96 27.32
CA GLU A 290 -32.57 12.55 27.93
C GLU A 290 -32.39 12.09 29.38
N ILE A 291 -33.48 11.85 30.11
CA ILE A 291 -33.36 11.24 31.44
C ILE A 291 -32.71 9.88 31.34
N TRP A 292 -33.17 9.06 30.39
CA TRP A 292 -32.60 7.72 30.26
C TRP A 292 -31.13 7.80 29.87
N PHE A 293 -30.78 8.73 28.98
CA PHE A 293 -29.38 8.90 28.59
C PHE A 293 -28.53 9.33 29.78
N ALA A 294 -29.04 10.23 30.62
CA ALA A 294 -28.31 10.65 31.81
C ALA A 294 -28.09 9.50 32.77
N PHE A 295 -29.12 8.68 32.98
CA PHE A 295 -28.98 7.52 33.86
C PHE A 295 -27.94 6.54 33.30
N SER A 296 -27.97 6.30 32.00
CA SER A 296 -26.97 5.42 31.38
C SER A 296 -25.57 6.00 31.54
N TRP A 297 -25.43 7.32 31.38
CA TRP A 297 -24.12 7.94 31.57
C TRP A 297 -23.63 7.76 33.00
N ILE A 298 -24.52 7.94 33.99
CA ILE A 298 -24.13 7.71 35.38
C ILE A 298 -23.63 6.30 35.56
N LEU A 299 -24.42 5.32 35.07
CA LEU A 299 -24.07 3.92 35.26
C LEU A 299 -22.73 3.58 34.60
N ASP A 300 -22.48 4.14 33.42
CA ASP A 300 -21.25 3.80 32.71
C ASP A 300 -20.03 4.49 33.32
N GLN A 301 -20.18 5.75 33.76
CA GLN A 301 -19.00 6.53 34.13
C GLN A 301 -18.63 6.40 35.60
N PHE A 302 -19.59 6.15 36.49
CA PHE A 302 -19.25 6.11 37.91
C PHE A 302 -18.20 5.05 38.28
N PRO A 303 -18.21 3.81 37.75
CA PRO A 303 -17.20 2.83 38.19
C PRO A 303 -15.82 3.04 37.58
N LYS A 304 -15.53 4.23 37.09
CA LYS A 304 -14.20 4.54 36.57
C LYS A 304 -13.31 5.25 37.58
N TRP A 305 -13.78 5.43 38.81
CA TRP A 305 -12.97 6.05 39.86
C TRP A 305 -11.80 5.13 40.20
N PHE A 306 -10.65 5.72 40.53
CA PHE A 306 -9.37 5.06 40.80
C PHE A 306 -9.09 3.89 39.85
N PRO A 307 -8.79 4.17 38.58
CA PRO A 307 -8.17 3.16 37.73
C PRO A 307 -6.76 2.84 38.19
N ILE A 308 -6.34 1.60 37.92
CA ILE A 308 -5.06 1.07 38.38
C ILE A 308 -4.39 0.35 37.22
N ASP A 309 -3.10 0.08 37.40
CA ASP A 309 -2.33 -0.82 36.54
C ASP A 309 -1.54 -1.74 37.45
N ARG A 310 -1.15 -2.89 36.91
CA ARG A 310 -0.40 -3.88 37.67
C ARG A 310 0.83 -4.29 36.90
N GLU A 311 1.94 -4.43 37.61
CA GLU A 311 3.18 -4.92 36.99
C GLU A 311 3.82 -5.94 37.90
N THR A 312 4.37 -6.98 37.29
CA THR A 312 4.78 -8.19 37.97
C THR A 312 6.29 -8.39 37.90
N TYR A 313 6.81 -9.22 38.80
CA TYR A 313 8.23 -9.50 38.95
C TYR A 313 8.45 -11.01 38.84
N LEU A 314 8.68 -11.49 37.62
CA LEU A 314 8.90 -12.92 37.41
C LEU A 314 10.20 -13.39 38.05
N ASP A 315 11.17 -12.48 38.20
CA ASP A 315 12.46 -12.85 38.73
C ASP A 315 12.35 -13.40 40.15
N ARG A 316 11.58 -12.72 41.00
CA ARG A 316 11.37 -13.21 42.35
C ARG A 316 10.65 -14.55 42.36
N LEU A 317 9.68 -14.74 41.47
CA LEU A 317 8.98 -16.00 41.38
C LEU A 317 9.93 -17.14 41.07
N SER A 318 10.76 -16.97 40.03
CA SER A 318 11.71 -18.02 39.67
C SER A 318 12.75 -18.21 40.76
N LEU A 319 13.09 -17.16 41.50
CA LEU A 319 14.12 -17.27 42.52
C LEU A 319 13.61 -18.01 43.74
N ARG A 320 12.32 -17.84 44.07
CA ARG A 320 11.83 -18.40 45.32
C ARG A 320 11.16 -19.76 45.13
N TYR A 321 10.59 -20.02 43.95
CA TYR A 321 10.00 -21.33 43.69
C TYR A 321 10.88 -22.25 42.85
N GLU A 322 11.59 -21.72 41.86
CA GLU A 322 12.44 -22.54 41.01
C GLU A 322 13.87 -22.53 41.50
N ARG A 323 14.06 -22.36 42.81
CA ARG A 323 15.41 -22.31 43.38
C ARG A 323 16.11 -23.65 43.20
N GLU A 324 17.35 -23.60 42.75
CA GLU A 324 18.08 -24.79 42.35
C GLU A 324 18.43 -25.65 43.56
N GLY A 325 18.39 -26.97 43.37
CA GLY A 325 18.70 -27.92 44.42
C GLY A 325 17.51 -28.63 45.03
N GLU A 326 16.29 -28.24 44.65
CA GLU A 326 15.07 -28.85 45.16
C GLU A 326 14.13 -29.16 44.00
N PRO A 327 13.20 -30.10 44.18
CA PRO A 327 12.19 -30.32 43.15
C PRO A 327 11.36 -29.07 42.91
N ASN A 328 10.97 -28.86 41.65
CA ASN A 328 10.23 -27.67 41.28
C ASN A 328 8.86 -27.66 41.97
N MET A 329 8.47 -26.48 42.44
CA MET A 329 7.27 -26.33 43.24
C MET A 329 6.20 -25.45 42.63
N LEU A 330 6.31 -25.10 41.35
CA LEU A 330 5.26 -24.32 40.69
C LEU A 330 3.98 -25.14 40.61
N ALA A 331 2.84 -24.48 40.81
CA ALA A 331 1.57 -25.17 40.84
C ALA A 331 1.14 -25.60 39.44
N PRO A 332 0.63 -26.82 39.30
CA PRO A 332 0.26 -27.33 37.96
C PRO A 332 -1.02 -26.70 37.43
N VAL A 333 -1.21 -26.83 36.12
CA VAL A 333 -2.40 -26.35 35.44
C VAL A 333 -2.89 -27.39 34.43
N ASP A 334 -4.14 -27.23 34.03
CA ASP A 334 -4.69 -27.89 32.86
C ASP A 334 -5.27 -26.83 31.94
N ILE A 335 -5.13 -27.03 30.63
CA ILE A 335 -5.63 -26.10 29.64
C ILE A 335 -6.80 -26.77 28.91
N PHE A 336 -7.84 -25.99 28.64
CA PHE A 336 -9.10 -26.49 28.09
C PHE A 336 -9.33 -25.85 26.72
N VAL A 337 -9.33 -26.66 25.67
CA VAL A 337 -9.64 -26.21 24.32
C VAL A 337 -10.91 -26.92 23.86
N SER A 338 -11.92 -26.13 23.48
CA SER A 338 -13.21 -26.65 23.07
C SER A 338 -13.36 -26.47 21.56
N THR A 339 -13.51 -27.57 20.84
CA THR A 339 -13.70 -27.57 19.40
C THR A 339 -15.11 -28.04 19.09
N VAL A 340 -15.82 -27.28 18.25
CA VAL A 340 -17.22 -27.57 17.95
C VAL A 340 -17.30 -28.47 16.72
N ASP A 341 -16.89 -27.97 15.56
CA ASP A 341 -17.10 -28.63 14.29
C ASP A 341 -15.97 -28.21 13.36
N PRO A 342 -15.24 -29.15 12.76
CA PRO A 342 -14.16 -28.76 11.84
C PRO A 342 -14.66 -28.07 10.57
N MET A 343 -15.94 -28.16 10.24
CA MET A 343 -16.42 -27.57 9.01
C MET A 343 -16.37 -26.04 9.03
N LYS A 344 -16.45 -25.43 10.22
CA LYS A 344 -16.31 -23.98 10.34
C LYS A 344 -14.97 -23.57 10.93
N GLU A 345 -14.32 -24.45 11.70
CA GLU A 345 -12.99 -24.20 12.24
C GLU A 345 -12.01 -25.18 11.61
N PRO A 346 -11.16 -24.75 10.68
CA PRO A 346 -10.30 -25.70 9.99
C PRO A 346 -9.35 -26.38 10.96
N PRO A 347 -8.97 -27.62 10.67
CA PRO A 347 -8.07 -28.34 11.60
C PRO A 347 -6.73 -27.66 11.79
N LEU A 348 -6.24 -26.91 10.79
CA LEU A 348 -4.96 -26.25 10.92
C LEU A 348 -4.97 -25.19 12.02
N VAL A 349 -6.07 -24.45 12.13
CA VAL A 349 -6.18 -23.42 13.16
C VAL A 349 -6.14 -24.05 14.55
N THR A 350 -6.86 -25.16 14.73
CA THR A 350 -6.84 -25.86 16.01
C THR A 350 -5.45 -26.43 16.30
N ALA A 351 -4.79 -26.98 15.28
CA ALA A 351 -3.45 -27.51 15.46
C ALA A 351 -2.46 -26.43 15.87
N ASN A 352 -2.63 -25.22 15.34
CA ASN A 352 -1.77 -24.11 15.75
C ASN A 352 -1.91 -23.83 17.24
N THR A 353 -3.16 -23.80 17.74
CA THR A 353 -3.39 -23.58 19.16
C THR A 353 -2.79 -24.71 20.00
N VAL A 354 -2.97 -25.95 19.55
CA VAL A 354 -2.41 -27.09 20.29
C VAL A 354 -0.90 -27.00 20.35
N LEU A 355 -0.25 -26.66 19.23
CA LEU A 355 1.19 -26.56 19.20
C LEU A 355 1.69 -25.42 20.07
N SER A 356 1.02 -24.27 20.04
CA SER A 356 1.40 -23.16 20.89
C SER A 356 1.26 -23.50 22.37
N ILE A 357 0.22 -24.26 22.72
CA ILE A 357 0.07 -24.72 24.11
C ILE A 357 1.19 -25.67 24.48
N LEU A 358 1.52 -26.62 23.59
CA LEU A 358 2.54 -27.61 23.90
C LEU A 358 3.91 -26.97 24.08
N ALA A 359 4.25 -26.00 23.24
CA ALA A 359 5.57 -25.37 23.27
C ALA A 359 5.68 -24.26 24.32
N MET A 360 4.86 -24.31 25.37
CA MET A 360 4.88 -23.25 26.37
C MET A 360 6.10 -23.40 27.29
N ASP A 361 6.54 -22.27 27.85
CA ASP A 361 7.66 -22.25 28.78
C ASP A 361 7.11 -22.41 30.20
N TYR A 362 7.30 -23.61 30.75
CA TYR A 362 6.76 -23.99 32.06
C TYR A 362 7.17 -25.43 32.28
N PRO A 363 7.41 -25.87 33.54
CA PRO A 363 7.77 -27.28 33.77
C PRO A 363 6.83 -28.27 33.10
N VAL A 364 7.39 -29.18 32.31
CA VAL A 364 6.57 -30.05 31.47
C VAL A 364 5.71 -30.98 32.32
N ASP A 365 6.22 -31.41 33.47
CA ASP A 365 5.45 -32.33 34.29
C ASP A 365 4.31 -31.63 35.05
N LYS A 366 3.90 -30.44 34.62
CA LYS A 366 2.90 -29.67 35.36
C LYS A 366 1.89 -29.01 34.44
N ILE A 367 1.81 -29.45 33.18
CA ILE A 367 0.76 -29.02 32.26
C ILE A 367 0.17 -30.22 31.54
N SER A 368 -1.06 -30.03 31.07
CA SER A 368 -1.80 -31.04 30.31
C SER A 368 -2.94 -30.37 29.57
N CYS A 369 -3.18 -30.79 28.33
CA CYS A 369 -4.19 -30.17 27.48
C CYS A 369 -5.38 -31.10 27.33
N TYR A 370 -6.58 -30.56 27.51
CA TYR A 370 -7.84 -31.27 27.38
C TYR A 370 -8.61 -30.64 26.24
N ILE A 371 -8.85 -31.41 25.19
CA ILE A 371 -9.56 -30.94 24.01
C ILE A 371 -10.91 -31.65 23.96
N SER A 372 -11.98 -30.87 23.97
CA SER A 372 -13.35 -31.38 23.97
C SER A 372 -13.92 -31.19 22.58
N ASP A 373 -14.08 -32.30 21.84
CA ASP A 373 -14.60 -32.27 20.47
C ASP A 373 -16.10 -32.54 20.57
N ASP A 374 -16.89 -31.48 20.39
CA ASP A 374 -18.33 -31.61 20.54
C ASP A 374 -18.93 -32.51 19.47
N GLY A 375 -18.46 -32.39 18.23
CA GLY A 375 -19.06 -33.11 17.12
C GLY A 375 -18.70 -34.57 17.02
N ALA A 376 -17.72 -35.03 17.82
CA ALA A 376 -17.26 -36.42 17.81
C ALA A 376 -16.77 -36.86 16.45
N SER A 377 -16.33 -35.92 15.60
CA SER A 377 -15.87 -36.25 14.27
C SER A 377 -14.46 -36.83 14.32
N MET A 378 -14.14 -37.64 13.32
CA MET A 378 -12.83 -38.28 13.22
C MET A 378 -11.78 -37.36 12.61
N LEU A 379 -12.19 -36.28 11.95
CA LEU A 379 -11.22 -35.37 11.34
C LEU A 379 -10.33 -34.75 12.39
N THR A 380 -10.92 -34.22 13.47
CA THR A 380 -10.15 -33.68 14.57
C THR A 380 -9.32 -34.74 15.28
N PHE A 381 -9.82 -35.97 15.38
CA PHE A 381 -9.04 -37.06 15.97
C PHE A 381 -7.76 -37.32 15.19
N GLU A 382 -7.86 -37.45 13.86
CA GLU A 382 -6.66 -37.65 13.05
C GLU A 382 -5.77 -36.42 13.03
N SER A 383 -6.35 -35.22 13.08
CA SER A 383 -5.54 -34.02 13.17
C SER A 383 -4.73 -33.97 14.45
N LEU A 384 -5.33 -34.38 15.57
CA LEU A 384 -4.57 -34.45 16.82
C LEU A 384 -3.51 -35.53 16.77
N SER A 385 -3.81 -36.66 16.11
CA SER A 385 -2.79 -37.68 15.93
C SER A 385 -1.61 -37.16 15.12
N GLU A 386 -1.87 -36.31 14.11
CA GLU A 386 -0.80 -35.72 13.31
C GLU A 386 -0.02 -34.68 14.14
N THR A 387 -0.73 -33.87 14.91
CA THR A 387 -0.09 -32.84 15.71
C THR A 387 0.77 -33.42 16.82
N ALA A 388 0.34 -34.52 17.44
CA ALA A 388 1.14 -35.20 18.45
C ALA A 388 2.41 -35.80 17.88
N GLU A 389 2.46 -36.00 16.55
CA GLU A 389 3.69 -36.43 15.89
C GLU A 389 4.57 -35.28 15.44
N PHE A 390 3.98 -34.16 15.03
CA PHE A 390 4.78 -33.00 14.66
C PHE A 390 5.32 -32.24 15.88
N ALA A 391 4.69 -32.41 17.04
CA ALA A 391 5.14 -31.71 18.24
C ALA A 391 6.53 -32.16 18.65
N ARG A 392 6.85 -33.44 18.47
CA ARG A 392 8.17 -33.96 18.83
C ARG A 392 9.30 -33.23 18.11
N LYS A 393 9.02 -32.64 16.94
CA LYS A 393 9.99 -31.80 16.26
C LYS A 393 9.80 -30.32 16.54
N TRP A 394 8.55 -29.86 16.70
CA TRP A 394 8.32 -28.43 16.88
C TRP A 394 8.78 -27.94 18.26
N VAL A 395 8.65 -28.74 19.30
CA VAL A 395 8.87 -28.28 20.66
C VAL A 395 10.35 -28.05 20.96
N PRO A 396 11.26 -29.02 20.74
CA PRO A 396 12.67 -28.75 21.09
C PRO A 396 13.28 -27.58 20.35
N PHE A 397 12.97 -27.43 19.06
CA PHE A 397 13.49 -26.30 18.29
C PHE A 397 12.98 -24.99 18.86
N CYS A 398 11.70 -24.95 19.23
CA CYS A 398 11.14 -23.73 19.82
C CYS A 398 11.79 -23.42 21.16
N LYS A 399 12.05 -24.45 21.97
CA LYS A 399 12.66 -24.24 23.27
C LYS A 399 14.10 -23.73 23.15
N LYS A 400 14.87 -24.28 22.20
CA LYS A 400 16.30 -23.96 22.14
C LYS A 400 16.54 -22.49 21.78
N PHE A 401 15.88 -22.00 20.75
CA PHE A 401 16.17 -20.68 20.21
C PHE A 401 15.24 -19.58 20.72
N ALA A 402 14.32 -19.91 21.63
CA ALA A 402 13.40 -18.94 22.20
C ALA A 402 12.61 -18.21 21.12
N ILE A 403 11.59 -18.85 20.58
CA ILE A 403 10.79 -18.25 19.52
C ILE A 403 9.73 -17.33 20.12
N GLU A 404 9.40 -16.27 19.38
CA GLU A 404 8.51 -15.23 19.88
C GLU A 404 7.05 -15.68 19.89
N PRO A 405 6.47 -16.15 18.77
CA PRO A 405 5.04 -16.52 18.79
C PRO A 405 4.80 -17.94 19.28
N ARG A 406 5.75 -18.84 19.00
CA ARG A 406 5.67 -20.25 19.35
C ARG A 406 4.52 -20.96 18.65
N ALA A 407 3.95 -20.35 17.61
CA ALA A 407 2.95 -20.97 16.76
C ALA A 407 3.47 -20.98 15.34
N PRO A 408 3.44 -22.11 14.64
CA PRO A 408 4.14 -22.22 13.34
C PRO A 408 3.67 -21.22 12.28
N GLU A 409 2.37 -21.19 12.00
CA GLU A 409 1.88 -20.35 10.92
C GLU A 409 2.01 -18.87 11.26
N MET A 410 1.87 -18.52 12.54
CA MET A 410 2.00 -17.13 12.97
C MET A 410 3.45 -16.73 13.24
N TYR A 411 4.39 -17.67 13.09
CA TYR A 411 5.82 -17.35 13.18
C TYR A 411 6.48 -17.28 11.81
N PHE A 412 6.15 -18.22 10.92
CA PHE A 412 6.74 -18.23 9.58
C PHE A 412 6.06 -17.24 8.64
N THR A 413 5.12 -16.43 9.13
CA THR A 413 4.46 -15.40 8.34
C THR A 413 4.58 -14.05 9.02
N LEU A 414 5.79 -13.73 9.48
CA LEU A 414 6.08 -12.45 10.11
C LEU A 414 6.92 -11.61 9.15
N LYS A 415 6.49 -10.37 8.93
CA LYS A 415 7.22 -9.48 8.03
C LYS A 415 8.54 -9.01 8.63
N VAL A 416 8.65 -9.04 9.96
CA VAL A 416 9.86 -8.56 10.62
C VAL A 416 11.01 -9.54 10.35
N ASP A 417 12.22 -9.00 10.33
CA ASP A 417 13.41 -9.82 10.14
C ASP A 417 13.53 -10.85 11.27
N TYR A 418 13.94 -12.06 10.91
CA TYR A 418 13.99 -13.16 11.86
C TYR A 418 15.41 -13.44 12.37
N LEU A 419 16.34 -12.53 12.15
CA LEU A 419 17.69 -12.63 12.70
C LEU A 419 18.06 -11.37 13.47
N LYS A 420 17.05 -10.71 14.05
CA LYS A 420 17.30 -9.43 14.74
C LYS A 420 18.20 -9.61 15.95
N ASP A 421 17.94 -10.63 16.77
CA ASP A 421 18.70 -10.82 18.00
C ASP A 421 19.17 -12.25 18.19
N LYS A 422 19.10 -13.09 17.16
CA LYS A 422 19.55 -14.47 17.29
C LYS A 422 21.08 -14.53 17.21
N VAL A 423 21.67 -15.33 18.08
CA VAL A 423 23.12 -15.39 18.20
C VAL A 423 23.69 -16.79 17.97
N GLN A 424 22.89 -17.85 18.05
CA GLN A 424 23.44 -19.19 17.94
C GLN A 424 23.94 -19.45 16.52
N PRO A 425 25.11 -20.08 16.38
CA PRO A 425 25.66 -20.32 15.03
C PRO A 425 24.79 -21.22 14.17
N THR A 426 24.06 -22.17 14.75
CA THR A 426 23.32 -23.16 13.99
C THR A 426 21.87 -22.78 13.75
N PHE A 427 21.47 -21.55 14.05
CA PHE A 427 20.07 -21.17 13.97
C PHE A 427 19.52 -21.23 12.54
N VAL A 428 20.29 -20.74 11.56
CA VAL A 428 19.78 -20.60 10.21
C VAL A 428 19.47 -21.95 9.59
N LYS A 429 20.43 -22.89 9.68
CA LYS A 429 20.23 -24.20 9.05
C LYS A 429 19.05 -24.94 9.66
N GLU A 430 18.93 -24.92 10.98
CA GLU A 430 17.84 -25.66 11.62
C GLU A 430 16.50 -24.99 11.37
N ARG A 431 16.46 -23.66 11.30
CA ARG A 431 15.21 -22.99 10.96
C ARG A 431 14.78 -23.34 9.54
N ARG A 432 15.72 -23.33 8.61
CA ARG A 432 15.39 -23.71 7.24
C ARG A 432 15.10 -25.19 7.09
N ALA A 433 15.54 -26.02 8.03
CA ALA A 433 15.14 -27.42 8.04
C ALA A 433 13.78 -27.64 8.66
N MET A 434 13.37 -26.80 9.61
CA MET A 434 12.07 -26.93 10.26
C MET A 434 10.93 -26.34 9.44
N LYS A 435 11.22 -25.31 8.63
CA LYS A 435 10.19 -24.76 7.77
C LYS A 435 9.65 -25.80 6.79
N ARG A 436 10.55 -26.62 6.23
CA ARG A 436 10.13 -27.68 5.31
C ARG A 436 9.27 -28.73 6.02
N GLU A 437 9.64 -29.08 7.26
CA GLU A 437 8.83 -30.03 8.02
C GLU A 437 7.44 -29.46 8.28
N TYR A 438 7.35 -28.18 8.60
CA TYR A 438 6.04 -27.57 8.80
C TYR A 438 5.22 -27.59 7.51
N GLU A 439 5.85 -27.31 6.38
CA GLU A 439 5.12 -27.35 5.11
C GLU A 439 4.61 -28.76 4.82
N GLU A 440 5.44 -29.78 5.09
CA GLU A 440 5.01 -31.16 4.89
C GLU A 440 3.84 -31.51 5.81
N PHE A 441 3.88 -31.03 7.05
CA PHE A 441 2.76 -31.22 7.97
C PHE A 441 1.48 -30.58 7.44
N LYS A 442 1.61 -29.37 6.87
CA LYS A 442 0.47 -28.72 6.25
C LYS A 442 -0.10 -29.56 5.12
N VAL A 443 0.78 -30.14 4.30
CA VAL A 443 0.33 -31.01 3.21
C VAL A 443 -0.42 -32.22 3.76
N ARG A 444 0.09 -32.82 4.83
CA ARG A 444 -0.58 -33.96 5.43
C ARG A 444 -1.96 -33.59 5.95
N ILE A 445 -2.08 -32.44 6.61
CA ILE A 445 -3.38 -32.01 7.12
C ILE A 445 -4.35 -31.75 5.97
N ASN A 446 -3.88 -31.11 4.90
CA ASN A 446 -4.73 -30.88 3.74
C ASN A 446 -5.17 -32.18 3.09
N ALA A 447 -4.31 -33.20 3.07
CA ALA A 447 -4.70 -34.51 2.58
C ALA A 447 -5.75 -35.17 3.47
N LEU A 448 -5.60 -35.05 4.79
CA LEU A 448 -6.59 -35.62 5.69
C LEU A 448 -7.96 -34.97 5.51
N VAL A 449 -7.99 -33.64 5.34
CA VAL A 449 -9.25 -32.95 5.11
C VAL A 449 -9.90 -33.45 3.83
N ALA A 450 -9.11 -33.58 2.76
CA ALA A 450 -9.64 -34.03 1.48
C ALA A 450 -10.20 -35.44 1.59
N LYS A 451 -9.49 -36.33 2.30
CA LYS A 451 -9.99 -37.69 2.48
C LYS A 451 -11.29 -37.71 3.28
N ALA A 452 -11.36 -36.89 4.33
CA ALA A 452 -12.55 -36.87 5.17
C ALA A 452 -13.73 -36.16 4.51
N GLN A 453 -13.49 -35.41 3.44
CA GLN A 453 -14.57 -34.68 2.79
C GLN A 453 -15.63 -35.59 2.18
N LYS A 454 -15.29 -36.84 1.88
CA LYS A 454 -16.23 -37.78 1.25
C LYS A 454 -16.65 -38.81 2.29
N VAL A 455 -17.95 -38.88 2.55
CA VAL A 455 -18.48 -39.79 3.57
C VAL A 455 -18.66 -41.19 2.97
N PRO A 456 -18.25 -42.24 3.66
CA PRO A 456 -18.49 -43.60 3.17
C PRO A 456 -19.91 -44.05 3.52
N PRO A 457 -20.43 -45.06 2.84
CA PRO A 457 -21.80 -45.50 3.11
C PRO A 457 -21.96 -46.19 4.46
N GLU A 458 -21.19 -47.25 4.69
CA GLU A 458 -21.36 -48.04 5.91
C GLU A 458 -20.92 -47.27 7.15
N GLY A 459 -19.89 -46.45 7.02
CA GLY A 459 -19.39 -45.66 8.13
C GLY A 459 -17.87 -45.58 8.13
N TRP A 460 -17.35 -44.76 9.02
CA TRP A 460 -15.91 -44.57 9.13
C TRP A 460 -15.25 -45.83 9.69
N ILE A 461 -13.96 -45.97 9.40
CA ILE A 461 -13.18 -47.14 9.77
C ILE A 461 -11.92 -46.69 10.49
N MET A 462 -11.67 -47.27 11.67
CA MET A 462 -10.44 -47.01 12.39
C MET A 462 -9.32 -47.93 11.90
N GLN A 463 -8.08 -47.56 12.25
CA GLN A 463 -6.93 -48.29 11.74
C GLN A 463 -6.89 -49.71 12.28
N ASP A 464 -7.27 -49.90 13.54
CA ASP A 464 -7.20 -51.23 14.14
C ASP A 464 -8.18 -52.19 13.47
N GLY A 465 -9.43 -51.76 13.31
CA GLY A 465 -10.43 -52.60 12.69
C GLY A 465 -11.85 -52.26 13.09
N THR A 466 -12.08 -52.05 14.39
CA THR A 466 -13.40 -51.70 14.88
C THR A 466 -13.80 -50.33 14.34
N PRO A 467 -15.05 -50.13 13.96
CA PRO A 467 -15.44 -48.85 13.36
C PRO A 467 -15.41 -47.71 14.37
N TRP A 468 -15.37 -46.51 13.83
CA TRP A 468 -15.35 -45.29 14.65
C TRP A 468 -16.68 -45.18 15.40
N PRO A 469 -16.66 -45.04 16.73
CA PRO A 469 -17.93 -44.92 17.47
C PRO A 469 -18.70 -43.65 17.20
N GLY A 470 -18.14 -42.69 16.48
CA GLY A 470 -18.82 -41.44 16.22
C GLY A 470 -19.54 -41.38 14.89
N ASN A 471 -19.91 -42.54 14.35
CA ASN A 471 -20.61 -42.57 13.07
C ASN A 471 -21.93 -41.82 13.14
N ASN A 472 -22.69 -42.06 14.20
CA ASN A 472 -23.94 -41.33 14.44
C ASN A 472 -23.61 -40.13 15.31
N THR A 473 -23.63 -38.94 14.72
CA THR A 473 -23.22 -37.74 15.43
C THR A 473 -24.11 -37.45 16.64
N LYS A 474 -25.37 -37.88 16.61
CA LYS A 474 -26.33 -37.61 17.67
C LYS A 474 -26.47 -38.77 18.65
N ASP A 475 -25.60 -39.77 18.56
CA ASP A 475 -25.67 -40.91 19.48
C ASP A 475 -24.32 -41.61 19.40
N HIS A 476 -23.46 -41.36 20.38
CA HIS A 476 -22.15 -42.00 20.44
C HIS A 476 -21.73 -42.11 21.89
N PRO A 477 -21.06 -43.18 22.28
CA PRO A 477 -20.64 -43.33 23.67
C PRO A 477 -19.50 -42.38 24.01
N GLY A 478 -19.24 -42.18 25.31
CA GLY A 478 -18.09 -41.40 25.72
C GLY A 478 -16.80 -42.10 25.32
N MET A 479 -15.79 -41.30 24.98
CA MET A 479 -14.51 -41.83 24.52
C MET A 479 -13.40 -40.85 24.84
N ILE A 480 -12.36 -41.32 25.52
CA ILE A 480 -11.21 -40.52 25.88
C ILE A 480 -9.94 -41.27 25.47
N GLN A 481 -8.94 -40.53 25.00
CA GLN A 481 -7.65 -41.14 24.68
C GLN A 481 -6.53 -40.19 25.07
N VAL A 482 -5.34 -40.75 25.25
CA VAL A 482 -4.19 -40.01 25.80
C VAL A 482 -3.03 -40.12 24.84
N PHE A 483 -2.39 -38.98 24.56
CA PHE A 483 -1.19 -38.89 23.75
C PHE A 483 -0.11 -38.13 24.51
N LEU A 484 1.14 -38.34 24.11
CA LEU A 484 2.29 -37.53 24.50
C LEU A 484 2.58 -37.54 25.99
N GLY A 485 1.93 -38.39 26.77
CA GLY A 485 2.16 -38.41 28.21
C GLY A 485 3.48 -39.06 28.56
N GLN A 486 3.58 -39.54 29.81
CA GLN A 486 4.77 -40.29 30.20
C GLN A 486 4.83 -41.63 29.47
N SER A 487 3.67 -42.22 29.17
CA SER A 487 3.66 -43.45 28.40
C SER A 487 4.12 -43.21 26.98
N GLY A 488 3.75 -42.06 26.41
CA GLY A 488 4.16 -41.74 25.06
C GLY A 488 5.66 -41.48 24.95
N GLY A 489 6.15 -41.58 23.72
CA GLY A 489 7.56 -41.41 23.49
C GLY A 489 8.03 -39.99 23.66
N HIS A 490 9.34 -39.85 23.85
CA HIS A 490 9.97 -38.55 24.02
C HIS A 490 10.09 -37.84 22.67
N ASP A 491 10.67 -36.65 22.69
CA ASP A 491 10.83 -35.84 21.48
C ASP A 491 12.16 -36.20 20.82
N THR A 492 12.93 -35.18 20.42
CA THR A 492 14.21 -35.45 19.78
C THR A 492 15.34 -35.48 20.81
N GLU A 493 15.40 -34.48 21.70
CA GLU A 493 16.41 -34.46 22.74
C GLU A 493 16.22 -35.58 23.75
N GLY A 494 14.98 -35.84 24.16
CA GLY A 494 14.69 -36.86 25.14
C GLY A 494 13.72 -36.44 26.23
N ASN A 495 13.29 -35.17 26.25
CA ASN A 495 12.36 -34.70 27.27
C ASN A 495 10.93 -35.02 26.82
N GLU A 496 10.18 -35.71 27.67
CA GLU A 496 8.83 -36.11 27.31
C GLU A 496 7.94 -34.88 27.15
N LEU A 497 6.93 -35.01 26.30
CA LEU A 497 6.01 -33.93 25.98
C LEU A 497 4.95 -33.80 27.04
N PRO A 498 4.29 -32.65 27.12
CA PRO A 498 3.11 -32.53 27.98
C PRO A 498 2.00 -33.46 27.51
N ARG A 499 1.23 -33.96 28.47
CA ARG A 499 0.14 -34.87 28.14
C ARG A 499 -0.93 -34.15 27.33
N LEU A 500 -1.55 -34.88 26.40
CA LEU A 500 -2.58 -34.33 25.54
C LEU A 500 -3.72 -35.35 25.49
N VAL A 501 -4.80 -35.06 26.20
CA VAL A 501 -5.92 -35.97 26.31
C VAL A 501 -7.09 -35.44 25.48
N TYR A 502 -7.65 -36.31 24.63
CA TYR A 502 -8.77 -35.98 23.77
C TYR A 502 -10.01 -36.64 24.33
N VAL A 503 -11.04 -35.84 24.58
CA VAL A 503 -12.26 -36.29 25.25
C VAL A 503 -13.45 -36.07 24.32
N SER A 504 -14.45 -36.94 24.46
CA SER A 504 -15.72 -36.76 23.78
C SER A 504 -16.82 -37.38 24.62
N ARG A 505 -17.66 -36.54 25.22
CA ARG A 505 -18.73 -36.99 26.09
C ARG A 505 -19.82 -37.69 25.29
N GLU A 506 -20.48 -38.65 25.93
CA GLU A 506 -21.60 -39.33 25.28
C GLU A 506 -22.77 -38.36 25.14
N LYS A 507 -23.54 -38.53 24.06
CA LYS A 507 -24.66 -37.66 23.74
C LYS A 507 -25.82 -38.49 23.23
N ARG A 508 -26.47 -39.22 24.13
CA ARG A 508 -27.67 -39.95 23.78
C ARG A 508 -28.79 -38.97 23.43
N PRO A 509 -29.58 -39.27 22.41
CA PRO A 509 -30.72 -38.40 22.09
C PRO A 509 -31.81 -38.50 23.15
N GLY A 510 -32.46 -37.37 23.41
CA GLY A 510 -33.50 -37.29 24.41
C GLY A 510 -33.13 -36.57 25.68
N PHE A 511 -31.91 -36.06 25.80
CA PHE A 511 -31.47 -35.30 26.95
C PHE A 511 -30.99 -33.93 26.51
N LEU A 512 -31.14 -32.95 27.41
CA LEU A 512 -30.76 -31.58 27.10
C LEU A 512 -29.25 -31.44 27.16
N HIS A 513 -28.66 -30.98 26.06
CA HIS A 513 -27.22 -30.76 25.97
C HIS A 513 -26.95 -29.27 25.80
N HIS A 514 -25.98 -28.77 26.54
CA HIS A 514 -25.66 -27.35 26.56
C HIS A 514 -24.48 -27.07 25.64
N LYS A 515 -24.52 -25.92 24.96
CA LYS A 515 -23.61 -25.67 23.84
C LYS A 515 -22.15 -25.63 24.29
N LYS A 516 -21.87 -24.92 25.38
CA LYS A 516 -20.48 -24.74 25.80
C LYS A 516 -20.24 -24.97 27.28
N ALA A 517 -21.18 -24.64 28.16
CA ALA A 517 -20.97 -24.87 29.59
C ALA A 517 -20.87 -26.35 29.90
N GLY A 518 -21.63 -27.19 29.17
CA GLY A 518 -21.59 -28.61 29.42
C GLY A 518 -20.25 -29.24 29.11
N ALA A 519 -19.63 -28.85 27.99
CA ALA A 519 -18.32 -29.39 27.64
C ALA A 519 -17.26 -28.98 28.65
N MET A 520 -17.28 -27.71 29.09
CA MET A 520 -16.34 -27.26 30.10
C MET A 520 -16.56 -27.97 31.43
N ASN A 521 -17.81 -28.20 31.81
CA ASN A 521 -18.09 -28.96 33.03
C ASN A 521 -17.56 -30.39 32.92
N ALA A 522 -17.74 -31.01 31.76
CA ALA A 522 -17.21 -32.35 31.55
C ALA A 522 -15.69 -32.36 31.65
N LEU A 523 -15.03 -31.35 31.07
CA LEU A 523 -13.59 -31.24 31.20
C LEU A 523 -13.16 -31.09 32.65
N VAL A 524 -13.86 -30.23 33.41
CA VAL A 524 -13.52 -30.01 34.81
C VAL A 524 -13.68 -31.30 35.61
N ARG A 525 -14.76 -32.04 35.35
CA ARG A 525 -15.00 -33.28 36.07
C ARG A 525 -14.01 -34.38 35.67
N VAL A 526 -13.57 -34.40 34.41
CA VAL A 526 -12.58 -35.38 33.98
C VAL A 526 -11.22 -35.08 34.60
N SER A 527 -10.85 -33.80 34.65
CA SER A 527 -9.53 -33.44 35.17
C SER A 527 -9.37 -33.87 36.62
N GLY A 528 -10.44 -33.75 37.41
CA GLY A 528 -10.37 -34.16 38.80
C GLY A 528 -10.01 -35.62 38.99
N VAL A 529 -10.38 -36.49 38.05
CA VAL A 529 -10.04 -37.89 38.11
C VAL A 529 -8.69 -38.18 37.48
N LEU A 530 -8.40 -37.56 36.32
CA LEU A 530 -7.15 -37.81 35.64
C LEU A 530 -5.98 -37.15 36.37
N THR A 531 -5.89 -35.82 36.29
CA THR A 531 -4.84 -35.09 37.01
C THR A 531 -5.45 -33.81 37.57
N ASN A 532 -5.44 -33.70 38.89
CA ASN A 532 -6.08 -32.56 39.55
C ASN A 532 -5.11 -31.40 39.67
N ALA A 533 -5.54 -30.22 39.25
CA ALA A 533 -4.70 -29.04 39.32
C ALA A 533 -5.44 -27.90 40.01
N PRO A 534 -4.73 -27.12 40.83
CA PRO A 534 -5.40 -25.99 41.50
C PRO A 534 -5.96 -24.95 40.55
N PHE A 535 -5.32 -24.74 39.41
CA PHE A 535 -5.73 -23.72 38.46
C PHE A 535 -5.97 -24.36 37.09
N MET A 536 -6.64 -23.59 36.22
CA MET A 536 -6.93 -24.09 34.88
C MET A 536 -7.13 -22.90 33.94
N LEU A 537 -6.57 -23.02 32.75
CA LEU A 537 -6.72 -22.00 31.71
C LEU A 537 -7.63 -22.51 30.61
N ASN A 538 -8.38 -21.61 29.98
CA ASN A 538 -9.28 -22.00 28.90
C ASN A 538 -8.98 -21.18 27.67
N LEU A 539 -9.22 -21.75 26.49
CA LEU A 539 -8.92 -21.09 25.23
C LEU A 539 -9.91 -21.51 24.16
N ASP A 540 -10.08 -20.64 23.17
CA ASP A 540 -10.81 -21.00 21.98
C ASP A 540 -9.85 -21.59 20.95
N CYS A 541 -10.42 -22.23 19.93
CA CYS A 541 -9.59 -22.84 18.89
C CYS A 541 -8.79 -21.78 18.13
N ASP A 542 -9.43 -20.65 17.81
CA ASP A 542 -8.77 -19.62 17.01
C ASP A 542 -7.76 -18.79 17.81
N HIS A 543 -7.79 -18.87 19.13
CA HIS A 543 -6.90 -18.09 19.98
C HIS A 543 -5.68 -18.92 20.34
N TYR A 544 -4.50 -18.45 19.93
CA TYR A 544 -3.24 -19.11 20.25
C TYR A 544 -2.51 -18.31 21.32
N ILE A 545 -1.38 -18.86 21.77
CA ILE A 545 -0.59 -18.27 22.85
C ILE A 545 0.58 -17.53 22.21
N ASN A 546 0.61 -16.21 22.40
CA ASN A 546 1.66 -15.38 21.83
C ASN A 546 2.85 -15.24 22.79
N ASN A 547 2.61 -14.76 24.00
CA ASN A 547 3.65 -14.68 25.02
C ASN A 547 3.75 -16.03 25.72
N SER A 548 4.97 -16.55 25.80
CA SER A 548 5.20 -17.91 26.28
C SER A 548 5.23 -18.03 27.79
N LYS A 549 5.08 -16.93 28.52
CA LYS A 549 5.11 -16.95 29.98
C LYS A 549 3.79 -16.51 30.60
N ALA A 550 2.67 -16.67 29.89
CA ALA A 550 1.39 -16.18 30.39
C ALA A 550 0.99 -16.89 31.68
N ALA A 551 1.09 -18.22 31.72
CA ALA A 551 0.79 -18.94 32.94
C ALA A 551 1.79 -18.61 34.04
N ARG A 552 3.08 -18.51 33.67
CA ARG A 552 4.10 -18.10 34.63
C ARG A 552 3.89 -16.69 35.12
N GLU A 553 3.26 -15.83 34.31
CA GLU A 553 2.95 -14.47 34.72
C GLU A 553 1.65 -14.37 35.52
N ALA A 554 0.77 -15.39 35.42
CA ALA A 554 -0.40 -15.46 36.28
C ALA A 554 -0.13 -16.13 37.62
N MET A 555 0.91 -16.95 37.70
CA MET A 555 1.25 -17.57 38.99
C MET A 555 1.79 -16.57 39.99
N CYS A 556 2.41 -15.48 39.55
CA CYS A 556 2.82 -14.44 40.49
C CYS A 556 1.62 -13.82 41.18
N PHE A 557 0.44 -13.88 40.56
CA PHE A 557 -0.79 -13.40 41.17
C PHE A 557 -1.54 -14.47 41.94
N LEU A 558 -1.55 -15.71 41.44
CA LEU A 558 -2.33 -16.78 42.05
C LEU A 558 -1.58 -17.59 43.09
N MET A 559 -0.28 -17.35 43.28
CA MET A 559 0.49 -18.17 44.21
C MET A 559 1.04 -17.38 45.40
N ASP A 560 0.95 -16.06 45.39
CA ASP A 560 1.31 -15.27 46.55
C ASP A 560 0.31 -15.51 47.67
N PRO A 561 0.73 -15.96 48.84
CA PRO A 561 -0.21 -16.06 49.98
C PRO A 561 -0.73 -14.72 50.44
N GLN A 562 -0.05 -13.61 50.11
CA GLN A 562 -0.44 -12.30 50.62
C GLN A 562 -1.58 -11.70 49.80
N ILE A 563 -1.26 -11.20 48.60
CA ILE A 563 -2.24 -10.49 47.79
C ILE A 563 -2.87 -11.40 46.74
N GLY A 564 -2.75 -12.72 46.90
CA GLY A 564 -3.35 -13.65 45.97
C GLY A 564 -4.18 -14.72 46.62
N ARG A 565 -4.29 -14.68 47.95
CA ARG A 565 -5.06 -15.67 48.68
C ARG A 565 -6.56 -15.59 48.41
N LYS A 566 -7.05 -14.44 47.97
CA LYS A 566 -8.49 -14.24 47.79
C LYS A 566 -8.87 -13.89 46.36
N VAL A 567 -8.02 -14.23 45.38
CA VAL A 567 -8.31 -13.97 43.98
C VAL A 567 -8.87 -15.24 43.34
N CYS A 568 -9.97 -15.09 42.60
CA CYS A 568 -10.63 -16.23 42.00
C CYS A 568 -10.23 -16.49 40.55
N TYR A 569 -9.89 -15.46 39.78
CA TYR A 569 -9.35 -15.70 38.44
C TYR A 569 -8.52 -14.50 37.97
N VAL A 570 -7.68 -14.78 36.99
CA VAL A 570 -6.83 -13.78 36.33
C VAL A 570 -7.30 -13.67 34.88
N GLN A 571 -7.54 -12.43 34.43
CA GLN A 571 -8.12 -12.18 33.12
C GLN A 571 -7.17 -11.35 32.27
N PHE A 572 -6.97 -11.77 31.02
CA PHE A 572 -6.16 -11.09 30.02
C PHE A 572 -7.05 -10.45 28.98
N PRO A 573 -6.60 -9.36 28.36
CA PRO A 573 -7.41 -8.72 27.32
C PRO A 573 -7.37 -9.52 26.04
N GLN A 574 -8.43 -9.38 25.25
CA GLN A 574 -8.53 -10.07 23.97
C GLN A 574 -7.84 -9.23 22.89
N ARG A 575 -6.70 -9.71 22.41
CA ARG A 575 -6.00 -9.08 21.30
C ARG A 575 -6.23 -9.90 20.05
N PHE A 576 -6.46 -9.21 18.94
CA PHE A 576 -6.77 -9.83 17.66
C PHE A 576 -5.65 -9.56 16.65
N ASP A 577 -5.51 -10.50 15.72
CA ASP A 577 -4.47 -10.46 14.70
C ASP A 577 -5.09 -10.30 13.32
N GLY A 578 -4.33 -9.70 12.41
CA GLY A 578 -4.80 -9.51 11.05
C GLY A 578 -5.76 -8.35 10.86
N ILE A 579 -5.96 -7.51 11.88
CA ILE A 579 -6.85 -6.38 11.73
C ILE A 579 -6.20 -5.34 10.83
N ASP A 580 -7.02 -4.68 10.01
CA ASP A 580 -6.54 -3.65 9.12
C ASP A 580 -6.18 -2.39 9.89
N ARG A 581 -5.38 -1.53 9.26
CA ARG A 581 -5.04 -0.24 9.86
C ARG A 581 -6.30 0.59 10.07
N HIS A 582 -7.19 0.62 9.09
CA HIS A 582 -8.51 1.23 9.27
C HIS A 582 -9.44 0.26 9.98
N ASP A 583 -10.16 0.77 10.98
CA ASP A 583 -11.13 -0.05 11.71
C ASP A 583 -12.47 0.11 11.01
N ARG A 584 -12.82 -0.87 10.16
CA ARG A 584 -14.01 -0.77 9.35
C ARG A 584 -15.28 -0.81 10.20
N TYR A 585 -15.30 -1.65 11.23
CA TYR A 585 -16.50 -1.84 12.04
C TYR A 585 -16.14 -2.18 13.49
N ALA A 586 -15.18 -1.45 14.06
CA ALA A 586 -14.86 -1.50 15.48
C ALA A 586 -14.52 -2.91 15.95
N ASN A 587 -13.46 -3.48 15.35
CA ASN A 587 -12.98 -4.79 15.76
C ASN A 587 -11.92 -4.72 16.85
N ARG A 588 -11.28 -3.56 17.03
CA ARG A 588 -10.14 -3.48 17.94
C ARG A 588 -10.61 -3.49 19.40
N ASN A 589 -11.77 -2.90 19.67
CA ASN A 589 -12.36 -2.86 21.02
C ASN A 589 -11.42 -2.19 22.02
N THR A 590 -10.86 -1.04 21.65
CA THR A 590 -9.91 -0.36 22.54
C THR A 590 -10.58 0.15 23.80
N VAL A 591 -11.76 0.77 23.66
CA VAL A 591 -12.37 1.47 24.78
C VAL A 591 -12.67 0.51 25.92
N PHE A 592 -13.26 -0.63 25.63
CA PHE A 592 -13.58 -1.62 26.65
C PHE A 592 -12.33 -2.08 27.38
N PHE A 593 -11.48 -2.85 26.69
CA PHE A 593 -10.32 -3.50 27.30
C PHE A 593 -9.28 -2.52 27.81
N ASP A 594 -9.34 -1.25 27.42
CA ASP A 594 -8.33 -0.27 27.82
C ASP A 594 -8.83 0.72 28.88
N ILE A 595 -10.09 1.12 28.83
CA ILE A 595 -10.63 2.09 29.78
C ILE A 595 -11.47 1.36 30.82
N ASN A 596 -12.50 0.66 30.36
CA ASN A 596 -13.51 0.15 31.29
C ASN A 596 -12.92 -0.90 32.23
N MET A 597 -12.23 -1.90 31.68
CA MET A 597 -11.76 -3.00 32.52
C MET A 597 -10.52 -2.59 33.31
N LYS A 598 -9.65 -1.74 32.72
CA LYS A 598 -8.52 -1.24 33.47
C LYS A 598 -8.96 -0.38 34.65
N GLY A 599 -9.96 0.48 34.46
CA GLY A 599 -10.49 1.27 35.55
C GLY A 599 -11.38 0.52 36.51
N LEU A 600 -11.88 -0.63 36.08
CA LEU A 600 -12.71 -1.49 36.93
C LEU A 600 -11.87 -2.49 37.71
N ASP A 601 -10.60 -2.66 37.35
CA ASP A 601 -9.69 -3.53 38.09
C ASP A 601 -9.58 -3.14 39.56
N GLY A 602 -9.78 -1.86 39.89
CA GLY A 602 -9.71 -1.45 41.28
C GLY A 602 -10.80 -2.01 42.16
N ILE A 603 -11.85 -2.58 41.56
CA ILE A 603 -12.98 -3.13 42.30
C ILE A 603 -13.21 -4.59 41.92
N GLN A 604 -12.70 -5.51 42.74
CA GLN A 604 -12.95 -6.95 42.62
C GLN A 604 -12.56 -7.49 41.24
N GLY A 605 -11.78 -6.73 40.48
CA GLY A 605 -11.27 -7.19 39.21
C GLY A 605 -12.33 -7.19 38.12
N PRO A 606 -11.90 -7.48 36.89
CA PRO A 606 -12.80 -7.32 35.73
C PRO A 606 -13.88 -8.37 35.65
N VAL A 607 -14.62 -8.37 34.55
CA VAL A 607 -15.68 -9.34 34.29
C VAL A 607 -15.13 -10.42 33.36
N TYR A 608 -15.54 -11.65 33.59
CA TYR A 608 -15.03 -12.78 32.82
C TYR A 608 -15.56 -12.76 31.39
N VAL A 609 -14.70 -12.40 30.44
CA VAL A 609 -15.03 -12.54 29.03
C VAL A 609 -14.90 -14.00 28.61
N GLY A 610 -15.05 -14.24 27.32
CA GLY A 610 -15.06 -15.60 26.80
C GLY A 610 -13.82 -16.41 27.09
N THR A 611 -12.74 -16.15 26.34
CA THR A 611 -11.54 -16.98 26.39
C THR A 611 -10.36 -16.18 26.90
N GLY A 612 -9.33 -16.90 27.33
CA GLY A 612 -8.12 -16.28 27.83
C GLY A 612 -8.24 -15.83 29.28
N CYS A 613 -8.38 -16.80 30.18
CA CYS A 613 -8.53 -16.50 31.60
C CYS A 613 -8.14 -17.73 32.40
N VAL A 614 -7.46 -17.51 33.53
CA VAL A 614 -7.00 -18.59 34.38
C VAL A 614 -7.84 -18.59 35.65
N PHE A 615 -8.57 -19.69 35.87
CA PHE A 615 -9.46 -19.85 37.01
C PHE A 615 -8.77 -20.68 38.08
N ARG A 616 -9.24 -20.52 39.32
CA ARG A 616 -8.84 -21.35 40.43
C ARG A 616 -9.90 -22.43 40.65
N ARG A 617 -9.47 -23.68 40.74
CA ARG A 617 -10.42 -24.79 40.80
C ARG A 617 -11.31 -24.71 42.02
N GLN A 618 -10.74 -24.39 43.18
CA GLN A 618 -11.51 -24.38 44.42
C GLN A 618 -12.60 -23.31 44.42
N ALA A 619 -12.53 -22.33 43.53
CA ALA A 619 -13.58 -21.33 43.42
C ALA A 619 -14.76 -21.79 42.58
N LEU A 620 -14.53 -22.63 41.56
CA LEU A 620 -15.61 -23.11 40.73
C LEU A 620 -16.54 -24.03 41.51
N TYR A 621 -16.04 -24.70 42.55
CA TYR A 621 -16.85 -25.63 43.33
C TYR A 621 -17.86 -24.93 44.22
N GLY A 622 -17.80 -23.61 44.35
CA GLY A 622 -18.74 -22.86 45.14
C GLY A 622 -18.26 -22.47 46.52
N TYR A 623 -17.05 -22.86 46.89
CA TYR A 623 -16.54 -22.55 48.22
C TYR A 623 -16.17 -21.07 48.34
N GLU A 624 -16.44 -20.51 49.51
CA GLU A 624 -16.07 -19.14 49.82
C GLU A 624 -14.57 -19.04 50.09
N PRO A 625 -14.00 -17.85 49.95
CA PRO A 625 -12.54 -17.70 50.17
C PRO A 625 -12.17 -18.02 51.61
N PRO A 626 -10.94 -18.46 51.85
CA PRO A 626 -10.55 -18.92 53.20
C PRO A 626 -10.42 -17.78 54.20
N LYS A 627 -9.93 -18.11 55.40
CA LYS A 627 -9.73 -17.15 56.49
C LYS A 627 -11.02 -16.42 56.84
N GLY A 628 -12.15 -17.13 56.80
CA GLY A 628 -13.44 -16.55 57.14
C GLY A 628 -13.90 -15.49 56.17
N MET A 675 -22.97 -40.90 55.87
CA MET A 675 -23.39 -39.85 56.78
C MET A 675 -23.13 -38.48 56.14
N SER A 676 -21.86 -38.09 56.09
CA SER A 676 -21.50 -36.83 55.46
C SER A 676 -21.50 -36.92 53.95
N GLN A 677 -21.23 -38.11 53.39
CA GLN A 677 -21.08 -38.27 51.95
C GLN A 677 -22.33 -37.86 51.17
N MET A 678 -23.50 -37.88 51.83
CA MET A 678 -24.75 -37.59 51.13
C MET A 678 -24.81 -36.16 50.61
N ASN A 679 -24.35 -35.20 51.40
CA ASN A 679 -24.42 -33.82 50.95
C ASN A 679 -23.47 -33.59 49.78
N PHE A 680 -22.31 -34.26 49.80
CA PHE A 680 -21.41 -34.23 48.67
C PHE A 680 -22.07 -34.82 47.43
N GLU A 681 -22.83 -35.91 47.61
CA GLU A 681 -23.49 -36.52 46.47
C GLU A 681 -24.59 -35.63 45.88
N LYS A 682 -25.35 -34.93 46.73
CA LYS A 682 -26.23 -33.90 46.17
C LYS A 682 -25.45 -32.77 45.51
N LYS A 683 -24.34 -32.33 46.09
CA LYS A 683 -23.65 -31.15 45.59
C LYS A 683 -23.08 -31.38 44.21
N PHE A 684 -22.43 -32.52 44.00
CA PHE A 684 -21.81 -32.81 42.71
C PHE A 684 -21.56 -34.31 42.58
N GLY A 685 -22.31 -34.94 41.68
CA GLY A 685 -22.11 -36.32 41.28
C GLY A 685 -22.29 -37.36 42.37
N GLN A 686 -22.43 -38.62 41.96
CA GLN A 686 -22.38 -39.76 42.88
C GLN A 686 -21.11 -40.58 42.70
N SER A 687 -20.11 -40.02 42.04
CA SER A 687 -18.83 -40.69 41.83
C SER A 687 -17.95 -40.45 43.04
N ALA A 688 -17.65 -41.51 43.79
CA ALA A 688 -16.87 -41.36 45.02
C ALA A 688 -15.46 -40.88 44.73
N ILE A 689 -14.85 -41.37 43.64
CA ILE A 689 -13.46 -41.02 43.34
C ILE A 689 -13.33 -39.52 43.08
N PHE A 690 -14.22 -38.97 42.27
CA PHE A 690 -14.14 -37.54 41.95
C PHE A 690 -14.46 -36.69 43.16
N VAL A 691 -15.43 -37.12 43.97
CA VAL A 691 -15.75 -36.40 45.20
C VAL A 691 -14.55 -36.35 46.13
N THR A 692 -13.87 -37.48 46.30
CA THR A 692 -12.64 -37.50 47.09
C THR A 692 -11.56 -36.63 46.48
N SER A 693 -11.44 -36.62 45.16
CA SER A 693 -10.46 -35.81 44.46
C SER A 693 -10.69 -34.31 44.63
N THR A 694 -11.92 -33.90 44.92
CA THR A 694 -12.21 -32.49 45.17
C THR A 694 -11.88 -32.04 46.59
N LEU A 695 -11.86 -32.95 47.56
CA LEU A 695 -11.59 -32.58 48.95
C LEU A 695 -10.13 -32.25 49.20
N MET A 696 -9.25 -32.48 48.22
CA MET A 696 -7.84 -32.13 48.36
C MET A 696 -7.71 -30.63 48.18
N ASP A 697 -7.06 -29.97 49.14
CA ASP A 697 -7.02 -28.50 49.14
C ASP A 697 -6.30 -27.95 47.92
N GLN A 698 -5.14 -28.51 47.57
CA GLN A 698 -4.37 -28.02 46.43
C GLN A 698 -3.70 -29.19 45.75
N GLY A 699 -4.17 -29.54 44.56
CA GLY A 699 -3.54 -30.58 43.78
C GLY A 699 -3.73 -31.97 44.35
N GLY A 700 -2.98 -32.90 43.79
CA GLY A 700 -3.00 -34.28 44.23
C GLY A 700 -4.17 -35.06 43.63
N VAL A 701 -4.01 -36.38 43.63
CA VAL A 701 -5.03 -37.27 43.07
C VAL A 701 -5.40 -38.29 44.13
N PRO A 702 -6.59 -38.88 44.04
CA PRO A 702 -7.01 -39.88 45.02
C PRO A 702 -6.05 -41.06 45.04
N PRO A 703 -5.87 -41.71 46.21
CA PRO A 703 -4.83 -42.72 46.36
C PRO A 703 -5.05 -44.00 45.56
N SER A 704 -5.96 -44.02 44.59
CA SER A 704 -6.11 -45.20 43.74
C SER A 704 -4.83 -45.45 42.95
N SER A 705 -4.23 -44.40 42.39
CA SER A 705 -2.93 -44.45 41.73
C SER A 705 -2.94 -45.30 40.46
N SER A 706 -3.55 -46.48 40.52
CA SER A 706 -3.57 -47.38 39.39
C SER A 706 -4.30 -46.75 38.21
N PRO A 707 -3.67 -46.65 37.03
CA PRO A 707 -4.35 -46.00 35.89
C PRO A 707 -5.61 -46.71 35.43
N ALA A 708 -5.77 -48.00 35.74
CA ALA A 708 -6.93 -48.73 35.27
C ALA A 708 -8.22 -48.15 35.82
N ALA A 709 -8.29 -47.94 37.14
CA ALA A 709 -9.51 -47.41 37.75
C ALA A 709 -9.79 -45.99 37.26
N LEU A 710 -8.76 -45.16 37.17
CA LEU A 710 -8.95 -43.78 36.74
C LEU A 710 -9.45 -43.72 35.30
N LEU A 711 -8.84 -44.50 34.41
CA LEU A 711 -9.22 -44.50 33.00
C LEU A 711 -10.52 -45.24 32.75
N LYS A 712 -10.98 -46.06 33.69
CA LYS A 712 -12.30 -46.68 33.58
C LYS A 712 -13.40 -45.87 34.23
N GLU A 713 -13.05 -44.95 35.12
CA GLU A 713 -14.04 -44.11 35.80
C GLU A 713 -14.21 -42.74 35.17
N ALA A 714 -13.15 -42.17 34.58
CA ALA A 714 -13.28 -40.89 33.88
C ALA A 714 -14.23 -40.98 32.70
N ILE A 715 -14.45 -42.18 32.15
CA ILE A 715 -15.47 -42.38 31.13
C ILE A 715 -16.86 -42.50 31.75
N HIS A 716 -16.95 -42.89 33.02
CA HIS A 716 -18.22 -42.87 33.74
C HIS A 716 -18.62 -41.45 34.13
N VAL A 717 -17.64 -40.58 34.37
CA VAL A 717 -17.93 -39.21 34.80
C VAL A 717 -18.61 -38.39 33.71
N ILE A 718 -18.38 -38.71 32.43
CA ILE A 718 -18.98 -37.99 31.32
C ILE A 718 -20.24 -38.69 30.80
N SER A 719 -20.98 -39.34 31.68
CA SER A 719 -22.23 -39.97 31.28
C SER A 719 -23.28 -38.89 30.99
N CYS A 720 -24.36 -39.29 30.31
CA CYS A 720 -25.41 -38.36 29.91
C CYS A 720 -26.38 -38.03 31.02
N GLY A 721 -26.38 -38.78 32.13
CA GLY A 721 -27.29 -38.53 33.22
C GLY A 721 -26.60 -38.14 34.51
N TYR A 722 -25.35 -37.70 34.40
CA TYR A 722 -24.57 -37.35 35.59
C TYR A 722 -25.16 -36.12 36.27
N GLU A 723 -25.40 -35.05 35.51
CA GLU A 723 -25.90 -33.79 36.07
C GLU A 723 -27.43 -33.82 36.11
N ASP A 724 -27.94 -34.50 37.12
CA ASP A 724 -29.39 -34.60 37.30
C ASP A 724 -29.78 -34.07 38.68
N LYS A 725 -29.59 -34.88 39.72
CA LYS A 725 -29.94 -34.47 41.07
C LYS A 725 -28.79 -33.71 41.72
N THR A 726 -27.99 -33.03 40.91
CA THR A 726 -26.83 -32.30 41.41
C THR A 726 -26.97 -30.81 41.16
N GLU A 727 -25.93 -30.05 41.50
CA GLU A 727 -25.94 -28.60 41.37
C GLU A 727 -25.09 -28.09 40.21
N TRP A 728 -24.61 -28.98 39.35
CA TRP A 728 -23.79 -28.55 38.23
C TRP A 728 -24.58 -27.65 37.28
N GLY A 729 -24.01 -26.50 36.94
CA GLY A 729 -24.64 -25.56 36.04
C GLY A 729 -25.58 -24.59 36.69
N SER A 730 -26.01 -24.84 37.93
CA SER A 730 -26.87 -23.92 38.66
C SER A 730 -26.15 -23.23 39.82
N GLU A 731 -25.14 -23.87 40.41
CA GLU A 731 -24.33 -23.24 41.45
C GLU A 731 -22.83 -23.51 41.33
N LEU A 732 -22.41 -24.53 40.60
CA LEU A 732 -21.01 -24.88 40.43
C LEU A 732 -20.61 -24.78 38.97
N GLY A 733 -19.30 -24.78 38.74
CA GLY A 733 -18.76 -24.78 37.39
C GLY A 733 -19.21 -23.58 36.60
N TRP A 734 -19.68 -23.84 35.38
CA TRP A 734 -20.12 -22.80 34.47
C TRP A 734 -21.64 -22.75 34.48
N ILE A 735 -22.19 -21.56 34.74
CA ILE A 735 -23.63 -21.44 34.98
C ILE A 735 -24.38 -21.69 33.67
N TYR A 736 -25.37 -22.58 33.74
CA TYR A 736 -26.19 -22.90 32.57
C TYR A 736 -27.12 -21.74 32.24
N GLY A 737 -26.58 -20.68 31.64
CA GLY A 737 -27.40 -19.54 31.26
C GLY A 737 -28.22 -19.80 30.01
N SER A 738 -28.25 -18.84 29.10
CA SER A 738 -29.02 -18.99 27.87
C SER A 738 -28.10 -19.20 26.68
N ILE A 739 -27.57 -18.11 26.13
CA ILE A 739 -26.70 -18.15 24.96
C ILE A 739 -25.24 -17.91 25.35
N THR A 740 -25.00 -16.87 26.15
CA THR A 740 -23.67 -16.58 26.66
C THR A 740 -23.65 -16.84 28.16
N GLU A 741 -22.69 -17.65 28.62
CA GLU A 741 -22.65 -18.08 30.02
C GLU A 741 -21.41 -17.57 30.75
N ASP A 742 -20.57 -16.77 30.09
CA ASP A 742 -19.34 -16.31 30.73
C ASP A 742 -19.63 -15.30 31.84
N ILE A 743 -20.50 -14.32 31.55
CA ILE A 743 -20.76 -13.25 32.50
C ILE A 743 -21.41 -13.80 33.77
N LEU A 744 -22.39 -14.69 33.61
CA LEU A 744 -23.01 -15.31 34.77
C LEU A 744 -22.02 -16.15 35.56
N THR A 745 -21.12 -16.85 34.86
CA THR A 745 -20.11 -17.65 35.54
C THR A 745 -19.21 -16.76 36.41
N GLY A 746 -18.77 -15.63 35.88
CA GLY A 746 -17.95 -14.72 36.67
C GLY A 746 -18.73 -14.08 37.81
N PHE A 747 -19.98 -13.69 37.54
CA PHE A 747 -20.76 -12.97 38.54
C PHE A 747 -21.18 -13.89 39.70
N LYS A 748 -21.38 -15.18 39.43
CA LYS A 748 -21.75 -16.09 40.51
C LYS A 748 -20.68 -16.16 41.59
N MET A 749 -19.41 -16.07 41.21
CA MET A 749 -18.32 -16.07 42.16
C MET A 749 -17.93 -14.67 42.65
N HIS A 750 -18.20 -13.63 41.87
CA HIS A 750 -18.03 -12.29 42.41
C HIS A 750 -19.06 -11.98 43.48
N CYS A 751 -20.27 -12.55 43.38
CA CYS A 751 -21.30 -12.38 44.39
C CYS A 751 -20.85 -12.88 45.76
N ARG A 752 -19.94 -13.84 45.81
CA ARG A 752 -19.35 -14.27 47.06
C ARG A 752 -18.26 -13.29 47.48
N GLY A 753 -17.28 -13.76 48.25
CA GLY A 753 -16.23 -12.88 48.72
C GLY A 753 -14.97 -12.91 47.87
N TRP A 754 -15.10 -13.40 46.64
CA TRP A 754 -13.94 -13.60 45.78
C TRP A 754 -13.58 -12.33 45.02
N ARG A 755 -12.28 -12.15 44.82
CA ARG A 755 -11.74 -11.12 43.95
C ARG A 755 -11.27 -11.74 42.63
N SER A 756 -11.20 -10.93 41.59
CA SER A 756 -10.54 -11.30 40.36
C SER A 756 -9.50 -10.23 40.06
N ILE A 757 -8.65 -10.48 39.07
CA ILE A 757 -7.55 -9.57 38.81
C ILE A 757 -7.27 -9.53 37.32
N TYR A 758 -6.91 -8.35 36.82
CA TYR A 758 -6.68 -8.07 35.41
C TYR A 758 -5.18 -7.96 35.15
N CYS A 759 -4.77 -8.41 33.96
CA CYS A 759 -3.36 -8.48 33.62
C CYS A 759 -3.12 -7.99 32.21
N MET A 760 -2.11 -7.13 32.04
CA MET A 760 -1.68 -6.63 30.73
C MET A 760 -0.19 -6.87 30.55
N PRO A 761 0.21 -8.01 30.01
CA PRO A 761 1.62 -8.21 29.69
C PRO A 761 2.04 -7.28 28.56
N LYS A 762 3.32 -6.87 28.60
CA LYS A 762 3.84 -6.03 27.52
C LYS A 762 3.78 -6.75 26.18
N LEU A 763 4.19 -8.02 26.16
CA LEU A 763 3.98 -8.87 25.00
C LEU A 763 2.61 -9.51 25.15
N PRO A 764 1.68 -9.29 24.23
CA PRO A 764 0.32 -9.81 24.43
C PRO A 764 0.32 -11.32 24.65
N ALA A 765 -0.49 -11.77 25.61
CA ALA A 765 -0.46 -13.16 26.02
C ALA A 765 -1.14 -14.05 24.99
N PHE A 766 -2.38 -13.72 24.61
CA PHE A 766 -3.14 -14.53 23.68
C PHE A 766 -3.64 -13.65 22.54
N LYS A 767 -3.36 -14.07 21.31
CA LYS A 767 -3.84 -13.40 20.11
C LYS A 767 -4.78 -14.33 19.37
N GLY A 768 -5.91 -13.78 18.90
CA GLY A 768 -6.90 -14.58 18.22
C GLY A 768 -7.29 -13.95 16.90
N SER A 769 -7.84 -14.80 16.02
CA SER A 769 -8.28 -14.33 14.71
C SER A 769 -9.51 -13.43 14.86
N ALA A 770 -9.67 -12.55 13.89
CA ALA A 770 -10.75 -11.57 13.88
C ALA A 770 -11.82 -11.98 12.88
N PRO A 771 -13.07 -11.54 13.09
CA PRO A 771 -14.12 -11.81 12.11
C PRO A 771 -13.79 -11.20 10.75
N ILE A 772 -14.22 -11.89 9.70
CA ILE A 772 -13.81 -11.51 8.36
C ILE A 772 -14.66 -10.37 7.81
N ASN A 773 -15.99 -10.56 7.79
CA ASN A 773 -16.90 -9.61 7.17
C ASN A 773 -17.84 -9.02 8.21
N LEU A 774 -18.62 -8.03 7.77
CA LEU A 774 -19.50 -7.30 8.69
C LEU A 774 -20.75 -8.09 9.05
N SER A 775 -21.12 -9.07 8.24
CA SER A 775 -22.30 -9.88 8.56
C SER A 775 -22.07 -10.69 9.83
N ASP A 776 -20.89 -11.30 9.96
CA ASP A 776 -20.55 -12.01 11.19
C ASP A 776 -20.47 -11.04 12.36
N ARG A 777 -20.00 -9.82 12.11
CA ARG A 777 -19.95 -8.79 13.14
C ARG A 777 -21.35 -8.49 13.68
N LEU A 778 -22.32 -8.29 12.78
CA LEU A 778 -23.68 -7.98 13.19
C LEU A 778 -24.34 -9.16 13.88
N ASN A 779 -24.13 -10.38 13.37
CA ASN A 779 -24.63 -11.55 14.07
C ASN A 779 -24.03 -11.65 15.47
N GLN A 780 -22.75 -11.30 15.60
CA GLN A 780 -22.06 -11.37 16.89
C GLN A 780 -22.64 -10.38 17.89
N VAL A 781 -22.87 -9.13 17.45
CA VAL A 781 -23.44 -8.15 18.38
C VAL A 781 -24.87 -8.52 18.73
N LEU A 782 -25.61 -9.09 17.76
CA LEU A 782 -26.96 -9.55 18.08
C LEU A 782 -26.93 -10.65 19.14
N ARG A 783 -26.01 -11.60 19.00
CA ARG A 783 -25.91 -12.70 19.96
C ARG A 783 -25.53 -12.18 21.35
N TRP A 784 -24.55 -11.29 21.43
CA TRP A 784 -24.17 -10.73 22.74
C TRP A 784 -25.33 -9.96 23.36
N ALA A 785 -26.00 -9.12 22.57
CA ALA A 785 -27.10 -8.32 23.12
C ALA A 785 -28.24 -9.20 23.58
N LEU A 786 -28.56 -10.25 22.82
CA LEU A 786 -29.63 -11.16 23.23
C LEU A 786 -29.26 -11.93 24.48
N GLY A 787 -28.00 -12.35 24.60
CA GLY A 787 -27.56 -12.98 25.83
C GLY A 787 -27.74 -12.06 27.03
N SER A 788 -27.36 -10.79 26.88
CA SER A 788 -27.55 -9.84 27.96
C SER A 788 -29.02 -9.64 28.28
N VAL A 789 -29.86 -9.56 27.25
CA VAL A 789 -31.30 -9.36 27.47
C VAL A 789 -31.88 -10.53 28.26
N GLU A 790 -31.52 -11.76 27.88
CA GLU A 790 -32.03 -12.92 28.61
C GLU A 790 -31.44 -13.01 30.01
N ILE A 791 -30.22 -12.50 30.22
CA ILE A 791 -29.68 -12.41 31.57
C ILE A 791 -30.51 -11.45 32.41
N PHE A 792 -31.01 -10.37 31.80
CA PHE A 792 -31.81 -9.39 32.53
C PHE A 792 -33.20 -9.92 32.89
N PHE A 793 -33.40 -11.24 32.86
CA PHE A 793 -34.74 -11.77 33.08
C PHE A 793 -34.78 -12.99 33.99
N SER A 794 -33.69 -13.41 34.59
CA SER A 794 -33.66 -14.58 35.45
C SER A 794 -33.41 -14.18 36.89
N ARG A 795 -33.31 -15.18 37.77
CA ARG A 795 -32.99 -14.92 39.16
C ARG A 795 -31.54 -14.50 39.37
N HIS A 796 -30.69 -14.71 38.37
CA HIS A 796 -29.29 -14.32 38.44
C HIS A 796 -29.05 -12.89 37.99
N CYS A 797 -30.11 -12.09 37.83
CA CYS A 797 -29.95 -10.73 37.33
C CYS A 797 -29.14 -9.90 38.32
N PRO A 798 -28.16 -9.13 37.85
CA PRO A 798 -27.34 -8.34 38.78
C PRO A 798 -28.10 -7.28 39.55
N ALA A 799 -29.30 -6.90 39.09
CA ALA A 799 -30.02 -5.79 39.73
C ALA A 799 -30.43 -6.14 41.16
N TRP A 800 -30.92 -7.37 41.40
CA TRP A 800 -31.39 -7.72 42.72
C TRP A 800 -30.91 -9.10 43.19
N TYR A 801 -29.79 -9.59 42.65
CA TYR A 801 -29.25 -10.87 43.10
C TYR A 801 -28.40 -10.65 44.34
N GLY A 802 -28.80 -11.28 45.44
CA GLY A 802 -28.01 -11.27 46.66
C GLY A 802 -27.81 -9.89 47.26
N LEU A 803 -28.89 -9.09 47.31
CA LEU A 803 -28.80 -7.79 47.98
C LEU A 803 -28.47 -7.97 49.46
N LYS A 804 -29.13 -8.92 50.12
CA LYS A 804 -28.74 -9.31 51.46
C LYS A 804 -27.58 -10.29 51.41
N GLY A 805 -26.72 -10.21 52.42
CA GLY A 805 -25.50 -11.00 52.43
C GLY A 805 -24.33 -10.20 51.90
N ALA A 806 -24.61 -9.28 50.97
CA ALA A 806 -23.64 -8.33 50.42
C ALA A 806 -22.52 -9.12 49.75
N LYS A 807 -21.26 -9.01 50.22
CA LYS A 807 -20.09 -9.67 49.66
C LYS A 807 -19.74 -9.14 48.27
N LEU A 808 -20.65 -8.39 47.64
CA LEU A 808 -20.39 -7.75 46.36
C LEU A 808 -20.42 -6.24 46.55
N ARG A 809 -19.36 -5.57 46.13
CA ARG A 809 -19.28 -4.12 46.27
C ARG A 809 -20.25 -3.44 45.30
N TRP A 810 -20.71 -2.25 45.69
CA TRP A 810 -21.77 -1.57 44.94
C TRP A 810 -21.31 -1.17 43.55
N LEU A 811 -20.05 -0.73 43.41
CA LEU A 811 -19.55 -0.30 42.12
C LEU A 811 -19.53 -1.45 41.12
N GLU A 812 -19.17 -2.65 41.57
CA GLU A 812 -19.25 -3.82 40.71
C GLU A 812 -20.70 -4.12 40.32
N ARG A 813 -21.64 -3.91 41.23
CA ARG A 813 -23.05 -4.07 40.87
C ARG A 813 -23.46 -3.09 39.78
N PHE A 814 -23.01 -1.84 39.89
CA PHE A 814 -23.29 -0.86 38.85
C PHE A 814 -22.66 -1.28 37.51
N ALA A 815 -21.44 -1.81 37.55
CA ALA A 815 -20.80 -2.27 36.32
C ALA A 815 -21.58 -3.41 35.69
N TYR A 816 -22.03 -4.37 36.49
CA TYR A 816 -22.82 -5.48 35.97
C TYR A 816 -24.16 -4.99 35.42
N VAL A 817 -24.79 -4.03 36.10
CA VAL A 817 -26.04 -3.45 35.62
C VAL A 817 -25.83 -2.76 34.27
N ASN A 818 -24.71 -2.04 34.11
CA ASN A 818 -24.37 -1.47 32.81
C ASN A 818 -24.23 -2.56 31.76
N THR A 819 -23.44 -3.58 32.05
CA THR A 819 -23.18 -4.66 31.11
C THR A 819 -24.45 -5.44 30.79
N THR A 820 -25.48 -5.32 31.63
CA THR A 820 -26.75 -6.00 31.41
C THR A 820 -27.74 -5.15 30.62
N ILE A 821 -27.86 -3.86 30.96
CA ILE A 821 -28.89 -3.01 30.39
C ILE A 821 -28.35 -2.10 29.28
N TYR A 822 -27.16 -2.37 28.78
CA TYR A 822 -26.66 -1.60 27.65
C TYR A 822 -27.54 -1.68 26.40
N PRO A 823 -28.09 -2.84 25.99
CA PRO A 823 -28.93 -2.83 24.78
C PRO A 823 -30.18 -1.97 24.90
N PHE A 824 -30.79 -1.88 26.09
CA PHE A 824 -32.06 -1.18 26.24
C PHE A 824 -31.94 0.32 25.96
N THR A 825 -30.73 0.89 26.04
CA THR A 825 -30.55 2.29 25.72
C THR A 825 -30.90 2.58 24.26
N SER A 826 -30.96 1.56 23.41
CA SER A 826 -31.38 1.71 22.03
C SER A 826 -32.88 1.96 21.88
N LEU A 827 -33.66 1.77 22.93
CA LEU A 827 -35.10 2.02 22.81
C LEU A 827 -35.36 3.53 22.78
N PRO A 828 -34.96 4.30 23.80
CA PRO A 828 -35.14 5.76 23.68
C PRO A 828 -34.34 6.36 22.55
N LEU A 829 -33.17 5.77 22.24
CA LEU A 829 -32.26 6.36 21.26
C LEU A 829 -32.96 6.61 19.92
N LEU A 830 -33.68 5.60 19.44
CA LEU A 830 -34.41 5.74 18.18
C LEU A 830 -35.31 6.97 18.22
N ALA A 831 -36.09 7.11 19.30
CA ALA A 831 -36.96 8.27 19.44
C ALA A 831 -36.14 9.56 19.36
N TYR A 832 -35.04 9.62 20.10
CA TYR A 832 -34.23 10.82 20.10
C TYR A 832 -33.53 11.04 18.77
N CYS A 833 -33.39 9.99 17.97
CA CYS A 833 -32.83 10.15 16.63
C CYS A 833 -33.86 10.73 15.67
N THR A 834 -35.14 10.47 15.91
CA THR A 834 -36.19 10.93 15.00
C THR A 834 -36.83 12.24 15.43
N LEU A 835 -36.82 12.54 16.73
CA LEU A 835 -37.55 13.70 17.25
C LEU A 835 -37.15 15.03 16.63
N PRO A 836 -35.85 15.34 16.41
CA PRO A 836 -35.53 16.58 15.69
C PRO A 836 -36.22 16.69 14.35
N ALA A 837 -36.00 15.74 13.45
CA ALA A 837 -36.67 15.77 12.15
C ALA A 837 -38.19 15.84 12.32
N ILE A 838 -38.73 15.12 13.31
CA ILE A 838 -40.16 15.14 13.55
C ILE A 838 -40.65 16.56 13.79
N CYS A 839 -39.93 17.33 14.61
CA CYS A 839 -40.35 18.71 14.81
C CYS A 839 -39.96 19.59 13.62
N LEU A 840 -38.93 19.19 12.88
CA LEU A 840 -38.45 20.00 11.76
C LEU A 840 -39.46 20.02 10.62
N LEU A 841 -40.22 18.92 10.46
CA LEU A 841 -41.20 18.86 9.38
C LEU A 841 -42.38 19.80 9.60
N THR A 842 -42.61 20.25 10.83
CA THR A 842 -43.77 21.11 11.08
C THR A 842 -43.58 22.08 12.25
N ASP A 843 -43.37 21.58 13.47
CA ASP A 843 -43.36 22.47 14.64
C ASP A 843 -42.08 23.29 14.70
N LYS A 844 -40.93 22.66 14.49
CA LYS A 844 -39.63 23.32 14.53
C LYS A 844 -39.36 23.98 15.88
N PHE A 845 -39.81 23.33 16.96
CA PHE A 845 -39.44 23.76 18.30
C PHE A 845 -39.41 22.54 19.21
N ILE A 846 -38.64 22.67 20.29
CA ILE A 846 -38.53 21.62 21.30
C ILE A 846 -38.73 22.25 22.67
N MET A 847 -38.03 23.36 22.91
CA MET A 847 -38.17 24.11 24.16
C MET A 847 -38.15 25.60 23.81
N PRO A 848 -38.79 26.45 24.62
CA PRO A 848 -38.66 27.89 24.41
C PRO A 848 -37.22 28.34 24.56
N PRO A 849 -36.75 29.25 23.71
CA PRO A 849 -35.34 29.67 23.78
C PRO A 849 -35.12 30.92 24.61
N ILE A 850 -34.24 30.84 25.59
CA ILE A 850 -33.82 32.00 26.37
C ILE A 850 -32.29 32.00 26.41
N SER A 851 -31.68 33.05 25.86
CA SER A 851 -30.23 33.12 25.77
C SER A 851 -29.58 33.46 27.11
N THR A 852 -30.27 34.25 27.95
CA THR A 852 -29.67 34.69 29.20
C THR A 852 -29.42 33.52 30.15
N PHE A 853 -30.37 32.59 30.24
CA PHE A 853 -30.31 31.50 31.21
C PHE A 853 -29.82 30.19 30.61
N ALA A 854 -30.51 29.70 29.58
CA ALA A 854 -30.29 28.32 29.13
C ALA A 854 -29.00 28.17 28.31
N SER A 855 -28.60 29.22 27.58
CA SER A 855 -27.49 29.08 26.65
C SER A 855 -26.18 28.75 27.36
N LEU A 856 -25.93 29.36 28.52
CA LEU A 856 -24.69 29.14 29.23
C LEU A 856 -24.52 27.67 29.63
N PHE A 857 -25.53 27.10 30.29
CA PHE A 857 -25.46 25.70 30.67
C PHE A 857 -25.49 24.79 29.46
N PHE A 858 -26.20 25.20 28.40
CA PHE A 858 -26.24 24.40 27.18
C PHE A 858 -24.84 24.25 26.58
N ILE A 859 -24.08 25.34 26.54
CA ILE A 859 -22.70 25.26 26.06
C ILE A 859 -21.82 24.52 27.05
N ALA A 860 -22.03 24.75 28.35
CA ALA A 860 -21.19 24.13 29.37
C ALA A 860 -21.31 22.62 29.37
N LEU A 861 -22.48 22.09 29.01
CA LEU A 861 -22.64 20.64 28.93
C LEU A 861 -21.69 20.04 27.90
N PHE A 862 -21.69 20.61 26.69
CA PHE A 862 -20.78 20.13 25.64
C PHE A 862 -19.33 20.34 26.02
N LEU A 863 -19.02 21.48 26.66
CA LEU A 863 -17.64 21.72 27.10
C LEU A 863 -17.19 20.68 28.12
N SER A 864 -18.06 20.34 29.08
CA SER A 864 -17.73 19.32 30.07
C SER A 864 -17.52 17.96 29.41
N ILE A 865 -18.37 17.62 28.44
CA ILE A 865 -18.21 16.33 27.75
C ILE A 865 -16.89 16.29 26.99
N PHE A 866 -16.54 17.38 26.30
CA PHE A 866 -15.29 17.43 25.57
C PHE A 866 -14.09 17.31 26.49
N ALA A 867 -14.13 18.03 27.63
CA ALA A 867 -13.04 17.93 28.60
C ALA A 867 -12.95 16.51 29.16
N THR A 868 -14.10 15.86 29.37
CA THR A 868 -14.11 14.49 29.83
C THR A 868 -13.40 13.57 28.84
N GLY A 869 -13.72 13.71 27.55
CA GLY A 869 -13.07 12.89 26.54
C GLY A 869 -11.57 13.15 26.46
N ILE A 870 -11.17 14.43 26.53
CA ILE A 870 -9.75 14.76 26.47
C ILE A 870 -9.01 14.13 27.65
N LEU A 871 -9.59 14.22 28.84
CA LEU A 871 -8.93 13.65 30.01
C LEU A 871 -8.98 12.13 30.00
N GLU A 872 -10.00 11.53 29.38
CA GLU A 872 -9.99 10.09 29.15
C GLU A 872 -8.77 9.69 28.33
N LEU A 873 -8.57 10.35 27.19
CA LEU A 873 -7.45 9.98 26.33
C LEU A 873 -6.10 10.45 26.88
N ARG A 874 -6.10 11.33 27.87
CA ARG A 874 -4.85 11.72 28.50
C ARG A 874 -4.18 10.55 29.20
N TRP A 875 -4.93 9.78 29.99
CA TRP A 875 -4.37 8.68 30.76
C TRP A 875 -4.63 7.31 30.17
N SER A 876 -5.64 7.17 29.30
CA SER A 876 -5.93 5.85 28.74
C SER A 876 -4.93 5.44 27.67
N GLY A 877 -4.45 6.39 26.88
CA GLY A 877 -3.60 6.07 25.74
C GLY A 877 -4.35 5.67 24.49
N VAL A 878 -5.68 5.66 24.53
CA VAL A 878 -6.47 5.35 23.34
C VAL A 878 -6.36 6.50 22.34
N SER A 879 -6.12 6.15 21.08
CA SER A 879 -5.99 7.17 20.05
C SER A 879 -7.32 7.87 19.81
N ILE A 880 -7.23 9.08 19.22
CA ILE A 880 -8.42 9.86 18.92
C ILE A 880 -9.31 9.11 17.93
N GLU A 881 -8.70 8.54 16.89
CA GLU A 881 -9.46 7.87 15.85
C GLU A 881 -10.24 6.69 16.41
N GLU A 882 -9.60 5.88 17.25
CA GLU A 882 -10.29 4.75 17.86
C GLU A 882 -11.40 5.23 18.80
N TRP A 883 -11.13 6.31 19.53
CA TRP A 883 -12.16 6.87 20.41
C TRP A 883 -13.41 7.24 19.64
N TRP A 884 -13.26 7.97 18.53
CA TRP A 884 -14.46 8.34 17.79
C TRP A 884 -15.06 7.16 17.04
N ARG A 885 -14.24 6.19 16.63
CA ARG A 885 -14.78 4.99 16.01
C ARG A 885 -15.75 4.30 16.97
N ASN A 886 -15.32 4.11 18.22
CA ASN A 886 -16.21 3.52 19.22
C ASN A 886 -17.40 4.43 19.50
N GLU A 887 -17.17 5.75 19.57
CA GLU A 887 -18.25 6.67 19.92
C GLU A 887 -19.37 6.66 18.88
N GLN A 888 -19.01 6.62 17.59
CA GLN A 888 -20.03 6.54 16.55
C GLN A 888 -20.60 5.13 16.41
N PHE A 889 -19.78 4.10 16.58
CA PHE A 889 -20.31 2.74 16.54
C PHE A 889 -21.29 2.48 17.65
N TRP A 890 -21.21 3.21 18.76
CA TRP A 890 -22.26 3.18 19.78
C TRP A 890 -23.63 3.27 19.11
N VAL A 891 -23.95 4.43 18.54
CA VAL A 891 -25.25 4.63 17.90
C VAL A 891 -25.43 3.67 16.72
N ILE A 892 -24.37 3.50 15.92
CA ILE A 892 -24.50 2.72 14.68
C ILE A 892 -24.96 1.29 14.98
N GLY A 893 -24.35 0.65 15.99
CA GLY A 893 -24.74 -0.70 16.34
C GLY A 893 -25.97 -0.74 17.23
N GLY A 894 -26.21 0.33 17.99
CA GLY A 894 -27.38 0.37 18.85
C GLY A 894 -28.67 0.40 18.06
N ILE A 895 -28.72 1.21 17.01
CA ILE A 895 -29.94 1.34 16.23
C ILE A 895 -30.10 0.20 15.23
N SER A 896 -29.06 -0.62 15.04
CA SER A 896 -29.13 -1.66 14.01
C SER A 896 -29.64 -2.97 14.59
N ALA A 897 -29.03 -3.44 15.68
CA ALA A 897 -29.28 -4.78 16.18
C ALA A 897 -29.77 -4.85 17.62
N HIS A 898 -29.52 -3.83 18.44
CA HIS A 898 -29.89 -3.93 19.84
C HIS A 898 -31.40 -3.85 20.04
N LEU A 899 -32.09 -3.00 19.27
CA LEU A 899 -33.55 -3.00 19.33
C LEU A 899 -34.12 -4.33 18.85
N PHE A 900 -33.47 -4.95 17.86
CA PHE A 900 -33.85 -6.31 17.47
C PHE A 900 -33.71 -7.27 18.64
N ALA A 901 -32.55 -7.29 19.29
CA ALA A 901 -32.34 -8.19 20.42
C ALA A 901 -33.39 -7.97 21.50
N VAL A 902 -33.79 -6.71 21.72
CA VAL A 902 -34.91 -6.42 22.62
C VAL A 902 -36.19 -7.07 22.11
N VAL A 903 -36.43 -7.04 20.81
CA VAL A 903 -37.65 -7.63 20.25
C VAL A 903 -37.67 -9.15 20.50
N GLN A 904 -36.55 -9.84 20.23
CA GLN A 904 -36.45 -11.25 20.61
C GLN A 904 -36.67 -11.48 22.10
N GLY A 905 -36.04 -10.69 22.95
CA GLY A 905 -36.18 -10.93 24.37
C GLY A 905 -37.62 -10.80 24.85
N LEU A 906 -38.27 -9.70 24.48
CA LEU A 906 -39.65 -9.48 24.88
C LEU A 906 -40.60 -10.48 24.23
N LEU A 907 -40.38 -10.82 22.95
CA LEU A 907 -41.25 -11.77 22.27
C LEU A 907 -41.15 -13.15 22.92
N LYS A 908 -39.93 -13.60 23.23
CA LYS A 908 -39.76 -14.90 23.86
C LYS A 908 -40.36 -14.90 25.26
N VAL A 909 -40.18 -13.81 26.01
CA VAL A 909 -40.74 -13.76 27.35
C VAL A 909 -42.26 -13.80 27.31
N LEU A 910 -42.88 -13.03 26.40
CA LEU A 910 -44.33 -13.00 26.32
C LEU A 910 -44.89 -14.29 25.74
N ALA A 911 -44.10 -15.02 24.94
CA ALA A 911 -44.57 -16.27 24.38
C ALA A 911 -44.84 -17.30 25.47
N GLY A 912 -43.97 -17.37 26.48
CA GLY A 912 -44.13 -18.31 27.56
C GLY A 912 -45.24 -17.93 28.53
N GLU A 931 -37.62 -16.81 11.08
CA GLU A 931 -38.28 -15.83 11.93
C GLU A 931 -37.55 -15.68 13.26
N LEU A 932 -37.56 -16.75 14.06
CA LEU A 932 -36.88 -16.73 15.35
C LEU A 932 -35.36 -16.86 15.21
N TYR A 933 -34.89 -17.47 14.13
CA TYR A 933 -33.47 -17.74 13.95
C TYR A 933 -32.75 -16.49 13.46
N THR A 934 -31.44 -16.61 13.19
CA THR A 934 -30.64 -15.48 12.75
C THR A 934 -31.19 -14.88 11.45
N PHE A 935 -31.27 -13.56 11.40
CA PHE A 935 -31.78 -12.85 10.24
C PHE A 935 -30.70 -12.61 9.19
N LYS A 936 -31.15 -12.13 8.04
CA LYS A 936 -30.25 -11.74 6.97
C LYS A 936 -29.43 -10.52 7.38
N TRP A 937 -28.23 -10.42 6.81
CA TRP A 937 -27.35 -9.31 7.14
C TRP A 937 -27.91 -7.98 6.65
N THR A 938 -28.65 -8.00 5.54
CA THR A 938 -29.15 -6.76 4.96
C THR A 938 -30.29 -6.18 5.78
N THR A 939 -31.23 -7.02 6.23
CA THR A 939 -32.40 -6.54 6.94
C THR A 939 -32.06 -5.92 8.29
N LEU A 940 -30.84 -6.10 8.79
CA LEU A 940 -30.48 -5.52 10.09
C LEU A 940 -30.29 -4.01 10.00
N LEU A 941 -29.93 -3.49 8.82
CA LEU A 941 -29.49 -2.11 8.68
C LEU A 941 -30.55 -1.20 8.07
N ILE A 942 -31.83 -1.61 8.08
CA ILE A 942 -32.87 -0.77 7.50
C ILE A 942 -33.38 0.31 8.48
N PRO A 943 -33.37 0.11 9.81
CA PRO A 943 -33.78 1.21 10.70
C PRO A 943 -32.84 2.41 10.60
N PRO A 944 -31.50 2.24 10.65
CA PRO A 944 -30.65 3.43 10.50
C PRO A 944 -30.81 4.12 9.16
N THR A 945 -31.01 3.35 8.09
CA THR A 945 -31.23 3.96 6.78
C THR A 945 -32.52 4.76 6.76
N THR A 946 -33.59 4.21 7.36
CA THR A 946 -34.85 4.94 7.45
C THR A 946 -34.68 6.23 8.24
N VAL A 947 -33.97 6.17 9.36
CA VAL A 947 -33.77 7.35 10.19
C VAL A 947 -32.99 8.42 9.43
N LEU A 948 -31.92 8.01 8.74
CA LEU A 948 -31.12 8.96 7.99
C LEU A 948 -31.92 9.58 6.85
N ILE A 949 -32.75 8.78 6.18
CA ILE A 949 -33.57 9.31 5.10
C ILE A 949 -34.57 10.32 5.64
N ILE A 950 -35.21 10.01 6.76
CA ILE A 950 -36.17 10.94 7.36
C ILE A 950 -35.47 12.23 7.77
N ASN A 951 -34.27 12.12 8.35
CA ASN A 951 -33.54 13.32 8.76
C ASN A 951 -33.13 14.17 7.56
N LEU A 952 -32.71 13.53 6.47
CA LEU A 952 -32.38 14.28 5.26
C LEU A 952 -33.61 14.97 4.68
N VAL A 953 -34.77 14.29 4.70
CA VAL A 953 -36.01 14.91 4.24
C VAL A 953 -36.35 16.10 5.12
N GLY A 954 -36.13 15.98 6.43
CA GLY A 954 -36.36 17.11 7.33
C GLY A 954 -35.42 18.27 7.04
N VAL A 955 -34.17 17.97 6.70
CA VAL A 955 -33.22 19.01 6.32
C VAL A 955 -33.69 19.72 5.05
N VAL A 956 -34.19 18.96 4.08
CA VAL A 956 -34.72 19.56 2.86
C VAL A 956 -35.92 20.44 3.17
N ALA A 957 -36.80 19.98 4.06
CA ALA A 957 -37.95 20.79 4.45
C ALA A 957 -37.50 22.07 5.14
N GLY A 958 -36.47 21.99 5.97
CA GLY A 958 -35.93 23.18 6.61
C GLY A 958 -35.35 24.15 5.61
N ILE A 959 -34.69 23.63 4.57
CA ILE A 959 -34.18 24.49 3.50
C ILE A 959 -35.33 25.18 2.78
N SER A 960 -36.42 24.44 2.53
CA SER A 960 -37.58 25.04 1.89
C SER A 960 -38.18 26.14 2.77
N ASP A 961 -38.25 25.89 4.09
CA ASP A 961 -38.74 26.91 5.01
C ASP A 961 -37.83 28.14 5.01
N ALA A 962 -36.52 27.92 4.95
CA ALA A 962 -35.58 29.04 4.86
C ALA A 962 -35.79 29.83 3.58
N ILE A 963 -36.13 29.14 2.49
CA ILE A 963 -36.52 29.84 1.27
C ILE A 963 -37.76 30.68 1.52
N ASN A 964 -38.75 30.11 2.22
CA ASN A 964 -39.92 30.88 2.63
C ASN A 964 -39.58 31.91 3.71
N ASN A 965 -38.50 31.70 4.45
CA ASN A 965 -38.13 32.61 5.54
C ASN A 965 -37.72 33.97 4.99
N GLY A 966 -38.12 35.02 5.71
CA GLY A 966 -37.71 36.36 5.39
C GLY A 966 -36.88 36.98 6.50
N TYR A 967 -35.86 36.26 6.95
CA TYR A 967 -34.94 36.69 8.00
C TYR A 967 -35.61 36.79 9.37
N GLN A 968 -36.92 37.01 9.40
CA GLN A 968 -37.64 37.08 10.68
C GLN A 968 -37.68 35.72 11.38
N SER A 969 -37.60 34.63 10.62
CA SER A 969 -37.56 33.28 11.18
C SER A 969 -36.20 32.60 10.95
N TRP A 970 -35.15 33.39 10.70
CA TRP A 970 -33.84 32.82 10.44
C TRP A 970 -33.17 32.32 11.72
N GLY A 971 -33.75 32.63 12.88
CA GLY A 971 -33.14 32.30 14.14
C GLY A 971 -33.41 30.89 14.65
N PRO A 972 -34.68 30.59 14.95
CA PRO A 972 -34.98 29.34 15.67
C PRO A 972 -34.53 28.06 14.98
N LEU A 973 -34.55 28.01 13.65
CA LEU A 973 -34.27 26.74 12.97
C LEU A 973 -32.81 26.32 13.07
N PHE A 974 -31.92 27.19 13.57
CA PHE A 974 -30.52 26.85 13.65
C PHE A 974 -30.28 25.66 14.59
N GLY A 975 -30.96 25.65 15.74
CA GLY A 975 -30.80 24.54 16.67
C GLY A 975 -31.33 23.24 16.11
N LYS A 976 -32.45 23.29 15.40
CA LYS A 976 -33.01 22.08 14.80
C LYS A 976 -32.08 21.56 13.70
N LEU A 977 -31.51 22.46 12.91
CA LEU A 977 -30.52 22.07 11.92
C LEU A 977 -29.31 21.42 12.59
N PHE A 978 -28.89 21.97 13.72
CA PHE A 978 -27.75 21.41 14.45
C PHE A 978 -28.06 20.01 14.97
N PHE A 979 -29.25 19.80 15.52
CA PHE A 979 -29.61 18.48 16.03
C PHE A 979 -29.68 17.45 14.89
N SER A 980 -30.36 17.81 13.80
CA SER A 980 -30.44 16.90 12.66
C SER A 980 -29.07 16.63 12.08
N PHE A 981 -28.20 17.64 12.06
CA PHE A 981 -26.85 17.45 11.55
C PHE A 981 -26.03 16.55 12.45
N TRP A 982 -26.19 16.65 13.77
CA TRP A 982 -25.54 15.73 14.68
C TRP A 982 -25.95 14.29 14.39
N VAL A 983 -27.27 14.08 14.24
CA VAL A 983 -27.77 12.74 13.95
C VAL A 983 -27.20 12.23 12.62
N ILE A 984 -27.21 13.08 11.60
CA ILE A 984 -26.75 12.68 10.27
C ILE A 984 -25.25 12.37 10.28
N VAL A 985 -24.46 13.19 10.99
CA VAL A 985 -23.02 12.95 11.06
C VAL A 985 -22.74 11.65 11.79
N HIS A 986 -23.54 11.32 12.79
CA HIS A 986 -23.35 10.03 13.46
C HIS A 986 -23.74 8.87 12.55
N LEU A 987 -24.79 9.03 11.74
CA LEU A 987 -25.32 7.89 11.00
C LEU A 987 -24.56 7.63 9.70
N TYR A 988 -24.03 8.69 9.08
CA TYR A 988 -23.65 8.60 7.67
C TYR A 988 -22.36 7.83 7.39
N PRO A 989 -21.25 8.05 8.12
CA PRO A 989 -19.97 7.45 7.68
C PRO A 989 -19.98 5.94 7.56
N PHE A 990 -20.74 5.23 8.41
CA PHE A 990 -20.80 3.78 8.28
C PHE A 990 -21.43 3.38 6.96
N LEU A 991 -22.49 4.06 6.54
CA LEU A 991 -23.11 3.78 5.25
C LEU A 991 -22.16 4.16 4.10
N LYS A 992 -21.42 5.26 4.25
CA LYS A 992 -20.40 5.60 3.28
C LYS A 992 -19.40 4.46 3.11
N GLY A 993 -18.90 3.92 4.23
CA GLY A 993 -17.94 2.83 4.16
C GLY A 993 -18.54 1.58 3.55
N LEU A 994 -19.80 1.29 3.88
CA LEU A 994 -20.45 0.09 3.35
C LEU A 994 -20.62 0.18 1.83
N MET A 995 -21.22 1.27 1.35
CA MET A 995 -21.62 1.32 -0.04
C MET A 995 -20.46 1.63 -0.98
N GLY A 996 -19.36 2.15 -0.46
CA GLY A 996 -18.20 2.51 -1.27
C GLY A 996 -17.01 1.63 -0.96
N ARG A 997 -16.43 1.06 -2.01
CA ARG A 997 -15.19 0.28 -1.89
C ARG A 997 -13.94 1.13 -2.05
N GLN A 998 -14.07 2.39 -2.45
CA GLN A 998 -12.95 3.30 -2.58
C GLN A 998 -12.88 4.23 -1.38
N ASN A 999 -11.71 4.86 -1.23
CA ASN A 999 -11.49 5.76 -0.10
C ASN A 999 -12.25 7.07 -0.29
N ARG A 1000 -12.30 7.86 0.78
CA ARG A 1000 -13.00 9.14 0.79
C ARG A 1000 -14.46 8.96 0.39
N THR A 1001 -14.83 9.50 -0.76
CA THR A 1001 -16.16 9.34 -1.30
C THR A 1001 -16.30 8.00 -2.02
N PRO A 1002 -17.48 7.37 -1.94
CA PRO A 1002 -17.68 6.10 -2.67
C PRO A 1002 -17.46 6.23 -4.16
N THR A 1003 -18.28 7.01 -4.84
CA THR A 1003 -18.09 7.33 -6.26
C THR A 1003 -18.08 8.85 -6.37
N ILE A 1004 -18.37 9.36 -7.57
CA ILE A 1004 -18.37 10.80 -7.80
C ILE A 1004 -19.67 11.22 -8.46
N VAL A 1005 -19.89 10.75 -9.69
CA VAL A 1005 -21.07 11.17 -10.44
C VAL A 1005 -22.35 10.70 -9.77
N VAL A 1006 -22.32 9.58 -9.06
CA VAL A 1006 -23.55 9.08 -8.43
C VAL A 1006 -23.96 9.97 -7.26
N ILE A 1007 -22.99 10.38 -6.44
CA ILE A 1007 -23.31 11.34 -5.37
C ILE A 1007 -23.73 12.68 -5.97
N TRP A 1008 -23.07 13.10 -7.05
CA TRP A 1008 -23.47 14.34 -7.71
C TRP A 1008 -24.91 14.26 -8.22
N SER A 1009 -25.28 13.12 -8.81
CA SER A 1009 -26.64 12.94 -9.32
C SER A 1009 -27.65 12.78 -8.19
N VAL A 1010 -27.24 12.22 -7.05
CA VAL A 1010 -28.11 12.18 -5.88
C VAL A 1010 -28.40 13.59 -5.39
N LEU A 1011 -27.36 14.43 -5.33
CA LEU A 1011 -27.57 15.83 -4.98
C LEU A 1011 -28.48 16.51 -5.99
N LEU A 1012 -28.27 16.24 -7.28
CA LEU A 1012 -29.12 16.81 -8.32
C LEU A 1012 -30.58 16.39 -8.16
N ALA A 1013 -30.82 15.11 -7.87
CA ALA A 1013 -32.17 14.62 -7.67
C ALA A 1013 -32.80 15.24 -6.44
N SER A 1014 -32.02 15.42 -5.38
CA SER A 1014 -32.53 16.10 -4.18
C SER A 1014 -32.90 17.55 -4.50
N ILE A 1015 -32.07 18.23 -5.28
CA ILE A 1015 -32.35 19.62 -5.65
C ILE A 1015 -33.65 19.70 -6.47
N PHE A 1016 -33.80 18.81 -7.45
CA PHE A 1016 -35.02 18.84 -8.26
C PHE A 1016 -36.24 18.43 -7.44
N SER A 1017 -36.09 17.49 -6.51
CA SER A 1017 -37.19 17.11 -5.65
C SER A 1017 -37.63 18.27 -4.76
N LEU A 1018 -36.66 19.00 -4.19
CA LEU A 1018 -37.03 20.15 -3.37
C LEU A 1018 -37.62 21.27 -4.22
N LEU A 1019 -37.18 21.39 -5.48
CA LEU A 1019 -37.81 22.35 -6.39
C LEU A 1019 -39.28 21.99 -6.63
N TRP A 1020 -39.55 20.71 -6.86
CA TRP A 1020 -40.93 20.28 -7.07
C TRP A 1020 -41.76 20.43 -5.80
N VAL A 1021 -41.14 20.23 -4.64
CA VAL A 1021 -41.84 20.46 -3.38
C VAL A 1021 -42.17 21.95 -3.22
N ARG A 1022 -41.23 22.82 -3.57
CA ARG A 1022 -41.46 24.25 -3.45
C ARG A 1022 -42.55 24.72 -4.40
N ILE A 1023 -42.57 24.21 -5.63
CA ILE A 1023 -43.58 24.65 -6.59
C ILE A 1023 -44.96 24.13 -6.19
N ASP A 1024 -45.01 23.08 -5.37
CA ASP A 1024 -46.27 22.52 -4.88
C ASP A 1024 -46.18 22.38 -3.36
N PRO A 1025 -46.27 23.50 -2.62
CA PRO A 1025 -46.16 23.46 -1.16
C PRO A 1025 -47.44 23.01 -0.47
N ALA B 235 -27.23 -39.81 -21.38
CA ALA B 235 -26.49 -40.05 -22.61
C ALA B 235 -26.92 -39.08 -23.71
N ARG B 236 -28.17 -38.64 -23.65
CA ARG B 236 -28.74 -37.75 -24.67
C ARG B 236 -28.86 -36.31 -24.20
N GLN B 237 -28.21 -35.95 -23.10
CA GLN B 237 -28.25 -34.56 -22.64
C GLN B 237 -27.45 -33.68 -23.60
N PRO B 238 -27.81 -32.41 -23.72
CA PRO B 238 -26.89 -31.44 -24.32
C PRO B 238 -25.69 -31.23 -23.42
N LEU B 239 -24.55 -30.91 -24.05
CA LEU B 239 -23.33 -30.64 -23.32
C LEU B 239 -23.20 -29.17 -22.91
N SER B 240 -24.24 -28.37 -23.11
CA SER B 240 -24.26 -26.99 -22.64
C SER B 240 -25.70 -26.52 -22.59
N ARG B 241 -25.95 -25.45 -21.84
CA ARG B 241 -27.28 -24.87 -21.79
C ARG B 241 -27.17 -23.35 -21.73
N LYS B 242 -28.09 -22.71 -22.45
CA LYS B 242 -28.22 -21.25 -22.51
C LYS B 242 -29.31 -20.85 -21.52
N VAL B 243 -28.92 -20.21 -20.42
CA VAL B 243 -29.85 -19.72 -19.42
C VAL B 243 -30.13 -18.24 -19.72
N PRO B 244 -31.38 -17.85 -19.95
CA PRO B 244 -31.69 -16.43 -20.06
C PRO B 244 -31.55 -15.73 -18.71
N ILE B 245 -31.32 -14.42 -18.78
CA ILE B 245 -31.28 -13.63 -17.56
C ILE B 245 -32.65 -13.72 -16.88
N ALA B 246 -32.63 -13.68 -15.54
CA ALA B 246 -33.85 -13.86 -14.76
C ALA B 246 -34.90 -12.86 -15.18
N SER B 247 -36.14 -13.33 -15.35
CA SER B 247 -37.21 -12.49 -15.87
C SER B 247 -37.51 -11.32 -14.96
N SER B 248 -37.36 -11.49 -13.65
CA SER B 248 -37.62 -10.39 -12.72
C SER B 248 -36.58 -9.29 -12.85
N LYS B 249 -35.36 -9.63 -13.29
CA LYS B 249 -34.26 -8.70 -13.34
C LYS B 249 -34.01 -8.15 -14.75
N ILE B 250 -35.01 -8.16 -15.63
CA ILE B 250 -34.79 -7.77 -17.02
C ILE B 250 -35.99 -7.01 -17.57
N ASN B 251 -37.19 -7.41 -17.13
CA ASN B 251 -38.40 -6.73 -17.60
C ASN B 251 -38.44 -5.25 -17.21
N PRO B 252 -38.12 -4.84 -15.97
CA PRO B 252 -38.03 -3.40 -15.70
C PRO B 252 -37.01 -2.69 -16.57
N TYR B 253 -35.90 -3.36 -16.88
CA TYR B 253 -34.90 -2.77 -17.78
C TYR B 253 -35.49 -2.51 -19.16
N ARG B 254 -36.20 -3.49 -19.71
CA ARG B 254 -36.84 -3.31 -21.01
C ARG B 254 -37.90 -2.21 -20.97
N MET B 255 -38.69 -2.16 -19.90
CA MET B 255 -39.72 -1.13 -19.79
C MET B 255 -39.11 0.26 -19.70
N VAL B 256 -38.02 0.40 -18.94
CA VAL B 256 -37.35 1.70 -18.86
C VAL B 256 -36.76 2.10 -20.21
N ILE B 257 -36.24 1.12 -20.96
CA ILE B 257 -35.76 1.43 -22.30
C ILE B 257 -36.89 1.96 -23.17
N VAL B 258 -38.05 1.31 -23.13
CA VAL B 258 -39.18 1.76 -23.95
C VAL B 258 -39.63 3.15 -23.53
N ALA B 259 -39.73 3.38 -22.22
CA ALA B 259 -40.14 4.69 -21.72
C ALA B 259 -39.15 5.77 -22.13
N ARG B 260 -37.85 5.46 -22.07
CA ARG B 260 -36.84 6.44 -22.49
C ARG B 260 -36.96 6.73 -23.98
N LEU B 261 -37.25 5.70 -24.77
CA LEU B 261 -37.49 5.93 -26.20
C LEU B 261 -38.63 6.91 -26.41
N LEU B 262 -39.76 6.68 -25.73
CA LEU B 262 -40.91 7.56 -25.90
C LEU B 262 -40.61 8.98 -25.44
N ILE B 263 -39.96 9.13 -24.29
CA ILE B 263 -39.65 10.46 -23.76
C ILE B 263 -38.69 11.19 -24.68
N LEU B 264 -37.68 10.48 -25.19
CA LEU B 264 -36.73 11.10 -26.10
C LEU B 264 -37.42 11.55 -27.38
N ALA B 265 -38.33 10.73 -27.91
CA ALA B 265 -39.06 11.13 -29.11
C ALA B 265 -39.89 12.39 -28.86
N PHE B 266 -40.60 12.43 -27.73
CA PHE B 266 -41.43 13.60 -27.44
C PHE B 266 -40.58 14.86 -27.23
N PHE B 267 -39.46 14.72 -26.52
CA PHE B 267 -38.59 15.87 -26.30
C PHE B 267 -37.97 16.35 -27.61
N LEU B 268 -37.63 15.42 -28.50
CA LEU B 268 -37.07 15.80 -29.79
C LEU B 268 -38.11 16.54 -30.63
N ARG B 269 -39.37 16.07 -30.58
CA ARG B 269 -40.45 16.78 -31.25
C ARG B 269 -40.59 18.20 -30.69
N TYR B 270 -40.51 18.33 -29.35
CA TYR B 270 -40.62 19.65 -28.74
C TYR B 270 -39.51 20.57 -29.22
N ARG B 271 -38.28 20.05 -29.29
CA ARG B 271 -37.17 20.86 -29.77
C ARG B 271 -37.37 21.27 -31.23
N ILE B 272 -37.84 20.34 -32.06
CA ILE B 272 -38.04 20.64 -33.48
C ILE B 272 -39.09 21.73 -33.64
N LEU B 273 -40.20 21.61 -32.92
CA LEU B 273 -41.31 22.56 -33.08
C LEU B 273 -40.90 23.97 -32.66
N ASN B 274 -40.19 24.10 -31.55
CA ASN B 274 -39.92 25.41 -30.97
C ASN B 274 -38.69 26.04 -31.61
N PRO B 275 -38.80 27.22 -32.23
CA PRO B 275 -37.61 27.93 -32.70
C PRO B 275 -37.01 28.81 -31.61
N VAL B 276 -36.17 29.76 -32.01
CA VAL B 276 -35.53 30.67 -31.05
C VAL B 276 -35.64 32.10 -31.56
N HIS B 277 -35.56 32.27 -32.89
CA HIS B 277 -35.70 33.57 -33.54
C HIS B 277 -34.55 34.53 -33.22
N ASP B 278 -34.19 34.63 -31.93
CA ASP B 278 -33.12 35.55 -31.54
C ASP B 278 -31.79 35.18 -32.17
N ALA B 279 -31.46 33.89 -32.17
CA ALA B 279 -30.22 33.41 -32.79
C ALA B 279 -30.42 31.93 -33.11
N ILE B 280 -30.60 31.63 -34.41
CA ILE B 280 -31.02 30.30 -34.81
C ILE B 280 -29.83 29.38 -35.05
N GLY B 281 -28.63 29.94 -35.24
CA GLY B 281 -27.48 29.11 -35.56
C GLY B 281 -27.10 28.15 -34.44
N LEU B 282 -26.98 28.68 -33.22
CA LEU B 282 -26.63 27.83 -32.08
C LEU B 282 -27.72 26.80 -31.82
N TRP B 283 -28.98 27.20 -31.94
CA TRP B 283 -30.08 26.27 -31.74
C TRP B 283 -30.04 25.14 -32.76
N LEU B 284 -29.79 25.48 -34.03
CA LEU B 284 -29.73 24.45 -35.06
C LEU B 284 -28.57 23.50 -34.82
N THR B 285 -27.40 24.03 -34.45
CA THR B 285 -26.26 23.17 -34.16
C THR B 285 -26.57 22.23 -33.00
N SER B 286 -27.17 22.77 -31.93
CA SER B 286 -27.49 21.95 -30.78
C SER B 286 -28.52 20.86 -31.09
N VAL B 287 -29.56 21.21 -31.86
CA VAL B 287 -30.59 20.22 -32.16
C VAL B 287 -30.01 19.13 -33.07
N ILE B 288 -29.14 19.50 -34.01
CA ILE B 288 -28.52 18.49 -34.85
C ILE B 288 -27.64 17.56 -34.01
N CYS B 289 -26.87 18.13 -33.08
CA CYS B 289 -26.04 17.30 -32.21
C CYS B 289 -26.90 16.34 -31.39
N GLU B 290 -28.04 16.82 -30.89
CA GLU B 290 -28.88 15.96 -30.07
C GLU B 290 -29.60 14.89 -30.90
N ILE B 291 -29.96 15.21 -32.15
CA ILE B 291 -30.49 14.18 -33.05
C ILE B 291 -29.46 13.08 -33.25
N TRP B 292 -28.21 13.47 -33.52
CA TRP B 292 -27.19 12.45 -33.76
C TRP B 292 -26.95 11.63 -32.50
N PHE B 293 -26.96 12.28 -31.33
CA PHE B 293 -26.79 11.55 -30.07
C PHE B 293 -27.94 10.56 -29.85
N ALA B 294 -29.17 10.97 -30.17
CA ALA B 294 -30.31 10.06 -30.02
C ALA B 294 -30.19 8.87 -30.96
N PHE B 295 -29.77 9.11 -32.21
CA PHE B 295 -29.60 8.00 -33.14
C PHE B 295 -28.51 7.04 -32.65
N SER B 296 -27.39 7.58 -32.15
CA SER B 296 -26.35 6.73 -31.60
C SER B 296 -26.85 5.93 -30.40
N TRP B 297 -27.67 6.55 -29.55
CA TRP B 297 -28.23 5.83 -28.41
C TRP B 297 -29.12 4.68 -28.88
N ILE B 298 -29.96 4.94 -29.89
CA ILE B 298 -30.79 3.87 -30.44
C ILE B 298 -29.92 2.72 -30.91
N LEU B 299 -28.90 3.04 -31.72
CA LEU B 299 -28.06 2.00 -32.31
C LEU B 299 -27.34 1.19 -31.22
N ASP B 300 -26.90 1.87 -30.16
CA ASP B 300 -26.14 1.16 -29.13
C ASP B 300 -27.06 0.33 -28.23
N GLN B 301 -28.24 0.84 -27.91
CA GLN B 301 -29.05 0.20 -26.86
C GLN B 301 -30.00 -0.85 -27.40
N PHE B 302 -30.47 -0.71 -28.65
CA PHE B 302 -31.45 -1.68 -29.14
C PHE B 302 -30.98 -3.13 -29.15
N PRO B 303 -29.73 -3.48 -29.54
CA PRO B 303 -29.36 -4.90 -29.57
C PRO B 303 -29.06 -5.50 -28.19
N LYS B 304 -29.54 -4.88 -27.12
CA LYS B 304 -29.38 -5.43 -25.79
C LYS B 304 -30.59 -6.21 -25.31
N TRP B 305 -31.60 -6.39 -26.15
CA TRP B 305 -32.77 -7.17 -25.79
C TRP B 305 -32.38 -8.64 -25.62
N PHE B 306 -33.02 -9.34 -24.69
CA PHE B 306 -32.74 -10.71 -24.28
C PHE B 306 -31.24 -11.02 -24.21
N PRO B 307 -30.53 -10.49 -23.23
CA PRO B 307 -29.21 -11.02 -22.90
C PRO B 307 -29.31 -12.42 -22.31
N ILE B 308 -28.25 -13.19 -22.52
CA ILE B 308 -28.20 -14.60 -22.15
C ILE B 308 -26.86 -14.88 -21.47
N ASP B 309 -26.79 -16.03 -20.80
CA ASP B 309 -25.55 -16.61 -20.30
C ASP B 309 -25.55 -18.08 -20.67
N ARG B 310 -24.37 -18.66 -20.73
CA ARG B 310 -24.21 -20.05 -21.11
C ARG B 310 -23.36 -20.77 -20.08
N GLU B 311 -23.77 -21.99 -19.73
CA GLU B 311 -22.99 -22.81 -18.83
C GLU B 311 -22.91 -24.23 -19.36
N THR B 312 -21.75 -24.84 -19.22
CA THR B 312 -21.38 -26.07 -19.90
C THR B 312 -21.19 -27.21 -18.91
N TYR B 313 -21.25 -28.43 -19.44
CA TYR B 313 -21.15 -29.67 -18.67
C TYR B 313 -20.03 -30.51 -19.25
N LEU B 314 -18.81 -30.33 -18.72
CA LEU B 314 -17.67 -31.09 -19.21
C LEU B 314 -17.79 -32.57 -18.86
N ASP B 315 -18.53 -32.89 -17.79
CA ASP B 315 -18.64 -34.28 -17.35
C ASP B 315 -19.26 -35.15 -18.42
N ARG B 316 -20.35 -34.68 -19.03
CA ARG B 316 -20.98 -35.43 -20.10
C ARG B 316 -20.05 -35.58 -21.30
N LEU B 317 -19.29 -34.53 -21.62
CA LEU B 317 -18.34 -34.61 -22.74
C LEU B 317 -17.32 -35.71 -22.50
N SER B 318 -16.69 -35.71 -21.33
CA SER B 318 -15.71 -36.73 -21.02
C SER B 318 -16.34 -38.12 -20.94
N LEU B 319 -17.61 -38.19 -20.53
CA LEU B 319 -18.25 -39.50 -20.39
C LEU B 319 -18.61 -40.08 -21.74
N ARG B 320 -18.97 -39.23 -22.71
CA ARG B 320 -19.48 -39.78 -23.97
C ARG B 320 -18.39 -39.87 -25.03
N TYR B 321 -17.37 -39.01 -24.98
CA TYR B 321 -16.27 -39.10 -25.93
C TYR B 321 -15.03 -39.79 -25.38
N GLU B 322 -14.68 -39.55 -24.11
CA GLU B 322 -13.50 -40.15 -23.52
C GLU B 322 -13.85 -41.42 -22.77
N ARG B 323 -14.90 -42.11 -23.20
CA ARG B 323 -15.34 -43.33 -22.54
C ARG B 323 -14.27 -44.42 -22.66
N GLU B 324 -13.98 -45.06 -21.54
CA GLU B 324 -12.85 -45.98 -21.45
C GLU B 324 -13.12 -47.24 -22.25
N GLY B 325 -12.07 -47.77 -22.87
CA GLY B 325 -12.15 -48.97 -23.67
C GLY B 325 -12.10 -48.76 -25.17
N GLU B 326 -12.09 -47.51 -25.62
CA GLU B 326 -12.04 -47.18 -27.04
C GLU B 326 -11.00 -46.10 -27.26
N PRO B 327 -10.49 -45.98 -28.49
CA PRO B 327 -9.59 -44.85 -28.79
C PRO B 327 -10.30 -43.52 -28.60
N ASN B 328 -9.55 -42.53 -28.14
CA ASN B 328 -10.12 -41.22 -27.85
C ASN B 328 -10.63 -40.57 -29.13
N MET B 329 -11.80 -39.94 -29.03
CA MET B 329 -12.47 -39.39 -30.20
C MET B 329 -12.65 -37.88 -30.17
N LEU B 330 -11.98 -37.16 -29.27
CA LEU B 330 -12.07 -35.72 -29.27
C LEU B 330 -11.44 -35.15 -30.54
N ALA B 331 -12.05 -34.10 -31.09
CA ALA B 331 -11.59 -33.54 -32.35
C ALA B 331 -10.30 -32.76 -32.17
N PRO B 332 -9.33 -32.93 -33.08
CA PRO B 332 -8.04 -32.27 -32.93
C PRO B 332 -8.09 -30.78 -33.23
N VAL B 333 -7.08 -30.06 -32.77
CA VAL B 333 -6.92 -28.63 -33.02
C VAL B 333 -5.48 -28.31 -33.38
N ASP B 334 -5.31 -27.14 -33.97
CA ASP B 334 -4.02 -26.49 -34.10
C ASP B 334 -4.11 -25.10 -33.50
N ILE B 335 -3.02 -24.67 -32.85
CA ILE B 335 -2.96 -23.35 -32.23
C ILE B 335 -1.99 -22.49 -33.02
N PHE B 336 -2.34 -21.22 -33.20
CA PHE B 336 -1.60 -20.29 -34.05
C PHE B 336 -1.07 -19.15 -33.20
N VAL B 337 0.25 -19.04 -33.10
CA VAL B 337 0.90 -17.93 -32.40
C VAL B 337 1.71 -17.14 -33.42
N SER B 338 1.43 -15.85 -33.52
CA SER B 338 2.08 -14.97 -34.49
C SER B 338 3.02 -14.03 -33.74
N THR B 339 4.32 -14.12 -34.05
CA THR B 339 5.34 -13.28 -33.46
C THR B 339 5.89 -12.35 -34.52
N VAL B 340 5.95 -11.05 -34.20
CA VAL B 340 6.37 -10.04 -35.17
C VAL B 340 7.88 -9.83 -35.10
N ASP B 341 8.35 -9.31 -33.96
CA ASP B 341 9.72 -8.87 -33.81
C ASP B 341 10.10 -9.01 -32.35
N PRO B 342 11.18 -9.72 -32.03
CA PRO B 342 11.59 -9.85 -30.62
C PRO B 342 12.01 -8.54 -29.97
N MET B 343 12.30 -7.50 -30.75
CA MET B 343 12.77 -6.25 -30.15
C MET B 343 11.68 -5.55 -29.34
N LYS B 344 10.41 -5.77 -29.67
CA LYS B 344 9.30 -5.22 -28.89
C LYS B 344 8.61 -6.26 -28.03
N GLU B 345 8.67 -7.54 -28.42
CA GLU B 345 8.11 -8.64 -27.64
C GLU B 345 9.25 -9.52 -27.16
N PRO B 346 9.63 -9.46 -25.88
CA PRO B 346 10.79 -10.21 -25.42
C PRO B 346 10.57 -11.70 -25.61
N PRO B 347 11.65 -12.45 -25.85
CA PRO B 347 11.50 -13.91 -26.05
C PRO B 347 10.89 -14.63 -24.86
N LEU B 348 11.08 -14.13 -23.65
CA LEU B 348 10.53 -14.79 -22.46
C LEU B 348 9.01 -14.79 -22.48
N VAL B 349 8.40 -13.68 -22.91
CA VAL B 349 6.95 -13.61 -22.97
C VAL B 349 6.40 -14.62 -23.96
N THR B 350 7.04 -14.74 -25.13
CA THR B 350 6.62 -15.73 -26.12
C THR B 350 6.81 -17.14 -25.59
N ALA B 351 7.92 -17.39 -24.91
CA ALA B 351 8.18 -18.72 -24.34
C ALA B 351 7.13 -19.08 -23.30
N ASN B 352 6.66 -18.10 -22.52
CA ASN B 352 5.60 -18.38 -21.56
C ASN B 352 4.33 -18.86 -22.27
N THR B 353 3.95 -18.20 -23.37
CA THR B 353 2.77 -18.62 -24.12
C THR B 353 2.97 -20.01 -24.70
N VAL B 354 4.15 -20.28 -25.25
CA VAL B 354 4.42 -21.61 -25.82
C VAL B 354 4.33 -22.68 -24.75
N LEU B 355 4.90 -22.43 -23.57
CA LEU B 355 4.86 -23.42 -22.50
C LEU B 355 3.44 -23.63 -22.00
N SER B 356 2.66 -22.55 -21.86
CA SER B 356 1.27 -22.70 -21.44
C SER B 356 0.47 -23.49 -22.46
N ILE B 357 0.72 -23.29 -23.75
CA ILE B 357 0.05 -24.07 -24.78
C ILE B 357 0.46 -25.54 -24.68
N LEU B 358 1.76 -25.81 -24.51
CA LEU B 358 2.24 -27.18 -24.46
C LEU B 358 1.67 -27.94 -23.27
N ALA B 359 1.59 -27.30 -22.10
CA ALA B 359 1.14 -27.95 -20.89
C ALA B 359 -0.38 -28.00 -20.76
N MET B 360 -1.11 -27.94 -21.87
CA MET B 360 -2.57 -27.92 -21.81
C MET B 360 -3.11 -29.32 -21.50
N ASP B 361 -4.29 -29.36 -20.90
CA ASP B 361 -4.98 -30.60 -20.58
C ASP B 361 -5.88 -30.98 -21.75
N TYR B 362 -5.45 -31.98 -22.52
CA TYR B 362 -6.11 -32.42 -23.73
C TYR B 362 -5.25 -33.53 -24.31
N PRO B 363 -5.85 -34.53 -25.00
CA PRO B 363 -5.04 -35.61 -25.60
C PRO B 363 -3.87 -35.08 -26.42
N VAL B 364 -2.66 -35.56 -26.11
CA VAL B 364 -1.46 -34.98 -26.72
C VAL B 364 -1.42 -35.24 -28.22
N ASP B 365 -1.94 -36.38 -28.66
CA ASP B 365 -1.89 -36.68 -30.08
C ASP B 365 -2.92 -35.88 -30.89
N LYS B 366 -3.46 -34.78 -30.35
CA LYS B 366 -4.52 -34.06 -31.02
C LYS B 366 -4.33 -32.54 -30.91
N ILE B 367 -3.12 -32.10 -30.57
CA ILE B 367 -2.77 -30.68 -30.60
C ILE B 367 -1.42 -30.50 -31.28
N SER B 368 -1.22 -29.29 -31.81
CA SER B 368 0.02 -28.89 -32.45
C SER B 368 0.08 -27.37 -32.54
N CYS B 369 1.25 -26.80 -32.30
CA CYS B 369 1.43 -25.36 -32.24
C CYS B 369 2.19 -24.89 -33.48
N TYR B 370 1.66 -23.84 -34.11
CA TYR B 370 2.25 -23.23 -35.30
C TYR B 370 2.63 -21.80 -34.94
N ILE B 371 3.92 -21.50 -34.98
CA ILE B 371 4.43 -20.18 -34.64
C ILE B 371 4.95 -19.53 -35.92
N SER B 372 4.39 -18.38 -36.27
CA SER B 372 4.74 -17.64 -37.47
C SER B 372 5.60 -16.46 -37.07
N ASP B 373 6.90 -16.54 -37.39
CA ASP B 373 7.86 -15.49 -37.05
C ASP B 373 7.98 -14.59 -38.28
N ASP B 374 7.35 -13.41 -38.20
CA ASP B 374 7.32 -12.50 -39.34
C ASP B 374 8.71 -11.99 -39.69
N GLY B 375 9.52 -11.67 -38.67
CA GLY B 375 10.81 -11.06 -38.90
C GLY B 375 11.91 -11.99 -39.36
N ALA B 376 11.67 -13.29 -39.32
CA ALA B 376 12.64 -14.31 -39.72
C ALA B 376 13.94 -14.22 -38.92
N SER B 377 13.88 -13.66 -37.72
CA SER B 377 15.07 -13.51 -36.89
C SER B 377 15.44 -14.84 -36.24
N MET B 378 16.73 -14.97 -35.94
CA MET B 378 17.26 -16.18 -35.31
C MET B 378 17.05 -16.19 -33.80
N LEU B 379 16.78 -15.04 -33.20
CA LEU B 379 16.58 -14.99 -31.75
C LEU B 379 15.39 -15.84 -31.33
N THR B 380 14.25 -15.68 -32.00
CA THR B 380 13.09 -16.50 -31.74
C THR B 380 13.32 -17.98 -32.07
N PHE B 381 14.11 -18.26 -33.10
CA PHE B 381 14.45 -19.65 -33.42
C PHE B 381 15.20 -20.32 -32.27
N GLU B 382 16.24 -19.66 -31.74
CA GLU B 382 16.97 -20.22 -30.62
C GLU B 382 16.13 -20.25 -29.35
N SER B 383 15.25 -19.27 -29.16
CA SER B 383 14.35 -19.30 -28.01
C SER B 383 13.40 -20.49 -28.08
N LEU B 384 12.89 -20.81 -29.26
CA LEU B 384 12.04 -22.00 -29.39
C LEU B 384 12.84 -23.27 -29.19
N SER B 385 14.10 -23.29 -29.66
CA SER B 385 14.95 -24.45 -29.37
C SER B 385 15.17 -24.64 -27.89
N GLU B 386 15.30 -23.54 -27.13
CA GLU B 386 15.45 -23.62 -25.68
C GLU B 386 14.15 -24.08 -25.01
N THR B 387 13.02 -23.54 -25.47
CA THR B 387 11.73 -23.88 -24.90
C THR B 387 11.35 -25.33 -25.15
N ALA B 388 11.67 -25.87 -26.32
CA ALA B 388 11.43 -27.27 -26.63
C ALA B 388 12.27 -28.20 -25.77
N GLU B 389 13.35 -27.70 -25.18
CA GLU B 389 14.14 -28.46 -24.22
C GLU B 389 13.65 -28.31 -22.80
N PHE B 390 13.18 -27.13 -22.41
CA PHE B 390 12.62 -26.94 -21.07
C PHE B 390 11.23 -27.56 -20.92
N ALA B 391 10.50 -27.75 -22.02
CA ALA B 391 9.16 -28.32 -21.94
C ALA B 391 9.19 -29.76 -21.41
N ARG B 392 10.22 -30.52 -21.77
CA ARG B 392 10.33 -31.90 -21.30
C ARG B 392 10.33 -31.99 -19.78
N LYS B 393 10.76 -30.95 -19.08
CA LYS B 393 10.67 -30.89 -17.63
C LYS B 393 9.43 -30.16 -17.14
N TRP B 394 8.99 -29.11 -17.84
CA TRP B 394 7.86 -28.34 -17.36
C TRP B 394 6.53 -29.09 -17.48
N VAL B 395 6.36 -29.90 -18.51
CA VAL B 395 5.05 -30.49 -18.79
C VAL B 395 4.69 -31.59 -17.79
N PRO B 396 5.53 -32.61 -17.55
CA PRO B 396 5.10 -33.67 -16.62
C PRO B 396 4.81 -33.17 -15.21
N PHE B 397 5.63 -32.25 -14.70
CA PHE B 397 5.38 -31.69 -13.38
C PHE B 397 4.07 -30.94 -13.33
N CYS B 398 3.76 -30.18 -14.39
CA CYS B 398 2.49 -29.47 -14.44
C CYS B 398 1.32 -30.44 -14.50
N LYS B 399 1.46 -31.53 -15.26
CA LYS B 399 0.38 -32.50 -15.37
C LYS B 399 0.12 -33.22 -14.06
N LYS B 400 1.19 -33.58 -13.33
CA LYS B 400 1.01 -34.42 -12.14
C LYS B 400 0.25 -33.70 -11.04
N PHE B 401 0.64 -32.47 -10.71
CA PHE B 401 0.10 -31.78 -9.56
C PHE B 401 -1.03 -30.81 -9.90
N ALA B 402 -1.46 -30.76 -11.16
CA ALA B 402 -2.55 -29.89 -11.59
C ALA B 402 -2.30 -28.43 -11.21
N ILE B 403 -1.46 -27.75 -11.99
CA ILE B 403 -1.12 -26.36 -11.70
C ILE B 403 -2.20 -25.44 -12.26
N GLU B 404 -2.42 -24.31 -11.57
CA GLU B 404 -3.51 -23.40 -11.91
C GLU B 404 -3.21 -22.58 -13.16
N PRO B 405 -2.08 -21.85 -13.24
CA PRO B 405 -1.84 -21.01 -14.44
C PRO B 405 -1.20 -21.78 -15.57
N ARG B 406 -0.37 -22.78 -15.24
CA ARG B 406 0.37 -23.58 -16.19
C ARG B 406 1.36 -22.77 -17.02
N ALA B 407 1.67 -21.55 -16.58
CA ALA B 407 2.70 -20.72 -17.18
C ALA B 407 3.73 -20.40 -16.10
N PRO B 408 5.02 -20.60 -16.35
CA PRO B 408 6.02 -20.53 -15.28
C PRO B 408 6.09 -19.19 -14.56
N GLU B 409 6.27 -18.09 -15.31
CA GLU B 409 6.45 -16.79 -14.66
C GLU B 409 5.16 -16.32 -13.98
N MET B 410 4.01 -16.67 -14.53
CA MET B 410 2.74 -16.29 -13.94
C MET B 410 2.27 -17.27 -12.87
N TYR B 411 3.02 -18.33 -12.62
CA TYR B 411 2.76 -19.25 -11.52
C TYR B 411 3.69 -19.02 -10.34
N PHE B 412 4.98 -18.82 -10.60
CA PHE B 412 5.95 -18.59 -9.53
C PHE B 412 5.93 -17.16 -9.02
N THR B 413 5.01 -16.32 -9.49
CA THR B 413 4.85 -14.94 -9.03
C THR B 413 3.42 -14.70 -8.58
N LEU B 414 2.88 -15.63 -7.81
CA LEU B 414 1.54 -15.52 -7.25
C LEU B 414 1.63 -15.24 -5.76
N LYS B 415 0.91 -14.20 -5.31
CA LYS B 415 0.95 -13.85 -3.89
C LYS B 415 0.20 -14.87 -3.04
N VAL B 416 -0.74 -15.60 -3.63
CA VAL B 416 -1.52 -16.56 -2.88
C VAL B 416 -0.65 -17.74 -2.45
N ASP B 417 -1.01 -18.34 -1.32
CA ASP B 417 -0.29 -19.51 -0.83
C ASP B 417 -0.38 -20.65 -1.83
N TYR B 418 0.72 -21.38 -2.01
CA TYR B 418 0.82 -22.42 -3.01
C TYR B 418 0.65 -23.82 -2.42
N LEU B 419 0.17 -23.94 -1.19
CA LEU B 419 -0.14 -25.23 -0.58
C LEU B 419 -1.57 -25.24 -0.06
N LYS B 420 -2.46 -24.48 -0.71
CA LYS B 420 -3.82 -24.36 -0.23
C LYS B 420 -4.57 -25.68 -0.30
N ASP B 421 -4.45 -26.40 -1.43
CA ASP B 421 -5.19 -27.64 -1.60
C ASP B 421 -4.33 -28.79 -2.11
N LYS B 422 -3.00 -28.64 -2.09
CA LYS B 422 -2.12 -29.72 -2.54
C LYS B 422 -2.03 -30.79 -1.48
N VAL B 423 -2.08 -32.05 -1.92
CA VAL B 423 -2.12 -33.18 -1.00
C VAL B 423 -0.98 -34.18 -1.21
N GLN B 424 -0.30 -34.15 -2.35
CA GLN B 424 0.72 -35.17 -2.62
C GLN B 424 1.93 -34.96 -1.70
N PRO B 425 2.47 -36.04 -1.13
CA PRO B 425 3.61 -35.89 -0.20
C PRO B 425 4.85 -35.29 -0.83
N THR B 426 5.09 -35.53 -2.12
CA THR B 426 6.32 -35.12 -2.77
C THR B 426 6.22 -33.76 -3.47
N PHE B 427 5.15 -33.01 -3.25
CA PHE B 427 4.94 -31.78 -3.99
C PHE B 427 5.99 -30.72 -3.69
N VAL B 428 6.35 -30.55 -2.42
CA VAL B 428 7.22 -29.45 -2.02
C VAL B 428 8.61 -29.61 -2.62
N LYS B 429 9.21 -30.79 -2.50
CA LYS B 429 10.56 -31.00 -2.98
C LYS B 429 10.64 -30.81 -4.49
N GLU B 430 9.68 -31.36 -5.23
CA GLU B 430 9.74 -31.25 -6.69
C GLU B 430 9.45 -29.83 -7.16
N ARG B 431 8.56 -29.11 -6.45
CA ARG B 431 8.33 -27.71 -6.80
C ARG B 431 9.59 -26.88 -6.58
N ARG B 432 10.26 -27.10 -5.45
CA ARG B 432 11.50 -26.38 -5.19
C ARG B 432 12.64 -26.83 -6.07
N ALA B 433 12.55 -28.02 -6.68
CA ALA B 433 13.52 -28.43 -7.67
C ALA B 433 13.22 -27.85 -9.05
N MET B 434 11.96 -27.62 -9.37
CA MET B 434 11.57 -27.06 -10.66
C MET B 434 11.74 -25.55 -10.74
N LYS B 435 11.60 -24.85 -9.60
CA LYS B 435 11.83 -23.41 -9.61
C LYS B 435 13.26 -23.07 -10.03
N ARG B 436 14.23 -23.84 -9.56
CA ARG B 436 15.62 -23.61 -9.93
C ARG B 436 15.84 -23.87 -11.42
N GLU B 437 15.20 -24.91 -11.97
CA GLU B 437 15.31 -25.17 -13.40
C GLU B 437 14.73 -24.01 -14.20
N TYR B 438 13.60 -23.47 -13.75
CA TYR B 438 13.03 -22.33 -14.46
C TYR B 438 13.95 -21.11 -14.40
N GLU B 439 14.58 -20.87 -13.24
CA GLU B 439 15.52 -19.75 -13.14
C GLU B 439 16.71 -19.94 -14.07
N GLU B 440 17.22 -21.17 -14.16
CA GLU B 440 18.34 -21.44 -15.07
C GLU B 440 17.91 -21.23 -16.53
N PHE B 441 16.68 -21.62 -16.87
CA PHE B 441 16.16 -21.36 -18.21
C PHE B 441 16.07 -19.86 -18.48
N LYS B 442 15.64 -19.08 -17.50
CA LYS B 442 15.63 -17.63 -17.64
C LYS B 442 17.03 -17.09 -17.91
N VAL B 443 18.02 -17.61 -17.18
CA VAL B 443 19.39 -17.18 -17.40
C VAL B 443 19.85 -17.50 -18.82
N ARG B 444 19.50 -18.70 -19.31
CA ARG B 444 19.88 -19.07 -20.67
C ARG B 444 19.24 -18.14 -21.70
N ILE B 445 17.96 -17.81 -21.51
CA ILE B 445 17.29 -16.91 -22.45
C ILE B 445 17.93 -15.53 -22.42
N ASN B 446 18.24 -15.03 -21.22
CA ASN B 446 18.91 -13.73 -21.11
C ASN B 446 20.28 -13.74 -21.76
N ALA B 447 21.01 -14.85 -21.69
CA ALA B 447 22.28 -14.98 -22.40
C ALA B 447 22.10 -14.99 -23.90
N LEU B 448 21.06 -15.68 -24.40
CA LEU B 448 20.81 -15.69 -25.84
C LEU B 448 20.48 -14.29 -26.35
N VAL B 449 19.68 -13.54 -25.60
CA VAL B 449 19.35 -12.17 -26.01
C VAL B 449 20.61 -11.32 -26.08
N ALA B 450 21.47 -11.44 -25.06
CA ALA B 450 22.71 -10.66 -25.03
C ALA B 450 23.61 -11.01 -26.20
N LYS B 451 23.73 -12.30 -26.52
CA LYS B 451 24.54 -12.69 -27.66
C LYS B 451 23.97 -12.16 -28.96
N ALA B 452 22.64 -12.22 -29.12
CA ALA B 452 22.03 -11.77 -30.36
C ALA B 452 21.99 -10.25 -30.48
N GLN B 453 22.24 -9.53 -29.38
CA GLN B 453 22.19 -8.07 -29.43
C GLN B 453 23.26 -7.47 -30.33
N LYS B 454 24.34 -8.18 -30.60
CA LYS B 454 25.45 -7.66 -31.42
C LYS B 454 25.43 -8.37 -32.77
N VAL B 455 25.28 -7.58 -33.83
CA VAL B 455 25.18 -8.15 -35.19
C VAL B 455 26.58 -8.42 -35.73
N PRO B 456 26.83 -9.59 -36.33
CA PRO B 456 28.13 -9.84 -36.96
C PRO B 456 28.18 -9.22 -38.35
N PRO B 457 29.38 -9.00 -38.90
CA PRO B 457 29.49 -8.37 -40.22
C PRO B 457 29.00 -9.25 -41.36
N GLU B 458 29.57 -10.45 -41.48
CA GLU B 458 29.26 -11.31 -42.62
C GLU B 458 27.84 -11.86 -42.54
N GLY B 459 27.37 -12.12 -41.33
CA GLY B 459 26.01 -12.63 -41.13
C GLY B 459 25.97 -13.68 -40.04
N TRP B 460 24.75 -14.10 -39.70
CA TRP B 460 24.56 -15.08 -38.66
C TRP B 460 25.04 -16.45 -39.12
N ILE B 461 25.35 -17.31 -38.15
CA ILE B 461 25.91 -18.63 -38.41
C ILE B 461 25.09 -19.67 -37.67
N MET B 462 24.65 -20.71 -38.37
CA MET B 462 23.95 -21.82 -37.75
C MET B 462 24.95 -22.83 -37.21
N GLN B 463 24.46 -23.71 -36.32
CA GLN B 463 25.33 -24.66 -35.64
C GLN B 463 25.94 -25.66 -36.63
N ASP B 464 25.17 -26.09 -37.63
CA ASP B 464 25.67 -27.09 -38.57
C ASP B 464 26.82 -26.52 -39.40
N GLY B 465 26.62 -25.33 -39.97
CA GLY B 465 27.65 -24.72 -40.79
C GLY B 465 27.11 -23.73 -41.80
N THR B 466 26.05 -24.11 -42.49
CA THR B 466 25.45 -23.21 -43.48
C THR B 466 24.86 -21.99 -42.77
N PRO B 467 24.99 -20.80 -43.36
CA PRO B 467 24.53 -19.59 -42.67
C PRO B 467 23.01 -19.54 -42.55
N TRP B 468 22.55 -18.72 -41.63
CA TRP B 468 21.12 -18.53 -41.41
C TRP B 468 20.49 -17.89 -42.64
N PRO B 469 19.44 -18.47 -43.22
CA PRO B 469 18.82 -17.88 -44.41
C PRO B 469 18.12 -16.55 -44.16
N GLY B 470 17.97 -16.13 -42.90
CA GLY B 470 17.28 -14.90 -42.60
C GLY B 470 18.19 -13.70 -42.41
N ASN B 471 19.38 -13.75 -43.00
CA ASN B 471 20.31 -12.63 -42.85
C ASN B 471 19.73 -11.35 -43.41
N ASN B 472 19.14 -11.43 -44.60
CA ASN B 472 18.45 -10.29 -45.21
C ASN B 472 16.99 -10.36 -44.79
N THR B 473 16.58 -9.47 -43.90
CA THR B 473 15.23 -9.52 -43.34
C THR B 473 14.17 -9.33 -44.41
N LYS B 474 14.49 -8.61 -45.50
CA LYS B 474 13.53 -8.32 -46.56
C LYS B 474 13.64 -9.25 -47.74
N ASP B 475 14.40 -10.33 -47.62
CA ASP B 475 14.55 -11.29 -48.72
C ASP B 475 15.11 -12.57 -48.10
N HIS B 476 14.23 -13.55 -47.86
CA HIS B 476 14.65 -14.83 -47.31
C HIS B 476 13.68 -15.89 -47.80
N PRO B 477 14.15 -17.10 -48.10
CA PRO B 477 13.26 -18.16 -48.56
C PRO B 477 12.35 -18.67 -47.46
N GLY B 478 11.29 -19.40 -47.82
CA GLY B 478 10.47 -20.04 -46.82
C GLY B 478 11.24 -21.12 -46.09
N MET B 479 10.93 -21.29 -44.81
CA MET B 479 11.64 -22.25 -43.97
C MET B 479 10.73 -22.70 -42.84
N ILE B 480 10.59 -24.03 -42.71
CA ILE B 480 9.77 -24.63 -41.67
C ILE B 480 10.59 -25.72 -40.98
N GLN B 481 10.41 -25.85 -39.67
CA GLN B 481 11.08 -26.91 -38.93
C GLN B 481 10.15 -27.44 -37.85
N VAL B 482 10.40 -28.66 -37.40
CA VAL B 482 9.51 -29.40 -36.51
C VAL B 482 10.27 -29.82 -35.26
N PHE B 483 9.67 -29.58 -34.10
CA PHE B 483 10.20 -30.00 -32.81
C PHE B 483 9.14 -30.77 -32.05
N LEU B 484 9.58 -31.58 -31.09
CA LEU B 484 8.74 -32.21 -30.07
C LEU B 484 7.67 -33.14 -30.62
N GLY B 485 7.71 -33.47 -31.91
CA GLY B 485 6.70 -34.34 -32.47
C GLY B 485 6.89 -35.79 -32.07
N GLN B 486 6.35 -36.71 -32.86
CA GLN B 486 6.61 -38.13 -32.62
C GLN B 486 8.05 -38.48 -32.91
N SER B 487 8.67 -37.79 -33.87
CA SER B 487 10.09 -38.01 -34.13
C SER B 487 10.94 -37.53 -32.97
N GLY B 488 10.54 -36.42 -32.34
CA GLY B 488 11.28 -35.90 -31.23
C GLY B 488 11.18 -36.80 -30.00
N GLY B 489 12.14 -36.59 -29.10
CA GLY B 489 12.20 -37.43 -27.91
C GLY B 489 11.08 -37.13 -26.94
N HIS B 490 10.85 -38.11 -26.05
CA HIS B 490 9.84 -38.00 -25.02
C HIS B 490 10.31 -37.08 -23.90
N ASP B 491 9.45 -36.91 -22.89
CA ASP B 491 9.76 -36.04 -21.76
C ASP B 491 10.49 -36.84 -20.69
N THR B 492 10.08 -36.70 -19.43
CA THR B 492 10.72 -37.45 -18.35
C THR B 492 10.01 -38.78 -18.10
N GLU B 493 8.67 -38.75 -17.98
CA GLU B 493 7.92 -40.00 -17.79
C GLU B 493 7.98 -40.90 -19.00
N GLY B 494 7.87 -40.34 -20.21
CA GLY B 494 7.87 -41.11 -21.44
C GLY B 494 6.79 -40.73 -22.42
N ASN B 495 5.89 -39.81 -22.08
CA ASN B 495 4.83 -39.40 -22.99
C ASN B 495 5.37 -38.31 -23.92
N GLU B 496 5.24 -38.52 -25.23
CA GLU B 496 5.76 -37.57 -26.19
C GLU B 496 5.01 -36.24 -26.11
N LEU B 497 5.72 -35.18 -26.45
CA LEU B 497 5.19 -33.82 -26.36
C LEU B 497 4.33 -33.51 -27.57
N PRO B 498 3.46 -32.50 -27.46
CA PRO B 498 2.76 -32.01 -28.65
C PRO B 498 3.74 -31.45 -29.67
N ARG B 499 3.40 -31.61 -30.94
CA ARG B 499 4.26 -31.12 -32.00
C ARG B 499 4.33 -29.59 -31.97
N LEU B 500 5.51 -29.06 -32.31
CA LEU B 500 5.74 -27.62 -32.32
C LEU B 500 6.47 -27.28 -33.61
N VAL B 501 5.75 -26.70 -34.56
CA VAL B 501 6.32 -26.39 -35.87
C VAL B 501 6.53 -24.90 -35.99
N TYR B 502 7.73 -24.51 -36.40
CA TYR B 502 8.12 -23.12 -36.58
C TYR B 502 8.17 -22.83 -38.06
N VAL B 503 7.43 -21.80 -38.50
CA VAL B 503 7.26 -21.48 -39.91
C VAL B 503 7.76 -20.07 -40.16
N SER B 504 8.26 -19.84 -41.37
CA SER B 504 8.62 -18.50 -41.81
C SER B 504 8.44 -18.44 -43.32
N ARG B 505 7.43 -17.70 -43.76
CA ARG B 505 7.12 -17.58 -45.18
C ARG B 505 8.16 -16.74 -45.89
N GLU B 506 8.39 -17.06 -47.17
CA GLU B 506 9.32 -16.27 -47.97
C GLU B 506 8.74 -14.88 -48.21
N LYS B 507 9.62 -13.89 -48.30
CA LYS B 507 9.23 -12.50 -48.45
C LYS B 507 10.18 -11.82 -49.44
N ARG B 508 10.02 -12.16 -50.73
CA ARG B 508 10.78 -11.48 -51.76
C ARG B 508 10.34 -10.02 -51.86
N PRO B 509 11.28 -9.09 -52.05
CA PRO B 509 10.90 -7.69 -52.23
C PRO B 509 10.21 -7.48 -53.57
N GLY B 510 9.22 -6.58 -53.56
CA GLY B 510 8.45 -6.27 -54.75
C GLY B 510 7.03 -6.80 -54.75
N PHE B 511 6.60 -7.49 -53.69
CA PHE B 511 5.25 -7.99 -53.57
C PHE B 511 4.61 -7.45 -52.31
N LEU B 512 3.29 -7.29 -52.36
CA LEU B 512 2.54 -6.74 -51.24
C LEU B 512 2.42 -7.79 -50.14
N HIS B 513 2.88 -7.45 -48.94
CA HIS B 513 2.80 -8.33 -47.79
C HIS B 513 1.89 -7.71 -46.75
N HIS B 514 1.01 -8.52 -46.17
CA HIS B 514 0.01 -8.05 -45.23
C HIS B 514 0.48 -8.32 -43.81
N LYS B 515 0.15 -7.39 -42.90
CA LYS B 515 0.78 -7.38 -41.59
C LYS B 515 0.44 -8.63 -40.78
N LYS B 516 -0.83 -9.01 -40.76
CA LYS B 516 -1.25 -10.12 -39.91
C LYS B 516 -2.15 -11.14 -40.60
N ALA B 517 -3.01 -10.72 -41.53
CA ALA B 517 -3.88 -11.68 -42.21
C ALA B 517 -3.05 -12.64 -43.06
N GLY B 518 -1.96 -12.15 -43.65
CA GLY B 518 -1.13 -13.00 -44.49
C GLY B 518 -0.48 -14.14 -43.73
N ALA B 519 0.06 -13.83 -42.54
CA ALA B 519 0.70 -14.87 -41.74
C ALA B 519 -0.31 -15.92 -41.29
N MET B 520 -1.51 -15.49 -40.88
CA MET B 520 -2.54 -16.45 -40.49
C MET B 520 -2.99 -17.29 -41.68
N ASN B 521 -3.11 -16.68 -42.86
CA ASN B 521 -3.46 -17.45 -44.05
C ASN B 521 -2.38 -18.48 -44.37
N ALA B 522 -1.11 -18.10 -44.23
CA ALA B 522 -0.03 -19.04 -44.46
C ALA B 522 -0.09 -20.19 -43.45
N LEU B 523 -0.39 -19.88 -42.19
CA LEU B 523 -0.54 -20.93 -41.19
C LEU B 523 -1.69 -21.87 -41.54
N VAL B 524 -2.82 -21.31 -41.95
CA VAL B 524 -3.97 -22.13 -42.31
C VAL B 524 -3.64 -23.04 -43.49
N ARG B 525 -2.95 -22.50 -44.49
CA ARG B 525 -2.60 -23.30 -45.66
C ARG B 525 -1.54 -24.35 -45.35
N VAL B 526 -0.62 -24.07 -44.42
CA VAL B 526 0.37 -25.06 -44.03
C VAL B 526 -0.27 -26.18 -43.23
N SER B 527 -1.20 -25.85 -42.34
CA SER B 527 -1.82 -26.87 -41.49
C SER B 527 -2.55 -27.90 -42.33
N GLY B 528 -3.21 -27.47 -43.41
CA GLY B 528 -3.91 -28.39 -44.27
C GLY B 528 -3.03 -29.47 -44.86
N VAL B 529 -1.76 -29.17 -45.09
CA VAL B 529 -0.81 -30.14 -45.63
C VAL B 529 -0.15 -30.94 -44.51
N LEU B 530 0.24 -30.28 -43.42
CA LEU B 530 0.92 -30.98 -42.34
C LEU B 530 -0.07 -31.84 -41.55
N THR B 531 -0.94 -31.22 -40.75
CA THR B 531 -1.95 -31.95 -40.01
C THR B 531 -3.26 -31.15 -40.06
N ASN B 532 -4.28 -31.75 -40.65
CA ASN B 532 -5.55 -31.06 -40.84
C ASN B 532 -6.44 -31.25 -39.62
N ALA B 533 -6.97 -30.14 -39.10
CA ALA B 533 -7.83 -30.20 -37.93
C ALA B 533 -9.13 -29.44 -38.20
N PRO B 534 -10.26 -29.96 -37.73
CA PRO B 534 -11.54 -29.26 -37.94
C PRO B 534 -11.58 -27.87 -37.32
N PHE B 535 -10.91 -27.67 -36.19
CA PHE B 535 -10.94 -26.40 -35.48
C PHE B 535 -9.52 -25.89 -35.29
N MET B 536 -9.43 -24.61 -34.91
CA MET B 536 -8.13 -23.98 -34.70
C MET B 536 -8.28 -22.79 -33.77
N LEU B 537 -7.35 -22.67 -32.83
CA LEU B 537 -7.32 -21.56 -31.88
C LEU B 537 -6.18 -20.62 -32.23
N ASN B 538 -6.36 -19.32 -31.98
CA ASN B 538 -5.32 -18.34 -32.27
C ASN B 538 -5.02 -17.54 -31.02
N LEU B 539 -3.77 -17.08 -30.89
CA LEU B 539 -3.34 -16.36 -29.70
C LEU B 539 -2.27 -15.34 -30.08
N ASP B 540 -2.18 -14.30 -29.25
CA ASP B 540 -1.08 -13.37 -29.35
C ASP B 540 0.08 -13.86 -28.47
N CYS B 541 1.25 -13.26 -28.68
CA CYS B 541 2.42 -13.65 -27.91
C CYS B 541 2.24 -13.33 -26.42
N ASP B 542 1.66 -12.16 -26.12
CA ASP B 542 1.53 -11.75 -24.74
C ASP B 542 0.38 -12.44 -24.01
N HIS B 543 -0.51 -13.10 -24.72
CA HIS B 543 -1.66 -13.77 -24.12
C HIS B 543 -1.32 -15.23 -23.88
N TYR B 544 -1.36 -15.65 -22.63
CA TYR B 544 -1.12 -17.04 -22.25
C TYR B 544 -2.45 -17.70 -21.86
N ILE B 545 -2.38 -19.00 -21.59
CA ILE B 545 -3.55 -19.80 -21.27
C ILE B 545 -3.61 -19.98 -19.77
N ASN B 546 -4.66 -19.43 -19.15
CA ASN B 546 -4.84 -19.50 -17.70
C ASN B 546 -5.61 -20.76 -17.29
N ASN B 547 -6.82 -20.94 -17.81
CA ASN B 547 -7.59 -22.14 -17.57
C ASN B 547 -7.15 -23.23 -18.53
N SER B 548 -6.84 -24.40 -18.00
CA SER B 548 -6.23 -25.46 -18.78
C SER B 548 -7.22 -26.29 -19.58
N LYS B 549 -8.53 -25.99 -19.48
CA LYS B 549 -9.55 -26.73 -20.19
C LYS B 549 -10.31 -25.87 -21.20
N ALA B 550 -9.70 -24.80 -21.71
CA ALA B 550 -10.40 -23.88 -22.60
C ALA B 550 -10.84 -24.56 -23.88
N ALA B 551 -9.93 -25.31 -24.52
CA ALA B 551 -10.30 -26.05 -25.71
C ALA B 551 -11.31 -27.14 -25.39
N ARG B 552 -11.11 -27.84 -24.27
CA ARG B 552 -12.06 -28.84 -23.83
C ARG B 552 -13.42 -28.23 -23.49
N GLU B 553 -13.44 -26.96 -23.07
CA GLU B 553 -14.68 -26.26 -22.80
C GLU B 553 -15.32 -25.67 -24.05
N ALA B 554 -14.55 -25.50 -25.13
CA ALA B 554 -15.12 -25.10 -26.41
C ALA B 554 -15.62 -26.28 -27.23
N MET B 555 -15.09 -27.48 -26.99
CA MET B 555 -15.59 -28.65 -27.71
C MET B 555 -17.00 -29.04 -27.32
N CYS B 556 -17.43 -28.73 -26.09
CA CYS B 556 -18.83 -28.97 -25.76
C CYS B 556 -19.76 -28.13 -26.61
N PHE B 557 -19.28 -27.01 -27.15
CA PHE B 557 -20.06 -26.18 -28.06
C PHE B 557 -19.86 -26.56 -29.51
N LEU B 558 -18.64 -26.92 -29.92
CA LEU B 558 -18.34 -27.18 -31.31
C LEU B 558 -18.52 -28.64 -31.74
N MET B 559 -18.81 -29.54 -30.81
CA MET B 559 -18.91 -30.95 -31.16
C MET B 559 -20.30 -31.54 -30.97
N ASP B 560 -21.21 -30.81 -30.34
CA ASP B 560 -22.60 -31.25 -30.26
C ASP B 560 -23.24 -31.19 -31.64
N PRO B 561 -23.76 -32.30 -32.17
CA PRO B 561 -24.50 -32.21 -33.43
C PRO B 561 -25.77 -31.39 -33.34
N GLN B 562 -26.30 -31.18 -32.13
CA GLN B 562 -27.59 -30.51 -31.98
C GLN B 562 -27.43 -28.99 -32.04
N ILE B 563 -26.93 -28.39 -30.97
CA ILE B 563 -26.83 -26.94 -30.86
C ILE B 563 -25.46 -26.42 -31.26
N GLY B 564 -24.65 -27.24 -31.94
CA GLY B 564 -23.34 -26.81 -32.36
C GLY B 564 -23.06 -27.06 -33.82
N ARG B 565 -24.04 -27.60 -34.54
CA ARG B 565 -23.87 -27.90 -35.96
C ARG B 565 -23.74 -26.65 -36.82
N LYS B 566 -24.24 -25.50 -36.35
CA LYS B 566 -24.25 -24.29 -37.14
C LYS B 566 -23.47 -23.15 -36.51
N VAL B 567 -22.53 -23.45 -35.63
CA VAL B 567 -21.71 -22.42 -34.98
C VAL B 567 -20.38 -22.33 -35.71
N CYS B 568 -19.95 -21.11 -36.02
CA CYS B 568 -18.73 -20.91 -36.77
C CYS B 568 -17.51 -20.62 -35.90
N TYR B 569 -17.68 -19.98 -34.74
CA TYR B 569 -16.55 -19.84 -33.83
C TYR B 569 -17.05 -19.61 -32.40
N VAL B 570 -16.14 -19.87 -31.46
CA VAL B 570 -16.37 -19.66 -30.03
C VAL B 570 -15.42 -18.56 -29.57
N GLN B 571 -15.95 -17.56 -28.88
CA GLN B 571 -15.20 -16.38 -28.48
C GLN B 571 -15.17 -16.25 -26.97
N PHE B 572 -13.97 -15.99 -26.43
CA PHE B 572 -13.72 -15.75 -25.02
C PHE B 572 -13.44 -14.27 -24.77
N PRO B 573 -13.76 -13.76 -23.59
CA PRO B 573 -13.47 -12.36 -23.30
C PRO B 573 -11.99 -12.15 -23.04
N GLN B 574 -11.52 -10.94 -23.32
CA GLN B 574 -10.12 -10.59 -23.10
C GLN B 574 -9.93 -10.14 -21.66
N ARG B 575 -9.26 -10.97 -20.87
CA ARG B 575 -8.90 -10.62 -19.50
C ARG B 575 -7.43 -10.24 -19.46
N PHE B 576 -7.13 -9.20 -18.70
CA PHE B 576 -5.77 -8.66 -18.60
C PHE B 576 -5.23 -8.84 -17.19
N ASP B 577 -3.91 -8.95 -17.10
CA ASP B 577 -3.20 -9.19 -15.84
C ASP B 577 -2.31 -7.98 -15.51
N GLY B 578 -2.08 -7.79 -14.22
CA GLY B 578 -1.26 -6.69 -13.77
C GLY B 578 -1.93 -5.34 -13.73
N ILE B 579 -3.24 -5.27 -13.95
CA ILE B 579 -3.94 -4.00 -13.90
C ILE B 579 -4.02 -3.52 -12.46
N ASP B 580 -3.90 -2.21 -12.28
CA ASP B 580 -3.97 -1.60 -10.96
C ASP B 580 -5.41 -1.61 -10.45
N ARG B 581 -5.55 -1.45 -9.13
CA ARG B 581 -6.88 -1.35 -8.53
C ARG B 581 -7.62 -0.14 -9.08
N HIS B 582 -6.95 0.99 -9.20
CA HIS B 582 -7.51 2.15 -9.88
C HIS B 582 -7.34 2.00 -11.38
N ASP B 583 -8.41 2.27 -12.13
CA ASP B 583 -8.37 2.22 -13.58
C ASP B 583 -7.98 3.61 -14.09
N ARG B 584 -6.70 3.77 -14.41
CA ARG B 584 -6.19 5.10 -14.78
C ARG B 584 -6.78 5.56 -16.11
N TYR B 585 -6.93 4.66 -17.07
CA TYR B 585 -7.38 5.03 -18.41
C TYR B 585 -8.17 3.89 -19.06
N ALA B 586 -9.08 3.30 -18.30
CA ALA B 586 -10.07 2.35 -18.82
C ALA B 586 -9.41 1.17 -19.55
N ASN B 587 -8.59 0.42 -18.80
CA ASN B 587 -7.97 -0.77 -19.36
C ASN B 587 -8.78 -2.03 -19.12
N ARG B 588 -9.72 -2.00 -18.17
CA ARG B 588 -10.42 -3.23 -17.80
C ARG B 588 -11.46 -3.60 -18.85
N ASN B 589 -12.08 -2.61 -19.49
CA ASN B 589 -13.07 -2.83 -20.55
C ASN B 589 -14.24 -3.66 -20.06
N THR B 590 -14.79 -3.32 -18.89
CA THR B 590 -15.89 -4.10 -18.32
C THR B 590 -17.16 -3.97 -19.15
N VAL B 591 -17.49 -2.75 -19.59
CA VAL B 591 -18.79 -2.51 -20.20
C VAL B 591 -18.94 -3.33 -21.48
N PHE B 592 -17.93 -3.32 -22.33
CA PHE B 592 -17.96 -4.08 -23.57
C PHE B 592 -18.16 -5.56 -23.32
N PHE B 593 -17.13 -6.22 -22.78
CA PHE B 593 -17.11 -7.67 -22.62
C PHE B 593 -18.16 -8.19 -21.63
N ASP B 594 -18.76 -7.33 -20.82
CA ASP B 594 -19.73 -7.76 -19.82
C ASP B 594 -21.17 -7.43 -20.17
N ILE B 595 -21.43 -6.30 -20.83
CA ILE B 595 -22.79 -5.90 -21.18
C ILE B 595 -23.03 -6.17 -22.65
N ASN B 596 -22.21 -5.55 -23.51
CA ASN B 596 -22.52 -5.53 -24.93
C ASN B 596 -22.47 -6.93 -25.54
N MET B 597 -21.37 -7.65 -25.31
CA MET B 597 -21.20 -8.94 -25.96
C MET B 597 -22.04 -10.01 -25.28
N LYS B 598 -22.20 -9.93 -23.96
CA LYS B 598 -23.10 -10.86 -23.28
C LYS B 598 -24.54 -10.69 -23.73
N GLY B 599 -25.00 -9.46 -23.89
CA GLY B 599 -26.35 -9.23 -24.38
C GLY B 599 -26.50 -9.41 -25.87
N LEU B 600 -25.40 -9.42 -26.61
CA LEU B 600 -25.41 -9.66 -28.05
C LEU B 600 -25.27 -11.14 -28.38
N ASP B 601 -24.89 -11.96 -27.39
CA ASP B 601 -24.80 -13.40 -27.59
C ASP B 601 -26.13 -14.01 -28.04
N GLY B 602 -27.26 -13.40 -27.69
CA GLY B 602 -28.55 -13.91 -28.12
C GLY B 602 -28.79 -13.83 -29.61
N ILE B 603 -27.95 -13.07 -30.34
CA ILE B 603 -28.10 -12.90 -31.77
C ILE B 603 -26.82 -13.26 -32.50
N GLN B 604 -26.77 -14.48 -33.03
CA GLN B 604 -25.67 -14.95 -33.89
C GLN B 604 -24.30 -14.82 -33.21
N GLY B 605 -24.29 -14.66 -31.89
CA GLY B 605 -23.05 -14.62 -31.14
C GLY B 605 -22.28 -13.33 -31.32
N PRO B 606 -21.19 -13.17 -30.57
CA PRO B 606 -20.49 -11.89 -30.52
C PRO B 606 -19.69 -11.59 -31.78
N VAL B 607 -18.91 -10.51 -31.74
CA VAL B 607 -18.05 -10.10 -32.85
C VAL B 607 -16.64 -10.59 -32.56
N TYR B 608 -15.95 -11.01 -33.61
CA TYR B 608 -14.60 -11.55 -33.45
C TYR B 608 -13.58 -10.48 -33.08
N VAL B 609 -13.16 -10.45 -31.83
CA VAL B 609 -12.06 -9.59 -31.43
C VAL B 609 -10.74 -10.21 -31.88
N GLY B 610 -9.64 -9.59 -31.46
CA GLY B 610 -8.32 -10.00 -31.91
C GLY B 610 -7.95 -11.43 -31.61
N THR B 611 -7.60 -11.71 -30.36
CA THR B 611 -7.04 -13.01 -29.97
C THR B 611 -7.97 -13.72 -29.00
N GLY B 612 -7.76 -15.02 -28.87
CA GLY B 612 -8.55 -15.83 -27.96
C GLY B 612 -9.89 -16.23 -28.55
N CYS B 613 -9.87 -17.05 -29.59
CA CYS B 613 -11.09 -17.48 -30.25
C CYS B 613 -10.80 -18.76 -31.01
N VAL B 614 -11.76 -19.69 -30.99
CA VAL B 614 -11.62 -20.98 -31.66
C VAL B 614 -12.53 -20.99 -32.88
N PHE B 615 -11.92 -21.10 -34.06
CA PHE B 615 -12.62 -21.12 -35.33
C PHE B 615 -12.81 -22.54 -35.82
N ARG B 616 -13.81 -22.72 -36.68
CA ARG B 616 -14.02 -23.97 -37.40
C ARG B 616 -13.43 -23.83 -38.79
N ARG B 617 -12.61 -24.82 -39.19
CA ARG B 617 -11.89 -24.71 -40.45
C ARG B 617 -12.83 -24.62 -41.64
N GLN B 618 -13.88 -25.44 -41.66
CA GLN B 618 -14.78 -25.48 -42.80
C GLN B 618 -15.53 -24.17 -43.01
N ALA B 619 -15.57 -23.30 -42.01
CA ALA B 619 -16.20 -22.00 -42.17
C ALA B 619 -15.28 -20.97 -42.81
N LEU B 620 -13.98 -21.06 -42.57
CA LEU B 620 -13.04 -20.10 -43.16
C LEU B 620 -12.95 -20.27 -44.67
N TYR B 621 -13.24 -21.46 -45.18
CA TYR B 621 -13.14 -21.73 -46.61
C TYR B 621 -14.28 -21.09 -47.40
N GLY B 622 -15.29 -20.54 -46.74
CA GLY B 622 -16.39 -19.87 -47.42
C GLY B 622 -17.65 -20.70 -47.56
N TYR B 623 -17.63 -21.95 -47.11
CA TYR B 623 -18.80 -22.81 -47.26
C TYR B 623 -19.91 -22.40 -46.30
N GLU B 624 -21.14 -22.51 -46.77
CA GLU B 624 -22.32 -22.25 -45.97
C GLU B 624 -22.57 -23.41 -45.01
N PRO B 625 -23.30 -23.17 -43.93
CA PRO B 625 -23.56 -24.25 -42.95
C PRO B 625 -24.37 -25.37 -43.57
N PRO B 626 -24.22 -26.60 -43.07
CA PRO B 626 -24.87 -27.75 -43.71
C PRO B 626 -26.38 -27.77 -43.54
N LYS B 627 -27.00 -28.87 -43.96
CA LYS B 627 -28.45 -29.07 -43.87
C LYS B 627 -29.22 -27.96 -44.57
N GLY B 628 -28.70 -27.48 -45.70
CA GLY B 628 -29.36 -26.43 -46.46
C GLY B 628 -29.40 -25.10 -45.74
N MET B 675 -11.49 -30.98 -65.05
CA MET B 675 -12.88 -30.60 -65.24
C MET B 675 -13.36 -29.80 -64.03
N SER B 676 -13.60 -30.50 -62.92
CA SER B 676 -14.04 -29.83 -61.70
C SER B 676 -12.88 -29.13 -60.99
N GLN B 677 -11.66 -29.65 -61.15
CA GLN B 677 -10.52 -29.13 -60.40
C GLN B 677 -10.25 -27.65 -60.68
N MET B 678 -10.70 -27.13 -61.82
CA MET B 678 -10.40 -25.76 -62.20
C MET B 678 -11.03 -24.76 -61.23
N ASN B 679 -12.28 -24.99 -60.81
CA ASN B 679 -12.93 -24.04 -59.91
C ASN B 679 -12.24 -24.04 -58.55
N PHE B 680 -11.78 -25.22 -58.12
CA PHE B 680 -10.98 -25.30 -56.91
C PHE B 680 -9.69 -24.51 -57.05
N GLU B 681 -9.06 -24.58 -58.23
CA GLU B 681 -7.81 -23.85 -58.44
C GLU B 681 -8.02 -22.34 -58.44
N LYS B 682 -9.12 -21.85 -59.03
CA LYS B 682 -9.45 -20.45 -58.82
C LYS B 682 -9.77 -20.13 -57.37
N LYS B 683 -10.48 -21.00 -56.66
CA LYS B 683 -10.95 -20.66 -55.33
C LYS B 683 -9.79 -20.52 -54.36
N PHE B 684 -8.84 -21.45 -54.40
CA PHE B 684 -7.72 -21.41 -53.47
C PHE B 684 -6.56 -22.26 -53.99
N GLY B 685 -5.49 -21.59 -54.40
CA GLY B 685 -4.24 -22.23 -54.77
C GLY B 685 -4.29 -23.14 -55.99
N GLN B 686 -3.11 -23.46 -56.53
CA GLN B 686 -2.98 -24.50 -57.54
C GLN B 686 -2.28 -25.74 -57.00
N SER B 687 -2.18 -25.86 -55.68
CA SER B 687 -1.56 -27.01 -55.03
C SER B 687 -2.59 -28.11 -54.90
N ALA B 688 -2.38 -29.22 -55.63
CA ALA B 688 -3.37 -30.30 -55.62
C ALA B 688 -3.49 -30.93 -54.24
N ILE B 689 -2.37 -31.09 -53.53
CA ILE B 689 -2.38 -31.77 -52.24
C ILE B 689 -3.24 -31.00 -51.24
N PHE B 690 -3.05 -29.69 -51.17
CA PHE B 690 -3.82 -28.88 -50.21
C PHE B 690 -5.29 -28.83 -50.60
N VAL B 691 -5.58 -28.75 -51.90
CA VAL B 691 -6.95 -28.74 -52.36
C VAL B 691 -7.65 -30.04 -51.97
N THR B 692 -6.98 -31.18 -52.16
CA THR B 692 -7.53 -32.45 -51.72
C THR B 692 -7.69 -32.51 -50.21
N SER B 693 -6.75 -31.94 -49.46
CA SER B 693 -6.81 -31.91 -48.01
C SER B 693 -7.98 -31.09 -47.48
N THR B 694 -8.49 -30.14 -48.27
CA THR B 694 -9.65 -29.35 -47.87
C THR B 694 -10.98 -30.06 -48.11
N LEU B 695 -11.03 -30.99 -49.06
CA LEU B 695 -12.28 -31.68 -49.37
C LEU B 695 -12.68 -32.70 -48.31
N MET B 696 -11.83 -32.97 -47.34
CA MET B 696 -12.16 -33.88 -46.24
C MET B 696 -13.09 -33.14 -45.29
N ASP B 697 -14.23 -33.75 -44.96
CA ASP B 697 -15.24 -33.06 -44.18
C ASP B 697 -14.76 -32.71 -42.79
N GLN B 698 -14.11 -33.65 -42.10
CA GLN B 698 -13.63 -33.41 -40.74
C GLN B 698 -12.32 -34.14 -40.54
N GLY B 699 -11.23 -33.39 -40.46
CA GLY B 699 -9.94 -33.97 -40.15
C GLY B 699 -9.39 -34.80 -41.30
N GLY B 700 -8.33 -35.54 -40.97
CA GLY B 700 -7.69 -36.41 -41.94
C GLY B 700 -6.72 -35.67 -42.85
N VAL B 701 -5.79 -36.42 -43.41
CA VAL B 701 -4.78 -35.86 -44.30
C VAL B 701 -4.82 -36.62 -45.63
N PRO B 702 -4.35 -36.00 -46.70
CA PRO B 702 -4.35 -36.67 -48.01
C PRO B 702 -3.54 -37.96 -47.96
N PRO B 703 -3.92 -38.97 -48.76
CA PRO B 703 -3.31 -40.30 -48.63
C PRO B 703 -1.85 -40.39 -49.06
N SER B 704 -1.15 -39.26 -49.20
CA SER B 704 0.28 -39.33 -49.49
C SER B 704 1.04 -39.98 -48.34
N SER B 705 0.69 -39.62 -47.11
CA SER B 705 1.21 -40.26 -45.89
C SER B 705 2.71 -40.06 -45.70
N SER B 706 3.49 -40.23 -46.76
CA SER B 706 4.94 -40.11 -46.68
C SER B 706 5.33 -38.70 -46.26
N PRO B 707 6.11 -38.53 -45.20
CA PRO B 707 6.46 -37.16 -44.75
C PRO B 707 7.28 -36.38 -45.76
N ALA B 708 7.96 -37.05 -46.70
CA ALA B 708 8.81 -36.35 -47.65
C ALA B 708 8.00 -35.39 -48.52
N ALA B 709 6.92 -35.90 -49.13
CA ALA B 709 6.11 -35.05 -49.99
C ALA B 709 5.46 -33.91 -49.21
N LEU B 710 4.94 -34.20 -48.02
CA LEU B 710 4.28 -33.16 -47.23
C LEU B 710 5.27 -32.07 -46.82
N LEU B 711 6.46 -32.47 -46.36
CA LEU B 711 7.46 -31.50 -45.92
C LEU B 711 8.16 -30.81 -47.07
N LYS B 712 8.05 -31.34 -48.29
CA LYS B 712 8.56 -30.65 -49.47
C LYS B 712 7.52 -29.77 -50.14
N GLU B 713 6.23 -30.00 -49.87
CA GLU B 713 5.17 -29.21 -50.46
C GLU B 713 4.65 -28.10 -49.55
N ALA B 714 4.68 -28.29 -48.23
CA ALA B 714 4.30 -27.23 -47.32
C ALA B 714 5.19 -26.01 -47.42
N ILE B 715 6.43 -26.18 -47.91
CA ILE B 715 7.29 -25.04 -48.23
C ILE B 715 6.92 -24.41 -49.56
N HIS B 716 6.28 -25.16 -50.46
CA HIS B 716 5.74 -24.59 -51.69
C HIS B 716 4.48 -23.78 -51.43
N VAL B 717 3.70 -24.17 -50.42
CA VAL B 717 2.43 -23.49 -50.13
C VAL B 717 2.65 -22.07 -49.62
N ILE B 718 3.78 -21.78 -48.99
CA ILE B 718 4.07 -20.44 -48.48
C ILE B 718 4.92 -19.63 -49.45
N SER B 719 4.74 -19.85 -50.75
CA SER B 719 5.46 -19.05 -51.74
C SER B 719 4.92 -17.62 -51.76
N CYS B 720 5.67 -16.73 -52.39
CA CYS B 720 5.31 -15.32 -52.43
C CYS B 720 4.27 -14.99 -53.50
N GLY B 721 4.01 -15.90 -54.44
CA GLY B 721 3.04 -15.65 -55.48
C GLY B 721 1.85 -16.59 -55.44
N TYR B 722 1.63 -17.21 -54.29
CA TYR B 722 0.54 -18.17 -54.16
C TYR B 722 -0.82 -17.49 -54.28
N GLU B 723 -1.02 -16.41 -53.51
CA GLU B 723 -2.30 -15.71 -53.49
C GLU B 723 -2.31 -14.63 -54.58
N ASP B 724 -2.57 -15.09 -55.81
CA ASP B 724 -2.63 -14.20 -56.95
C ASP B 724 -3.99 -14.31 -57.63
N LYS B 725 -4.17 -15.36 -58.44
CA LYS B 725 -5.42 -15.56 -59.15
C LYS B 725 -6.41 -16.33 -58.28
N THR B 726 -6.30 -16.18 -56.96
CA THR B 726 -7.16 -16.90 -56.04
C THR B 726 -8.04 -15.94 -55.24
N GLU B 727 -8.80 -16.48 -54.29
CA GLU B 727 -9.72 -15.70 -53.48
C GLU B 727 -9.24 -15.49 -52.05
N TRP B 728 -8.00 -15.85 -51.75
CA TRP B 728 -7.50 -15.68 -50.39
C TRP B 728 -7.46 -14.21 -50.01
N GLY B 729 -8.00 -13.89 -48.84
CA GLY B 729 -8.02 -12.54 -48.34
C GLY B 729 -9.18 -11.68 -48.83
N SER B 730 -9.88 -12.11 -49.87
CA SER B 730 -11.06 -11.40 -50.35
C SER B 730 -12.37 -12.13 -50.07
N GLU B 731 -12.34 -13.46 -49.99
CA GLU B 731 -13.51 -14.24 -49.63
C GLU B 731 -13.22 -15.39 -48.67
N LEU B 732 -11.98 -15.85 -48.55
CA LEU B 732 -11.62 -16.95 -47.67
C LEU B 732 -10.63 -16.47 -46.60
N GLY B 733 -10.47 -17.31 -45.58
CA GLY B 733 -9.50 -17.03 -44.54
C GLY B 733 -9.78 -15.73 -43.82
N TRP B 734 -8.73 -14.92 -43.68
CA TRP B 734 -8.80 -13.64 -42.99
C TRP B 734 -8.85 -12.54 -44.02
N ILE B 735 -9.88 -11.69 -43.93
CA ILE B 735 -10.13 -10.70 -44.97
C ILE B 735 -9.04 -9.65 -44.98
N TYR B 736 -8.46 -9.40 -46.16
CA TYR B 736 -7.41 -8.41 -46.31
C TYR B 736 -7.97 -6.99 -46.19
N GLY B 737 -8.29 -6.57 -44.97
CA GLY B 737 -8.81 -5.24 -44.75
C GLY B 737 -7.74 -4.17 -44.84
N SER B 738 -7.77 -3.22 -43.90
CA SER B 738 -6.79 -2.14 -43.89
C SER B 738 -5.78 -2.33 -42.76
N ILE B 739 -6.15 -1.90 -41.56
CA ILE B 739 -5.28 -1.98 -40.40
C ILE B 739 -5.72 -3.10 -39.46
N THR B 740 -7.02 -3.16 -39.14
CA THR B 740 -7.58 -4.22 -38.32
C THR B 740 -8.47 -5.09 -39.20
N GLU B 741 -8.24 -6.40 -39.18
CA GLU B 741 -8.92 -7.33 -40.07
C GLU B 741 -9.79 -8.33 -39.32
N ASP B 742 -9.89 -8.21 -37.99
CA ASP B 742 -10.66 -9.18 -37.21
C ASP B 742 -12.15 -9.01 -37.45
N ILE B 743 -12.64 -7.77 -37.40
CA ILE B 743 -14.07 -7.52 -37.51
C ILE B 743 -14.60 -7.94 -38.88
N LEU B 744 -13.86 -7.60 -39.93
CA LEU B 744 -14.27 -8.01 -41.28
C LEU B 744 -14.24 -9.53 -41.41
N THR B 745 -13.25 -10.18 -40.80
CA THR B 745 -13.17 -11.64 -40.84
C THR B 745 -14.40 -12.27 -40.20
N GLY B 746 -14.81 -11.77 -39.04
CA GLY B 746 -16.02 -12.29 -38.41
C GLY B 746 -17.28 -11.98 -39.19
N PHE B 747 -17.37 -10.75 -39.72
CA PHE B 747 -18.58 -10.31 -40.39
C PHE B 747 -18.77 -11.03 -41.73
N LYS B 748 -17.69 -11.40 -42.40
CA LYS B 748 -17.82 -12.11 -43.67
C LYS B 748 -18.54 -13.44 -43.50
N MET B 749 -18.32 -14.12 -42.38
CA MET B 749 -19.00 -15.38 -42.10
C MET B 749 -20.32 -15.21 -41.36
N HIS B 750 -20.49 -14.12 -40.62
CA HIS B 750 -21.82 -13.83 -40.07
C HIS B 750 -22.81 -13.46 -41.17
N CYS B 751 -22.34 -12.83 -42.24
CA CYS B 751 -23.20 -12.49 -43.37
C CYS B 751 -23.81 -13.72 -44.02
N ARG B 752 -23.17 -14.89 -43.90
CA ARG B 752 -23.77 -16.14 -44.34
C ARG B 752 -24.75 -16.64 -43.28
N GLY B 753 -24.96 -17.95 -43.23
CA GLY B 753 -25.91 -18.50 -42.28
C GLY B 753 -25.28 -19.00 -41.01
N TRP B 754 -24.06 -18.56 -40.73
CA TRP B 754 -23.29 -19.07 -39.60
C TRP B 754 -23.62 -18.33 -38.31
N ARG B 755 -23.61 -19.07 -37.21
CA ARG B 755 -23.70 -18.53 -35.87
C ARG B 755 -22.33 -18.54 -35.21
N SER B 756 -22.15 -17.68 -34.21
CA SER B 756 -21.00 -17.74 -33.33
C SER B 756 -21.53 -17.80 -31.91
N ILE B 757 -20.64 -18.06 -30.96
CA ILE B 757 -21.08 -18.28 -29.59
C ILE B 757 -20.04 -17.73 -28.63
N TYR B 758 -20.52 -17.16 -27.53
CA TYR B 758 -19.70 -16.51 -26.51
C TYR B 758 -19.58 -17.40 -25.28
N CYS B 759 -18.41 -17.34 -24.64
CA CYS B 759 -18.12 -18.24 -23.51
C CYS B 759 -17.45 -17.47 -22.39
N MET B 760 -17.92 -17.69 -21.17
CA MET B 760 -17.32 -17.11 -19.96
C MET B 760 -17.04 -18.22 -18.95
N PRO B 761 -15.84 -18.81 -18.99
CA PRO B 761 -15.46 -19.76 -17.95
C PRO B 761 -15.31 -19.05 -16.61
N LYS B 762 -15.61 -19.79 -15.54
CA LYS B 762 -15.42 -19.22 -14.21
C LYS B 762 -13.97 -18.89 -13.95
N LEU B 763 -13.06 -19.80 -14.30
CA LEU B 763 -11.63 -19.49 -14.31
C LEU B 763 -11.31 -18.90 -15.67
N PRO B 764 -10.81 -17.68 -15.75
CA PRO B 764 -10.58 -17.05 -17.06
C PRO B 764 -9.70 -17.90 -17.95
N ALA B 765 -10.08 -18.01 -19.22
CA ALA B 765 -9.39 -18.92 -20.13
C ALA B 765 -8.03 -18.36 -20.54
N PHE B 766 -8.00 -17.13 -21.04
CA PHE B 766 -6.77 -16.52 -21.53
C PHE B 766 -6.58 -15.18 -20.84
N LYS B 767 -5.41 -14.99 -20.25
CA LYS B 767 -5.02 -13.73 -19.64
C LYS B 767 -3.85 -13.14 -20.41
N GLY B 768 -3.89 -11.84 -20.67
CA GLY B 768 -2.86 -11.17 -21.43
C GLY B 768 -2.35 -9.94 -20.71
N SER B 769 -1.14 -9.55 -21.09
CA SER B 769 -0.53 -8.36 -20.51
C SER B 769 -1.26 -7.10 -20.96
N ALA B 770 -1.18 -6.07 -20.13
CA ALA B 770 -1.86 -4.81 -20.37
C ALA B 770 -0.88 -3.74 -20.83
N PRO B 771 -1.34 -2.73 -21.57
CA PRO B 771 -0.45 -1.64 -21.95
C PRO B 771 0.09 -0.91 -20.73
N ILE B 772 1.33 -0.43 -20.85
CA ILE B 772 2.03 0.12 -19.70
C ILE B 772 1.61 1.56 -19.44
N ASN B 773 1.76 2.43 -20.43
CA ASN B 773 1.53 3.86 -20.27
C ASN B 773 0.36 4.32 -21.14
N LEU B 774 -0.02 5.58 -20.95
CA LEU B 774 -1.19 6.13 -21.63
C LEU B 774 -0.90 6.45 -23.09
N SER B 775 0.37 6.65 -23.46
CA SER B 775 0.70 6.93 -24.85
C SER B 775 0.35 5.75 -25.76
N ASP B 776 0.70 4.54 -25.32
CA ASP B 776 0.31 3.34 -26.05
C ASP B 776 -1.20 3.20 -26.09
N ARG B 777 -1.88 3.57 -25.00
CA ARG B 777 -3.34 3.55 -24.96
C ARG B 777 -3.93 4.45 -26.04
N LEU B 778 -3.43 5.68 -26.15
CA LEU B 778 -3.95 6.61 -27.14
C LEU B 778 -3.62 6.16 -28.56
N ASN B 779 -2.41 5.66 -28.79
CA ASN B 779 -2.09 5.09 -30.10
C ASN B 779 -3.03 3.94 -30.43
N GLN B 780 -3.35 3.12 -29.43
CA GLN B 780 -4.22 1.97 -29.63
C GLN B 780 -5.63 2.38 -30.01
N VAL B 781 -6.19 3.38 -29.31
CA VAL B 781 -7.54 3.82 -29.66
C VAL B 781 -7.54 4.50 -31.02
N LEU B 782 -6.46 5.22 -31.35
CA LEU B 782 -6.37 5.81 -32.69
C LEU B 782 -6.35 4.73 -33.76
N ARG B 783 -5.59 3.66 -33.54
CA ARG B 783 -5.52 2.59 -34.52
C ARG B 783 -6.86 1.89 -34.69
N TRP B 784 -7.54 1.57 -33.58
CA TRP B 784 -8.86 0.96 -33.68
C TRP B 784 -9.86 1.86 -34.40
N ALA B 785 -9.89 3.15 -34.04
CA ALA B 785 -10.83 4.07 -34.66
C ALA B 785 -10.56 4.22 -36.15
N LEU B 786 -9.28 4.31 -36.53
CA LEU B 786 -8.94 4.43 -37.94
C LEU B 786 -9.30 3.17 -38.72
N GLY B 787 -9.08 2.00 -38.12
CA GLY B 787 -9.53 0.77 -38.75
C GLY B 787 -11.02 0.77 -39.00
N SER B 788 -11.80 1.19 -38.00
CA SER B 788 -13.24 1.27 -38.18
C SER B 788 -13.61 2.28 -39.26
N VAL B 789 -12.93 3.42 -39.30
CA VAL B 789 -13.24 4.45 -40.30
C VAL B 789 -12.99 3.91 -41.70
N GLU B 790 -11.86 3.23 -41.90
CA GLU B 790 -11.58 2.66 -43.21
C GLU B 790 -12.51 1.51 -43.54
N ILE B 791 -13.01 0.78 -42.54
CA ILE B 791 -14.03 -0.22 -42.79
C ILE B 791 -15.31 0.44 -43.30
N PHE B 792 -15.64 1.63 -42.79
CA PHE B 792 -16.84 2.34 -43.20
C PHE B 792 -16.74 2.90 -44.61
N PHE B 793 -15.79 2.41 -45.42
CA PHE B 793 -15.59 3.00 -46.73
C PHE B 793 -15.38 1.98 -47.85
N SER B 794 -15.52 0.69 -47.61
CA SER B 794 -15.31 -0.31 -48.63
C SER B 794 -16.63 -1.00 -48.96
N ARG B 795 -16.56 -2.00 -49.86
CA ARG B 795 -17.74 -2.78 -50.20
C ARG B 795 -18.15 -3.72 -49.08
N HIS B 796 -17.30 -3.95 -48.09
CA HIS B 796 -17.62 -4.81 -46.96
C HIS B 796 -18.30 -4.04 -45.82
N CYS B 797 -18.74 -2.82 -46.06
CA CYS B 797 -19.33 -2.01 -44.99
C CYS B 797 -20.61 -2.66 -44.50
N PRO B 798 -20.82 -2.76 -43.19
CA PRO B 798 -22.03 -3.42 -42.68
C PRO B 798 -23.32 -2.71 -43.04
N ALA B 799 -23.27 -1.44 -43.44
CA ALA B 799 -24.49 -0.69 -43.69
C ALA B 799 -25.28 -1.27 -44.87
N TRP B 800 -24.59 -1.64 -45.95
CA TRP B 800 -25.30 -2.11 -47.14
C TRP B 800 -24.67 -3.36 -47.75
N TYR B 801 -23.94 -4.15 -46.96
CA TYR B 801 -23.36 -5.39 -47.47
C TYR B 801 -24.40 -6.50 -47.39
N GLY B 802 -24.74 -7.06 -48.55
CA GLY B 802 -25.62 -8.21 -48.60
C GLY B 802 -27.01 -7.97 -48.06
N LEU B 803 -27.62 -6.83 -48.40
CA LEU B 803 -29.00 -6.58 -48.01
C LEU B 803 -29.93 -7.63 -48.61
N LYS B 804 -29.74 -7.94 -49.89
CA LYS B 804 -30.43 -9.06 -50.49
C LYS B 804 -29.70 -10.36 -50.17
N GLY B 805 -30.47 -11.43 -50.04
CA GLY B 805 -29.92 -12.70 -49.60
C GLY B 805 -30.10 -12.90 -48.11
N ALA B 806 -30.07 -11.79 -47.38
CA ALA B 806 -30.34 -11.75 -45.93
C ALA B 806 -29.31 -12.62 -45.22
N LYS B 807 -29.72 -13.69 -44.53
CA LYS B 807 -28.84 -14.59 -43.77
C LYS B 807 -28.21 -13.90 -42.56
N LEU B 808 -28.30 -12.58 -42.49
CA LEU B 808 -27.83 -11.82 -41.35
C LEU B 808 -29.02 -11.14 -40.67
N ARG B 809 -29.18 -11.37 -39.38
CA ARG B 809 -30.28 -10.78 -38.65
C ARG B 809 -30.08 -9.27 -38.48
N TRP B 810 -31.19 -8.54 -38.38
CA TRP B 810 -31.13 -7.09 -38.39
C TRP B 810 -30.42 -6.54 -37.16
N LEU B 811 -30.63 -7.16 -36.00
CA LEU B 811 -29.99 -6.67 -34.77
C LEU B 811 -28.47 -6.77 -34.86
N GLU B 812 -27.96 -7.84 -35.46
CA GLU B 812 -26.52 -7.94 -35.69
C GLU B 812 -26.03 -6.86 -36.64
N ARG B 813 -26.84 -6.51 -37.65
CA ARG B 813 -26.48 -5.42 -38.53
C ARG B 813 -26.39 -4.10 -37.77
N PHE B 814 -27.34 -3.87 -36.86
CA PHE B 814 -27.27 -2.67 -36.03
C PHE B 814 -26.02 -2.67 -35.14
N ALA B 815 -25.68 -3.84 -34.59
CA ALA B 815 -24.48 -3.92 -33.77
C ALA B 815 -23.22 -3.62 -34.58
N TYR B 816 -23.14 -4.16 -35.79
CA TYR B 816 -21.99 -3.88 -36.65
C TYR B 816 -21.95 -2.41 -37.06
N VAL B 817 -23.11 -1.81 -37.32
CA VAL B 817 -23.17 -0.39 -37.66
C VAL B 817 -22.70 0.45 -36.48
N ASN B 818 -23.07 0.08 -35.27
CA ASN B 818 -22.55 0.76 -34.08
C ASN B 818 -21.03 0.64 -34.01
N THR B 819 -20.52 -0.59 -34.13
CA THR B 819 -19.09 -0.84 -34.04
C THR B 819 -18.32 -0.15 -35.17
N THR B 820 -19.01 0.23 -36.24
CA THR B 820 -18.38 0.91 -37.36
C THR B 820 -18.42 2.43 -37.23
N ILE B 821 -19.55 2.98 -36.80
CA ILE B 821 -19.75 4.43 -36.80
C ILE B 821 -19.59 5.03 -35.41
N TYR B 822 -19.04 4.27 -34.45
CA TYR B 822 -18.77 4.86 -33.14
C TYR B 822 -17.82 6.06 -33.18
N PRO B 823 -16.73 6.09 -33.95
CA PRO B 823 -15.87 7.29 -33.93
C PRO B 823 -16.55 8.55 -34.41
N PHE B 824 -17.47 8.45 -35.38
CA PHE B 824 -18.09 9.64 -35.96
C PHE B 824 -18.93 10.42 -34.97
N THR B 825 -19.38 9.79 -33.89
CA THR B 825 -20.13 10.52 -32.87
C THR B 825 -19.29 11.63 -32.23
N SER B 826 -17.96 11.58 -32.38
CA SER B 826 -17.08 12.64 -31.89
C SER B 826 -17.16 13.90 -32.74
N LEU B 827 -17.78 13.85 -33.91
CA LEU B 827 -17.88 15.07 -34.71
C LEU B 827 -18.92 16.02 -34.10
N PRO B 828 -20.18 15.63 -33.93
CA PRO B 828 -21.11 16.53 -33.24
C PRO B 828 -20.72 16.80 -31.80
N LEU B 829 -20.09 15.82 -31.14
CA LEU B 829 -19.79 15.94 -29.71
C LEU B 829 -19.01 17.20 -29.41
N LEU B 830 -17.95 17.46 -30.19
CA LEU B 830 -17.16 18.69 -30.00
C LEU B 830 -18.05 19.92 -30.01
N ALA B 831 -18.93 20.02 -31.01
CA ALA B 831 -19.85 21.15 -31.08
C ALA B 831 -20.68 21.24 -29.81
N TYR B 832 -21.25 20.11 -29.39
CA TYR B 832 -22.09 20.11 -28.19
C TYR B 832 -21.28 20.38 -26.93
N CYS B 833 -19.96 20.15 -26.98
CA CYS B 833 -19.12 20.48 -25.84
C CYS B 833 -18.85 21.97 -25.77
N THR B 834 -18.85 22.65 -26.92
CA THR B 834 -18.52 24.07 -26.95
C THR B 834 -19.75 24.97 -26.94
N LEU B 835 -20.89 24.49 -27.41
CA LEU B 835 -22.08 25.32 -27.58
C LEU B 835 -22.55 25.99 -26.30
N PRO B 836 -22.61 25.32 -25.15
CA PRO B 836 -22.96 26.05 -23.91
C PRO B 836 -22.08 27.26 -23.67
N ALA B 837 -20.76 27.07 -23.55
CA ALA B 837 -19.87 28.21 -23.36
C ALA B 837 -20.04 29.25 -24.45
N ILE B 838 -20.25 28.79 -25.69
CA ILE B 838 -20.45 29.72 -26.81
C ILE B 838 -21.62 30.65 -26.53
N CYS B 839 -22.73 30.12 -26.04
CA CYS B 839 -23.85 31.01 -25.71
C CYS B 839 -23.60 31.74 -24.40
N LEU B 840 -22.78 31.16 -23.52
CA LEU B 840 -22.54 31.76 -22.21
C LEU B 840 -21.75 33.06 -22.34
N LEU B 841 -20.88 33.14 -23.33
CA LEU B 841 -20.06 34.34 -23.51
C LEU B 841 -20.88 35.54 -23.96
N THR B 842 -22.08 35.33 -24.51
CA THR B 842 -22.87 36.47 -24.98
C THR B 842 -24.38 36.24 -24.93
N ASP B 843 -24.90 35.25 -25.66
CA ASP B 843 -26.35 35.12 -25.77
C ASP B 843 -26.97 34.57 -24.50
N LYS B 844 -26.37 33.53 -23.92
CA LYS B 844 -26.85 32.90 -22.69
C LYS B 844 -28.28 32.38 -22.84
N PHE B 845 -28.60 31.86 -24.01
CA PHE B 845 -29.86 31.14 -24.22
C PHE B 845 -29.67 30.08 -25.28
N ILE B 846 -30.52 29.06 -25.22
CA ILE B 846 -30.51 27.97 -26.20
C ILE B 846 -31.94 27.75 -26.69
N MET B 847 -32.88 27.68 -25.75
CA MET B 847 -34.29 27.56 -26.08
C MET B 847 -35.08 28.44 -25.13
N PRO B 848 -36.25 28.92 -25.53
CA PRO B 848 -37.13 29.64 -24.59
C PRO B 848 -37.53 28.75 -23.43
N PRO B 849 -37.55 29.28 -22.22
CA PRO B 849 -37.88 28.44 -21.06
C PRO B 849 -39.35 28.51 -20.67
N ILE B 850 -40.00 27.34 -20.59
CA ILE B 850 -41.37 27.22 -20.09
C ILE B 850 -41.38 26.12 -19.05
N SER B 851 -41.72 26.47 -17.81
CA SER B 851 -41.70 25.49 -16.72
C SER B 851 -42.90 24.55 -16.76
N THR B 852 -44.04 25.02 -17.25
CA THR B 852 -45.24 24.20 -17.24
C THR B 852 -45.10 22.98 -18.14
N PHE B 853 -44.52 23.16 -19.33
CA PHE B 853 -44.46 22.10 -20.33
C PHE B 853 -43.11 21.39 -20.38
N ALA B 854 -42.03 22.15 -20.59
CA ALA B 854 -40.75 21.54 -20.92
C ALA B 854 -40.06 20.93 -19.69
N SER B 855 -40.26 21.51 -18.51
CA SER B 855 -39.49 21.10 -17.34
C SER B 855 -39.75 19.65 -16.96
N LEU B 856 -41.02 19.21 -17.06
CA LEU B 856 -41.37 17.85 -16.65
C LEU B 856 -40.62 16.82 -17.50
N PHE B 857 -40.71 16.94 -18.83
CA PHE B 857 -40.00 16.01 -19.70
C PHE B 857 -38.50 16.17 -19.58
N PHE B 858 -38.02 17.39 -19.34
CA PHE B 858 -36.60 17.63 -19.17
C PHE B 858 -36.05 16.84 -17.98
N ILE B 859 -36.79 16.85 -16.86
CA ILE B 859 -36.37 16.06 -15.70
C ILE B 859 -36.56 14.56 -15.97
N ALA B 860 -37.66 14.21 -16.65
CA ALA B 860 -37.95 12.80 -16.90
C ALA B 860 -36.89 12.14 -17.76
N LEU B 861 -36.28 12.89 -18.67
CA LEU B 861 -35.21 12.33 -19.49
C LEU B 861 -34.04 11.85 -18.62
N PHE B 862 -33.58 12.71 -17.72
CA PHE B 862 -32.48 12.34 -16.82
C PHE B 862 -32.89 11.21 -15.89
N LEU B 863 -34.15 11.24 -15.41
CA LEU B 863 -34.62 10.16 -14.55
C LEU B 863 -34.62 8.82 -15.28
N SER B 864 -35.07 8.81 -16.54
CA SER B 864 -35.06 7.58 -17.32
C SER B 864 -33.65 7.08 -17.55
N ILE B 865 -32.71 8.00 -17.84
CA ILE B 865 -31.32 7.59 -18.05
C ILE B 865 -30.74 6.98 -16.78
N PHE B 866 -31.02 7.61 -15.63
CA PHE B 866 -30.51 7.09 -14.37
C PHE B 866 -31.09 5.71 -14.05
N ALA B 867 -32.40 5.55 -14.27
CA ALA B 867 -33.02 4.24 -14.06
C ALA B 867 -32.43 3.20 -15.00
N THR B 868 -32.14 3.60 -16.25
CA THR B 868 -31.50 2.70 -17.21
C THR B 868 -30.15 2.23 -16.69
N GLY B 869 -29.33 3.16 -16.19
CA GLY B 869 -28.03 2.77 -15.65
C GLY B 869 -28.15 1.86 -14.45
N ILE B 870 -29.08 2.18 -13.55
CA ILE B 870 -29.28 1.35 -12.35
C ILE B 870 -29.67 -0.07 -12.75
N LEU B 871 -30.59 -0.20 -13.71
CA LEU B 871 -31.01 -1.53 -14.12
C LEU B 871 -29.95 -2.24 -14.94
N GLU B 872 -29.09 -1.48 -15.65
CA GLU B 872 -27.92 -2.10 -16.27
C GLU B 872 -27.06 -2.78 -15.23
N LEU B 873 -26.70 -2.03 -14.18
CA LEU B 873 -25.82 -2.60 -13.16
C LEU B 873 -26.52 -3.61 -12.26
N ARG B 874 -27.86 -3.66 -12.29
CA ARG B 874 -28.58 -4.68 -11.54
C ARG B 874 -28.25 -6.08 -12.03
N TRP B 875 -28.28 -6.31 -13.35
CA TRP B 875 -28.06 -7.63 -13.90
C TRP B 875 -26.68 -7.83 -14.51
N SER B 876 -25.97 -6.75 -14.85
CA SER B 876 -24.65 -6.92 -15.45
C SER B 876 -23.59 -7.32 -14.43
N GLY B 877 -23.69 -6.80 -13.20
CA GLY B 877 -22.64 -7.02 -12.22
C GLY B 877 -21.48 -6.07 -12.31
N VAL B 878 -21.49 -5.13 -13.26
CA VAL B 878 -20.43 -4.15 -13.37
C VAL B 878 -20.53 -3.17 -12.21
N SER B 879 -19.38 -2.89 -11.59
CA SER B 879 -19.35 -1.98 -10.45
C SER B 879 -19.68 -0.56 -10.89
N ILE B 880 -20.10 0.25 -9.92
CA ILE B 880 -20.43 1.65 -10.19
C ILE B 880 -19.21 2.39 -10.69
N GLU B 881 -18.06 2.18 -10.04
CA GLU B 881 -16.85 2.91 -10.40
C GLU B 881 -16.44 2.62 -11.84
N GLU B 882 -16.46 1.34 -12.23
CA GLU B 882 -16.12 0.98 -13.60
C GLU B 882 -17.12 1.56 -14.59
N TRP B 883 -18.41 1.55 -14.22
CA TRP B 883 -19.44 2.13 -15.08
C TRP B 883 -19.14 3.59 -15.37
N TRP B 884 -18.85 4.38 -14.33
CA TRP B 884 -18.60 5.79 -14.60
C TRP B 884 -17.24 6.01 -15.25
N ARG B 885 -16.27 5.14 -14.98
CA ARG B 885 -14.99 5.24 -15.66
C ARG B 885 -15.19 5.13 -17.18
N ASN B 886 -15.95 4.11 -17.60
CA ASN B 886 -16.26 3.97 -19.03
C ASN B 886 -17.10 5.14 -19.52
N GLU B 887 -18.07 5.59 -18.71
CA GLU B 887 -18.97 6.65 -19.16
C GLU B 887 -18.22 7.96 -19.42
N GLN B 888 -17.28 8.31 -18.55
CA GLN B 888 -16.47 9.52 -18.77
C GLN B 888 -15.41 9.31 -19.84
N PHE B 889 -14.79 8.11 -19.89
CA PHE B 889 -13.82 7.84 -20.93
C PHE B 889 -14.44 7.87 -22.32
N TRP B 890 -15.75 7.64 -22.43
CA TRP B 890 -16.45 7.89 -23.68
C TRP B 890 -16.05 9.24 -24.26
N VAL B 891 -16.44 10.33 -23.58
CA VAL B 891 -16.13 11.68 -24.06
C VAL B 891 -14.63 11.90 -24.10
N ILE B 892 -13.92 11.45 -23.05
CA ILE B 892 -12.50 11.76 -22.93
C ILE B 892 -11.72 11.23 -24.13
N GLY B 893 -11.99 9.99 -24.54
CA GLY B 893 -11.29 9.44 -25.69
C GLY B 893 -11.91 9.86 -27.00
N GLY B 894 -13.20 10.19 -27.00
CA GLY B 894 -13.84 10.64 -28.22
C GLY B 894 -13.32 11.96 -28.71
N ILE B 895 -13.13 12.92 -27.79
CA ILE B 895 -12.67 14.24 -28.20
C ILE B 895 -11.15 14.28 -28.39
N SER B 896 -10.44 13.22 -28.00
CA SER B 896 -8.98 13.25 -28.06
C SER B 896 -8.47 12.69 -29.38
N ALA B 897 -8.94 11.49 -29.76
CA ALA B 897 -8.35 10.76 -30.87
C ALA B 897 -9.33 10.38 -31.97
N HIS B 898 -10.63 10.30 -31.67
CA HIS B 898 -11.58 9.84 -32.68
C HIS B 898 -11.77 10.87 -33.79
N LEU B 899 -11.82 12.16 -33.45
CA LEU B 899 -11.87 13.18 -34.49
C LEU B 899 -10.60 13.16 -35.34
N PHE B 900 -9.45 12.88 -34.71
CA PHE B 900 -8.23 12.67 -35.48
C PHE B 900 -8.40 11.53 -36.47
N ALA B 901 -8.84 10.36 -35.99
CA ALA B 901 -9.02 9.21 -36.88
C ALA B 901 -9.95 9.56 -38.05
N VAL B 902 -10.98 10.36 -37.77
CA VAL B 902 -11.84 10.85 -38.85
C VAL B 902 -11.03 11.71 -39.83
N VAL B 903 -10.11 12.53 -39.32
CA VAL B 903 -9.31 13.38 -40.19
C VAL B 903 -8.43 12.54 -41.11
N GLN B 904 -7.76 11.51 -40.56
CA GLN B 904 -7.03 10.57 -41.42
C GLN B 904 -7.94 9.89 -42.43
N GLY B 905 -9.11 9.41 -42.01
CA GLY B 905 -9.96 8.70 -42.94
C GLY B 905 -10.39 9.56 -44.10
N LEU B 906 -10.91 10.76 -43.81
CA LEU B 906 -11.35 11.67 -44.86
C LEU B 906 -10.18 12.17 -45.71
N LEU B 907 -9.04 12.47 -45.09
CA LEU B 907 -7.89 12.94 -45.85
C LEU B 907 -7.39 11.89 -46.81
N LYS B 908 -7.29 10.64 -46.36
CA LYS B 908 -6.83 9.57 -47.23
C LYS B 908 -7.84 9.31 -48.35
N VAL B 909 -9.13 9.35 -48.04
CA VAL B 909 -10.14 9.12 -49.07
C VAL B 909 -10.07 10.23 -50.12
N LEU B 910 -9.98 11.49 -49.69
CA LEU B 910 -9.95 12.59 -50.65
C LEU B 910 -8.63 12.64 -51.42
N ALA B 911 -7.55 12.10 -50.84
CA ALA B 911 -6.27 12.09 -51.54
C ALA B 911 -6.33 11.24 -52.81
N GLY B 912 -6.99 10.09 -52.74
CA GLY B 912 -7.12 9.22 -53.88
C GLY B 912 -8.08 9.73 -54.93
N GLU B 931 3.66 13.31 -40.34
CA GLU B 931 2.35 13.86 -40.72
C GLU B 931 1.31 12.75 -40.80
N LEU B 932 1.48 11.84 -41.76
CA LEU B 932 0.55 10.73 -41.92
C LEU B 932 0.75 9.65 -40.87
N TYR B 933 1.95 9.54 -40.31
CA TYR B 933 2.27 8.46 -39.37
C TYR B 933 1.76 8.80 -37.97
N THR B 934 2.04 7.93 -37.00
CA THR B 934 1.57 8.13 -35.63
C THR B 934 2.07 9.45 -35.06
N PHE B 935 1.19 10.19 -34.40
CA PHE B 935 1.52 11.48 -33.81
C PHE B 935 2.11 11.32 -32.42
N LYS B 936 2.59 12.45 -31.90
CA LYS B 936 3.09 12.51 -30.54
C LYS B 936 1.95 12.32 -29.55
N TRP B 937 2.30 11.79 -28.38
CA TRP B 937 1.28 11.54 -27.36
C TRP B 937 0.71 12.85 -26.82
N THR B 938 1.52 13.91 -26.77
CA THR B 938 1.06 15.16 -26.19
C THR B 938 0.06 15.87 -27.10
N THR B 939 0.32 15.91 -28.40
CA THR B 939 -0.53 16.64 -29.33
C THR B 939 -1.93 16.05 -29.45
N LEU B 940 -2.15 14.84 -28.95
CA LEU B 940 -3.48 14.23 -29.04
C LEU B 940 -4.47 14.89 -28.08
N LEU B 941 -3.99 15.45 -26.98
CA LEU B 941 -4.84 15.89 -25.89
C LEU B 941 -5.06 17.40 -25.85
N ILE B 942 -4.79 18.11 -26.94
CA ILE B 942 -4.97 19.56 -26.95
C ILE B 942 -6.41 19.97 -27.24
N PRO B 943 -7.23 19.23 -28.00
CA PRO B 943 -8.64 19.64 -28.15
C PRO B 943 -9.40 19.60 -26.83
N PRO B 944 -9.32 18.53 -26.02
CA PRO B 944 -10.02 18.57 -24.74
C PRO B 944 -9.56 19.69 -23.82
N THR B 945 -8.26 19.97 -23.81
CA THR B 945 -7.74 21.07 -23.00
C THR B 945 -8.30 22.40 -23.48
N THR B 946 -8.35 22.61 -24.80
CA THR B 946 -8.92 23.83 -25.33
C THR B 946 -10.39 23.97 -24.95
N VAL B 947 -11.14 22.87 -25.06
CA VAL B 947 -12.57 22.92 -24.72
C VAL B 947 -12.77 23.24 -23.24
N LEU B 948 -11.98 22.61 -22.37
CA LEU B 948 -12.10 22.87 -20.94
C LEU B 948 -11.74 24.30 -20.61
N ILE B 949 -10.69 24.83 -21.26
CA ILE B 949 -10.29 26.21 -21.02
C ILE B 949 -11.39 27.17 -21.46
N ILE B 950 -11.98 26.93 -22.63
CA ILE B 950 -13.06 27.79 -23.10
C ILE B 950 -14.25 27.72 -22.16
N ASN B 951 -14.58 26.53 -21.67
CA ASN B 951 -15.71 26.39 -20.75
C ASN B 951 -15.45 27.10 -19.42
N LEU B 952 -14.22 27.02 -18.92
CA LEU B 952 -13.87 27.74 -17.69
C LEU B 952 -13.94 29.25 -17.90
N VAL B 953 -13.49 29.73 -19.07
CA VAL B 953 -13.61 31.15 -19.38
C VAL B 953 -15.07 31.56 -19.44
N GLY B 954 -15.92 30.71 -20.01
CA GLY B 954 -17.35 30.99 -20.02
C GLY B 954 -17.94 31.04 -18.63
N VAL B 955 -17.49 30.15 -17.76
CA VAL B 955 -17.94 30.16 -16.36
C VAL B 955 -17.54 31.47 -15.69
N VAL B 956 -16.31 31.92 -15.94
CA VAL B 956 -15.85 33.20 -15.39
C VAL B 956 -16.70 34.34 -15.91
N ALA B 957 -17.02 34.32 -17.21
CA ALA B 957 -17.86 35.36 -17.79
C ALA B 957 -19.26 35.34 -17.17
N GLY B 958 -19.80 34.14 -16.91
CA GLY B 958 -21.07 34.04 -16.23
C GLY B 958 -21.03 34.58 -14.83
N ILE B 959 -19.92 34.35 -14.12
CA ILE B 959 -19.76 34.93 -12.78
C ILE B 959 -19.72 36.46 -12.87
N SER B 960 -19.04 37.00 -13.87
CA SER B 960 -19.01 38.44 -14.06
C SER B 960 -20.41 38.98 -14.35
N ASP B 961 -21.18 38.27 -15.17
CA ASP B 961 -22.55 38.68 -15.45
C ASP B 961 -23.40 38.63 -14.18
N ALA B 962 -23.20 37.61 -13.36
CA ALA B 962 -23.91 37.52 -12.08
C ALA B 962 -23.56 38.70 -11.18
N ILE B 963 -22.29 39.13 -11.22
CA ILE B 963 -21.90 40.35 -10.52
C ILE B 963 -22.69 41.54 -11.08
N ASN B 964 -22.79 41.63 -12.40
CA ASN B 964 -23.63 42.65 -13.02
C ASN B 964 -25.12 42.39 -12.79
N ASN B 965 -25.50 41.14 -12.52
CA ASN B 965 -26.89 40.81 -12.34
C ASN B 965 -27.47 41.44 -11.08
N GLY B 966 -28.72 41.90 -11.18
CA GLY B 966 -29.42 42.42 -10.03
C GLY B 966 -30.64 41.60 -9.70
N TYR B 967 -30.46 40.28 -9.58
CA TYR B 967 -31.50 39.31 -9.25
C TYR B 967 -32.55 39.17 -10.36
N GLN B 968 -32.74 40.22 -11.15
CA GLN B 968 -33.70 40.14 -12.26
C GLN B 968 -33.25 39.17 -13.34
N SER B 969 -31.95 38.93 -13.47
CA SER B 969 -31.41 37.96 -14.42
C SER B 969 -30.77 36.76 -13.72
N TRP B 970 -31.14 36.52 -12.46
CA TRP B 970 -30.55 35.42 -11.70
C TRP B 970 -31.10 34.07 -12.14
N GLY B 971 -32.15 34.07 -12.96
CA GLY B 971 -32.83 32.86 -13.35
C GLY B 971 -32.21 32.11 -14.52
N PRO B 972 -32.22 32.73 -15.71
CA PRO B 972 -31.86 31.97 -16.93
C PRO B 972 -30.48 31.35 -16.93
N LEU B 973 -29.49 31.99 -16.29
CA LEU B 973 -28.11 31.50 -16.42
C LEU B 973 -27.88 30.19 -15.67
N PHE B 974 -28.84 29.74 -14.86
CA PHE B 974 -28.65 28.50 -14.10
C PHE B 974 -28.49 27.30 -15.02
N GLY B 975 -29.31 27.22 -16.07
CA GLY B 975 -29.19 26.11 -17.00
C GLY B 975 -27.89 26.11 -17.77
N LYS B 976 -27.42 27.30 -18.16
CA LYS B 976 -26.15 27.39 -18.87
C LYS B 976 -25.00 27.00 -17.95
N LEU B 977 -25.06 27.43 -16.69
CA LEU B 977 -24.07 27.00 -15.71
C LEU B 977 -24.09 25.48 -15.55
N PHE B 978 -25.29 24.90 -15.53
CA PHE B 978 -25.40 23.44 -15.40
C PHE B 978 -24.79 22.73 -16.59
N PHE B 979 -25.05 23.21 -17.81
CA PHE B 979 -24.49 22.57 -19.00
C PHE B 979 -22.97 22.66 -19.00
N SER B 980 -22.44 23.86 -18.74
CA SER B 980 -20.99 24.03 -18.70
C SER B 980 -20.37 23.19 -17.59
N PHE B 981 -21.07 23.07 -16.46
CA PHE B 981 -20.57 22.26 -15.36
C PHE B 981 -20.57 20.78 -15.71
N TRP B 982 -21.59 20.31 -16.43
CA TRP B 982 -21.59 18.93 -16.90
C TRP B 982 -20.39 18.66 -17.80
N VAL B 983 -20.13 19.58 -18.75
CA VAL B 983 -18.99 19.41 -19.64
C VAL B 983 -17.68 19.40 -18.84
N ILE B 984 -17.54 20.33 -17.89
CA ILE B 984 -16.31 20.45 -17.12
C ILE B 984 -16.10 19.21 -16.25
N VAL B 985 -17.16 18.71 -15.63
CA VAL B 985 -17.05 17.52 -14.79
C VAL B 985 -16.66 16.32 -15.63
N HIS B 986 -17.16 16.24 -16.86
CA HIS B 986 -16.73 15.14 -17.73
C HIS B 986 -15.27 15.29 -18.14
N LEU B 987 -14.81 16.52 -18.39
CA LEU B 987 -13.48 16.70 -18.98
C LEU B 987 -12.36 16.66 -17.93
N TYR B 988 -12.65 17.10 -16.71
CA TYR B 988 -11.57 17.47 -15.79
C TYR B 988 -10.83 16.30 -15.15
N PRO B 989 -11.51 15.25 -14.63
CA PRO B 989 -10.77 14.25 -13.83
C PRO B 989 -9.62 13.56 -14.57
N PHE B 990 -9.74 13.35 -15.87
CA PHE B 990 -8.64 12.74 -16.61
C PHE B 990 -7.40 13.64 -16.59
N LEU B 991 -7.60 14.95 -16.77
CA LEU B 991 -6.48 15.88 -16.69
C LEU B 991 -5.92 15.94 -15.27
N LYS B 992 -6.80 15.88 -14.26
CA LYS B 992 -6.33 15.78 -12.88
C LYS B 992 -5.42 14.58 -12.69
N GLY B 993 -5.84 13.42 -13.19
CA GLY B 993 -5.01 12.23 -13.05
C GLY B 993 -3.70 12.33 -13.81
N LEU B 994 -3.74 12.94 -15.00
CA LEU B 994 -2.53 13.07 -15.81
C LEU B 994 -1.51 13.98 -15.12
N MET B 995 -1.93 15.18 -14.72
CA MET B 995 -0.96 16.18 -14.28
C MET B 995 -0.51 15.96 -12.84
N GLY B 996 -1.24 15.16 -12.07
CA GLY B 996 -0.91 14.91 -10.67
C GLY B 996 -0.51 13.46 -10.46
N ARG B 997 0.65 13.27 -9.82
CA ARG B 997 1.11 11.95 -9.43
C ARG B 997 0.65 11.53 -8.04
N GLN B 998 0.05 12.45 -7.29
CA GLN B 998 -0.49 12.16 -5.97
C GLN B 998 -2.00 11.98 -6.03
N ASN B 999 -2.55 11.38 -4.98
CA ASN B 999 -3.98 11.10 -4.93
C ASN B 999 -4.75 12.39 -4.68
N ARG B 1000 -6.08 12.30 -4.84
CA ARG B 1000 -6.98 13.43 -4.68
C ARG B 1000 -6.57 14.59 -5.58
N THR B 1001 -6.14 15.68 -4.99
CA THR B 1001 -5.65 16.83 -5.71
C THR B 1001 -4.19 16.62 -6.14
N PRO B 1002 -3.82 17.11 -7.33
CA PRO B 1002 -2.41 16.98 -7.76
C PRO B 1002 -1.43 17.62 -6.79
N THR B 1003 -1.50 18.93 -6.62
CA THR B 1003 -0.70 19.62 -5.61
C THR B 1003 -1.68 20.44 -4.77
N ILE B 1004 -1.17 21.48 -4.10
CA ILE B 1004 -2.03 22.30 -3.24
C ILE B 1004 -1.85 23.76 -3.60
N VAL B 1005 -0.65 24.30 -3.38
CA VAL B 1005 -0.41 25.71 -3.60
C VAL B 1005 -0.57 26.08 -5.07
N VAL B 1006 -0.30 25.16 -5.98
CA VAL B 1006 -0.40 25.48 -7.40
C VAL B 1006 -1.86 25.65 -7.82
N ILE B 1007 -2.73 24.76 -7.35
CA ILE B 1007 -4.16 24.94 -7.60
C ILE B 1007 -4.67 26.20 -6.91
N TRP B 1008 -4.19 26.46 -5.69
CA TRP B 1008 -4.59 27.68 -4.99
C TRP B 1008 -4.17 28.92 -5.78
N SER B 1009 -2.96 28.92 -6.34
CA SER B 1009 -2.48 30.06 -7.11
C SER B 1009 -3.18 30.16 -8.46
N VAL B 1010 -3.59 29.02 -9.03
CA VAL B 1010 -4.40 29.06 -10.25
C VAL B 1010 -5.75 29.72 -9.97
N LEU B 1011 -6.37 29.36 -8.84
CA LEU B 1011 -7.60 30.04 -8.44
C LEU B 1011 -7.36 31.52 -8.20
N LEU B 1012 -6.25 31.86 -7.56
CA LEU B 1012 -5.91 33.27 -7.34
C LEU B 1012 -5.75 34.03 -8.64
N ALA B 1013 -5.05 33.42 -9.61
CA ALA B 1013 -4.86 34.06 -10.90
C ALA B 1013 -6.17 34.22 -11.64
N SER B 1014 -7.06 33.23 -11.54
CA SER B 1014 -8.39 33.35 -12.14
C SER B 1014 -9.18 34.49 -11.48
N ILE B 1015 -9.10 34.61 -10.16
CA ILE B 1015 -9.79 35.67 -9.46
C ILE B 1015 -9.28 37.04 -9.89
N PHE B 1016 -7.95 37.20 -9.98
CA PHE B 1016 -7.41 38.48 -10.40
C PHE B 1016 -7.71 38.77 -11.87
N SER B 1017 -7.72 37.74 -12.72
CA SER B 1017 -8.07 37.92 -14.12
C SER B 1017 -9.52 38.37 -14.27
N LEU B 1018 -10.43 37.77 -13.50
CA LEU B 1018 -11.82 38.20 -13.58
C LEU B 1018 -12.00 39.59 -12.98
N LEU B 1019 -11.18 39.94 -11.98
CA LEU B 1019 -11.20 41.30 -11.46
C LEU B 1019 -10.79 42.30 -12.54
N TRP B 1020 -9.72 41.98 -13.28
CA TRP B 1020 -9.28 42.87 -14.36
C TRP B 1020 -10.30 42.93 -15.49
N VAL B 1021 -10.99 41.81 -15.74
CA VAL B 1021 -12.06 41.81 -16.74
C VAL B 1021 -13.20 42.71 -16.29
N ARG B 1022 -13.57 42.63 -15.00
CA ARG B 1022 -14.66 43.44 -14.48
C ARG B 1022 -14.31 44.93 -14.53
N ILE B 1023 -13.06 45.29 -14.18
CA ILE B 1023 -12.70 46.70 -14.19
C ILE B 1023 -12.63 47.25 -15.60
N ASP B 1024 -12.48 46.36 -16.60
CA ASP B 1024 -12.44 46.75 -18.00
C ASP B 1024 -13.43 45.87 -18.77
N PRO B 1025 -14.74 46.13 -18.63
CA PRO B 1025 -15.76 45.31 -19.30
C PRO B 1025 -15.94 45.69 -20.77
N ALA C 235 42.88 10.34 -28.85
CA ALA C 235 43.93 10.28 -27.85
C ALA C 235 44.05 11.60 -27.10
N ARG C 236 43.69 12.69 -27.77
CA ARG C 236 43.80 14.03 -27.20
C ARG C 236 42.46 14.60 -26.77
N GLN C 237 41.42 13.78 -26.67
CA GLN C 237 40.12 14.28 -26.22
C GLN C 237 40.20 14.61 -24.73
N PRO C 238 39.40 15.55 -24.27
CA PRO C 238 39.16 15.67 -22.82
C PRO C 238 38.37 14.47 -22.32
N LEU C 239 38.61 14.12 -21.05
CA LEU C 239 37.89 13.03 -20.42
C LEU C 239 36.58 13.46 -19.78
N SER C 240 36.16 14.70 -19.99
CA SER C 240 34.86 15.16 -19.52
C SER C 240 34.49 16.41 -20.31
N ARG C 241 33.21 16.75 -20.30
CA ARG C 241 32.76 17.98 -20.95
C ARG C 241 31.66 18.62 -20.12
N LYS C 242 31.72 19.95 -20.07
CA LYS C 242 30.75 20.79 -19.38
C LYS C 242 29.76 21.30 -20.43
N VAL C 243 28.53 20.79 -20.36
CA VAL C 243 27.45 21.22 -21.25
C VAL C 243 26.64 22.30 -20.53
N PRO C 244 26.53 23.50 -21.08
CA PRO C 244 25.62 24.49 -20.51
C PRO C 244 24.17 24.08 -20.73
N ILE C 245 23.30 24.59 -19.86
CA ILE C 245 21.87 24.37 -20.02
C ILE C 245 21.44 24.96 -21.36
N ALA C 246 20.45 24.32 -22.00
CA ALA C 246 20.02 24.73 -23.33
C ALA C 246 19.61 26.20 -23.33
N SER C 247 20.05 26.92 -24.36
CA SER C 247 19.84 28.36 -24.40
C SER C 247 18.37 28.73 -24.46
N SER C 248 17.54 27.89 -25.09
CA SER C 248 16.12 28.17 -25.17
C SER C 248 15.45 28.04 -23.81
N LYS C 249 16.01 27.20 -22.93
CA LYS C 249 15.39 26.90 -21.63
C LYS C 249 16.02 27.67 -20.48
N ILE C 250 16.66 28.82 -20.74
CA ILE C 250 17.38 29.53 -19.70
C ILE C 250 17.24 31.03 -19.87
N ASN C 251 17.21 31.49 -21.13
CA ASN C 251 17.05 32.92 -21.38
C ASN C 251 15.75 33.49 -20.84
N PRO C 252 14.58 32.86 -21.02
CA PRO C 252 13.38 33.38 -20.34
C PRO C 252 13.51 33.43 -18.83
N TYR C 253 14.20 32.45 -18.25
CA TYR C 253 14.45 32.46 -16.81
C TYR C 253 15.25 33.69 -16.40
N ARG C 254 16.32 33.98 -17.13
CA ARG C 254 17.12 35.16 -16.83
C ARG C 254 16.32 36.45 -17.01
N MET C 255 15.52 36.52 -18.08
CA MET C 255 14.72 37.72 -18.32
C MET C 255 13.69 37.93 -17.21
N VAL C 256 13.05 36.85 -16.76
CA VAL C 256 12.08 36.97 -15.66
C VAL C 256 12.78 37.39 -14.38
N ILE C 257 14.00 36.90 -14.14
CA ILE C 257 14.75 37.36 -12.97
C ILE C 257 15.00 38.86 -13.05
N VAL C 258 15.42 39.35 -14.22
CA VAL C 258 15.69 40.79 -14.37
C VAL C 258 14.42 41.60 -14.17
N ALA C 259 13.31 41.14 -14.76
CA ALA C 259 12.04 41.84 -14.63
C ALA C 259 11.58 41.87 -13.18
N ARG C 260 11.76 40.76 -12.46
CA ARG C 260 11.40 40.72 -11.05
C ARG C 260 12.25 41.67 -10.23
N LEU C 261 13.54 41.76 -10.57
CA LEU C 261 14.40 42.74 -9.91
C LEU C 261 13.87 44.16 -10.09
N LEU C 262 13.54 44.52 -11.33
CA LEU C 262 13.03 45.87 -11.59
C LEU C 262 11.71 46.13 -10.87
N ILE C 263 10.79 45.17 -10.93
CA ILE C 263 9.48 45.35 -10.29
C ILE C 263 9.64 45.46 -8.77
N LEU C 264 10.51 44.64 -8.19
CA LEU C 264 10.73 44.71 -6.75
C LEU C 264 11.33 46.06 -6.36
N ALA C 265 12.28 46.56 -7.15
CA ALA C 265 12.86 47.87 -6.86
C ALA C 265 11.80 48.97 -6.90
N PHE C 266 10.95 48.95 -7.94
CA PHE C 266 9.92 49.98 -8.06
C PHE C 266 8.91 49.89 -6.92
N PHE C 267 8.49 48.67 -6.57
CA PHE C 267 7.54 48.51 -5.47
C PHE C 267 8.14 48.95 -4.15
N LEU C 268 9.43 48.67 -3.95
CA LEU C 268 10.09 49.09 -2.72
C LEU C 268 10.18 50.60 -2.65
N ARG C 269 10.47 51.25 -3.78
CA ARG C 269 10.44 52.72 -3.83
C ARG C 269 9.06 53.24 -3.48
N TYR C 270 8.00 52.60 -4.01
CA TYR C 270 6.65 53.03 -3.71
C TYR C 270 6.35 52.92 -2.23
N ARG C 271 6.77 51.81 -1.61
CA ARG C 271 6.56 51.66 -0.17
C ARG C 271 7.32 52.70 0.62
N ILE C 272 8.56 52.99 0.23
CA ILE C 272 9.37 53.98 0.95
C ILE C 272 8.72 55.36 0.87
N LEU C 273 8.26 55.75 -0.33
CA LEU C 273 7.73 57.09 -0.52
C LEU C 273 6.45 57.29 0.29
N ASN C 274 5.56 56.30 0.29
CA ASN C 274 4.23 56.47 0.87
C ASN C 274 4.26 56.21 2.36
N PRO C 275 3.88 57.18 3.21
CA PRO C 275 3.74 56.91 4.64
C PRO C 275 2.35 56.38 4.97
N VAL C 276 1.96 56.43 6.25
CA VAL C 276 0.64 55.98 6.69
C VAL C 276 0.01 57.01 7.60
N HIS C 277 0.84 57.69 8.41
CA HIS C 277 0.41 58.75 9.31
C HIS C 277 -0.49 58.23 10.45
N ASP C 278 -1.47 57.39 10.10
CA ASP C 278 -2.40 56.89 11.13
C ASP C 278 -1.67 56.06 12.17
N ALA C 279 -0.77 55.18 11.74
CA ALA C 279 0.01 54.35 12.66
C ALA C 279 1.28 53.92 11.92
N ILE C 280 2.41 54.54 12.29
CA ILE C 280 3.62 54.37 11.51
C ILE C 280 4.44 53.18 11.97
N GLY C 281 4.19 52.69 13.19
CA GLY C 281 5.01 51.60 13.72
C GLY C 281 4.87 50.32 12.92
N LEU C 282 3.63 49.89 12.67
CA LEU C 282 3.40 48.67 11.91
C LEU C 282 3.94 48.80 10.49
N TRP C 283 3.73 49.98 9.88
CA TRP C 283 4.24 50.21 8.53
C TRP C 283 5.75 50.11 8.49
N LEU C 284 6.43 50.72 9.47
CA LEU C 284 7.89 50.67 9.50
C LEU C 284 8.38 49.24 9.69
N THR C 285 7.75 48.50 10.59
CA THR C 285 8.15 47.10 10.79
C THR C 285 7.97 46.29 9.51
N SER C 286 6.83 46.47 8.84
CA SER C 286 6.57 45.72 7.62
C SER C 286 7.54 46.09 6.50
N VAL C 287 7.85 47.37 6.34
CA VAL C 287 8.76 47.77 5.27
C VAL C 287 10.16 47.26 5.54
N ILE C 288 10.58 47.28 6.82
CA ILE C 288 11.89 46.73 7.16
C ILE C 288 11.94 45.24 6.85
N CYS C 289 10.89 44.51 7.22
CA CYS C 289 10.85 43.08 6.94
C CYS C 289 10.92 42.82 5.44
N GLU C 290 10.22 43.64 4.64
CA GLU C 290 10.23 43.42 3.20
C GLU C 290 11.56 43.81 2.57
N ILE C 291 12.23 44.84 3.09
CA ILE C 291 13.60 45.14 2.64
C ILE C 291 14.52 43.95 2.90
N TRP C 292 14.44 43.38 4.09
CA TRP C 292 15.32 42.25 4.40
C TRP C 292 15.00 41.05 3.51
N PHE C 293 13.71 40.81 3.25
CA PHE C 293 13.32 39.73 2.37
C PHE C 293 13.84 39.95 0.96
N ALA C 294 13.78 41.19 0.47
CA ALA C 294 14.29 41.50 -0.87
C ALA C 294 15.80 41.27 -0.93
N PHE C 295 16.53 41.70 0.10
CA PHE C 295 17.97 41.48 0.11
C PHE C 295 18.30 39.98 0.12
N SER C 296 17.56 39.21 0.92
CA SER C 296 17.78 37.76 0.95
C SER C 296 17.47 37.15 -0.42
N TRP C 297 16.41 37.62 -1.09
CA TRP C 297 16.10 37.12 -2.42
C TRP C 297 17.23 37.41 -3.40
N ILE C 298 17.78 38.63 -3.34
CA ILE C 298 18.91 38.97 -4.21
C ILE C 298 20.06 38.00 -3.96
N LEU C 299 20.42 37.83 -2.68
CA LEU C 299 21.56 36.98 -2.33
C LEU C 299 21.35 35.55 -2.80
N ASP C 300 20.13 35.04 -2.67
CA ASP C 300 19.88 33.64 -3.03
C ASP C 300 19.82 33.45 -4.54
N GLN C 301 19.22 34.40 -5.27
CA GLN C 301 18.91 34.16 -6.66
C GLN C 301 20.03 34.58 -7.61
N PHE C 302 20.82 35.59 -7.25
CA PHE C 302 21.85 36.06 -8.18
C PHE C 302 22.87 35.00 -8.60
N PRO C 303 23.39 34.13 -7.72
CA PRO C 303 24.41 33.16 -8.18
C PRO C 303 23.84 31.98 -8.96
N LYS C 304 22.63 32.12 -9.51
CA LYS C 304 22.06 31.07 -10.35
C LYS C 304 22.26 31.31 -11.84
N TRP C 305 22.98 32.37 -12.22
CA TRP C 305 23.27 32.66 -13.62
C TRP C 305 24.17 31.55 -14.18
N PHE C 306 23.98 31.22 -15.46
CA PHE C 306 24.65 30.13 -16.18
C PHE C 306 24.82 28.87 -15.34
N PRO C 307 23.75 28.14 -15.05
CA PRO C 307 23.89 26.77 -14.56
C PRO C 307 24.44 25.86 -15.65
N ILE C 308 25.14 24.82 -15.21
CA ILE C 308 25.85 23.90 -16.09
C ILE C 308 25.57 22.47 -15.65
N ASP C 309 25.89 21.53 -16.53
CA ASP C 309 25.94 20.11 -16.21
C ASP C 309 27.24 19.57 -16.79
N ARG C 310 27.69 18.45 -16.24
CA ARG C 310 28.94 17.83 -16.66
C ARG C 310 28.70 16.36 -16.96
N GLU C 311 29.29 15.88 -18.04
CA GLU C 311 29.22 14.47 -18.38
C GLU C 311 30.60 13.97 -18.80
N THR C 312 30.93 12.76 -18.37
CA THR C 312 32.27 12.22 -18.41
C THR C 312 32.36 11.03 -19.36
N TYR C 313 33.59 10.72 -19.77
CA TYR C 313 33.89 9.66 -20.73
C TYR C 313 34.91 8.72 -20.10
N LEU C 314 34.41 7.68 -19.42
CA LEU C 314 35.30 6.72 -18.77
C LEU C 314 36.07 5.90 -19.79
N ASP C 315 35.52 5.76 -21.01
CA ASP C 315 36.17 4.93 -22.02
C ASP C 315 37.55 5.48 -22.38
N ARG C 316 37.65 6.79 -22.59
CA ARG C 316 38.95 7.39 -22.89
C ARG C 316 39.91 7.23 -21.71
N LEU C 317 39.41 7.37 -20.48
CA LEU C 317 40.26 7.19 -19.31
C LEU C 317 40.87 5.79 -19.28
N SER C 318 40.03 4.76 -19.43
CA SER C 318 40.54 3.40 -19.43
C SER C 318 41.44 3.13 -20.62
N LEU C 319 41.20 3.81 -21.75
CA LEU C 319 41.99 3.54 -22.94
C LEU C 319 43.38 4.17 -22.83
N ARG C 320 43.47 5.32 -22.15
CA ARG C 320 44.74 6.03 -22.16
C ARG C 320 45.58 5.73 -20.91
N TYR C 321 44.95 5.40 -19.79
CA TYR C 321 45.71 5.02 -18.60
C TYR C 321 45.78 3.52 -18.37
N GLU C 322 44.72 2.78 -18.64
CA GLU C 322 44.72 1.33 -18.41
C GLU C 322 45.07 0.58 -19.70
N ARG C 323 45.84 1.22 -20.57
CA ARG C 323 46.22 0.60 -21.83
C ARG C 323 47.06 -0.65 -21.58
N GLU C 324 46.72 -1.73 -22.28
CA GLU C 324 47.30 -3.03 -22.02
C GLU C 324 48.76 -3.07 -22.46
N GLY C 325 49.57 -3.79 -21.68
CA GLY C 325 50.98 -3.94 -21.97
C GLY C 325 51.91 -3.15 -21.08
N GLU C 326 51.37 -2.31 -20.20
CA GLU C 326 52.15 -1.48 -19.29
C GLU C 326 51.56 -1.58 -17.89
N PRO C 327 52.36 -1.29 -16.86
CA PRO C 327 51.80 -1.24 -15.51
C PRO C 327 50.73 -0.16 -15.41
N ASN C 328 49.71 -0.44 -14.60
CA ASN C 328 48.59 0.48 -14.46
C ASN C 328 49.05 1.79 -13.84
N MET C 329 48.53 2.90 -14.37
CA MET C 329 48.99 4.23 -13.99
C MET C 329 47.91 5.09 -13.35
N LEU C 330 46.77 4.52 -12.96
CA LEU C 330 45.76 5.30 -12.26
C LEU C 330 46.28 5.76 -10.89
N ALA C 331 45.94 6.98 -10.51
CA ALA C 331 46.45 7.55 -9.27
C ALA C 331 45.79 6.91 -8.05
N PRO C 332 46.56 6.59 -7.02
CA PRO C 332 46.00 5.90 -5.85
C PRO C 332 45.18 6.84 -4.96
N VAL C 333 44.35 6.23 -4.12
CA VAL C 333 43.54 6.95 -3.15
C VAL C 333 43.58 6.26 -1.80
N ASP C 334 43.18 7.00 -0.77
CA ASP C 334 42.83 6.45 0.52
C ASP C 334 41.43 6.91 0.87
N ILE C 335 40.67 6.04 1.53
CA ILE C 335 39.30 6.34 1.94
C ILE C 335 39.28 6.45 3.46
N PHE C 336 38.52 7.42 3.96
CA PHE C 336 38.49 7.77 5.38
C PHE C 336 37.08 7.54 5.92
N VAL C 337 36.94 6.60 6.85
CA VAL C 337 35.67 6.34 7.52
C VAL C 337 35.86 6.65 9.01
N SER C 338 35.02 7.54 9.52
CA SER C 338 35.11 7.97 10.92
C SER C 338 33.93 7.40 11.68
N THR C 339 34.23 6.57 12.70
CA THR C 339 33.22 5.96 13.55
C THR C 339 33.33 6.56 14.95
N VAL C 340 32.20 7.00 15.50
CA VAL C 340 32.19 7.67 16.79
C VAL C 340 31.98 6.66 17.91
N ASP C 341 30.83 6.02 17.94
CA ASP C 341 30.42 5.18 19.05
C ASP C 341 29.46 4.13 18.51
N PRO C 342 29.73 2.83 18.74
CA PRO C 342 28.82 1.79 18.25
C PRO C 342 27.44 1.84 18.90
N MET C 343 27.28 2.51 20.03
CA MET C 343 25.98 2.51 20.71
C MET C 343 24.90 3.24 19.90
N LYS C 344 25.29 4.21 19.08
CA LYS C 344 24.34 4.89 18.20
C LYS C 344 24.44 4.46 16.75
N GLU C 345 25.61 3.97 16.33
CA GLU C 345 25.82 3.43 14.97
C GLU C 345 26.10 1.95 15.08
N PRO C 346 25.14 1.09 14.73
CA PRO C 346 25.34 -0.34 14.91
C PRO C 346 26.51 -0.83 14.10
N PRO C 347 27.21 -1.87 14.56
CA PRO C 347 28.37 -2.38 13.81
C PRO C 347 28.02 -2.88 12.42
N LEU C 348 26.79 -3.36 12.21
CA LEU C 348 26.41 -3.87 10.89
C LEU C 348 26.40 -2.77 9.85
N VAL C 349 25.94 -1.57 10.21
CA VAL C 349 25.93 -0.46 9.27
C VAL C 349 27.34 -0.08 8.86
N THR C 350 28.26 -0.03 9.82
CA THR C 350 29.66 0.27 9.51
C THR C 350 30.27 -0.84 8.64
N ALA C 351 29.97 -2.10 8.95
CA ALA C 351 30.48 -3.20 8.16
C ALA C 351 29.98 -3.15 6.73
N ASN C 352 28.74 -2.70 6.52
CA ASN C 352 28.24 -2.54 5.16
C ASN C 352 29.07 -1.53 4.38
N THR C 353 29.40 -0.39 5.01
CA THR C 353 30.23 0.61 4.35
C THR C 353 31.61 0.07 4.05
N VAL C 354 32.20 -0.66 5.00
CA VAL C 354 33.53 -1.23 4.80
C VAL C 354 33.52 -2.21 3.64
N LEU C 355 32.50 -3.07 3.59
CA LEU C 355 32.41 -4.06 2.50
C LEU C 355 32.20 -3.39 1.16
N SER C 356 31.34 -2.35 1.10
CA SER C 356 31.14 -1.64 -0.15
C SER C 356 32.41 -0.96 -0.62
N ILE C 357 33.20 -0.41 0.32
CA ILE C 357 34.49 0.18 -0.04
C ILE C 357 35.44 -0.89 -0.57
N LEU C 358 35.50 -2.03 0.11
CA LEU C 358 36.43 -3.08 -0.29
C LEU C 358 36.11 -3.62 -1.67
N ALA C 359 34.82 -3.82 -1.97
CA ALA C 359 34.40 -4.42 -3.24
C ALA C 359 34.34 -3.41 -4.38
N MET C 360 35.09 -2.31 -4.30
CA MET C 360 35.03 -1.28 -5.33
C MET C 360 35.78 -1.74 -6.59
N ASP C 361 35.37 -1.20 -7.73
CA ASP C 361 36.00 -1.48 -9.02
C ASP C 361 37.11 -0.46 -9.26
N TYR C 362 38.35 -0.89 -9.08
CA TYR C 362 39.52 -0.03 -9.17
C TYR C 362 40.72 -0.92 -8.86
N PRO C 363 41.90 -0.65 -9.45
CA PRO C 363 43.08 -1.48 -9.14
C PRO C 363 43.31 -1.66 -7.65
N VAL C 364 43.43 -2.91 -7.21
CA VAL C 364 43.48 -3.20 -5.78
C VAL C 364 44.72 -2.62 -5.14
N ASP C 365 45.83 -2.59 -5.86
CA ASP C 365 47.07 -2.09 -5.28
C ASP C 365 47.09 -0.55 -5.18
N LYS C 366 45.93 0.11 -5.26
CA LYS C 366 45.89 1.56 -5.29
C LYS C 366 44.76 2.11 -4.43
N ILE C 367 44.22 1.31 -3.52
CA ILE C 367 43.25 1.78 -2.52
C ILE C 367 43.61 1.23 -1.15
N SER C 368 43.15 1.94 -0.12
CA SER C 368 43.35 1.56 1.27
C SER C 368 42.34 2.31 2.13
N CYS C 369 41.78 1.63 3.13
CA CYS C 369 40.74 2.20 3.97
C CYS C 369 41.30 2.49 5.36
N TYR C 370 41.03 3.70 5.85
CA TYR C 370 41.45 4.15 7.16
C TYR C 370 40.20 4.41 7.98
N ILE C 371 40.02 3.66 9.07
CA ILE C 371 38.86 3.79 9.93
C ILE C 371 39.33 4.35 11.26
N SER C 372 38.77 5.49 11.64
CA SER C 372 39.14 6.19 12.87
C SER C 372 38.02 5.96 13.88
N ASP C 373 38.31 5.15 14.91
CA ASP C 373 37.34 4.82 15.94
C ASP C 373 37.59 5.78 17.10
N ASP C 374 36.71 6.77 17.24
CA ASP C 374 36.90 7.80 18.26
C ASP C 374 36.80 7.22 19.67
N GLY C 375 35.85 6.30 19.89
CA GLY C 375 35.59 5.79 21.22
C GLY C 375 36.57 4.76 21.72
N ALA C 376 37.46 4.27 20.86
CA ALA C 376 38.46 3.26 21.21
C ALA C 376 37.83 1.99 21.76
N SER C 377 36.58 1.72 21.41
CA SER C 377 35.89 0.54 21.90
C SER C 377 36.34 -0.71 21.15
N MET C 378 36.23 -1.85 21.84
CA MET C 378 36.62 -3.13 21.26
C MET C 378 35.55 -3.73 20.35
N LEU C 379 34.31 -3.25 20.45
CA LEU C 379 33.24 -3.80 19.62
C LEU C 379 33.52 -3.56 18.15
N THR C 380 33.89 -2.33 17.78
CA THR C 380 34.27 -2.04 16.41
C THR C 380 35.53 -2.78 15.97
N PHE C 381 36.48 -2.98 16.88
CA PHE C 381 37.67 -3.75 16.56
C PHE C 381 37.32 -5.18 16.17
N GLU C 382 36.49 -5.86 16.97
CA GLU C 382 36.08 -7.22 16.62
C GLU C 382 35.18 -7.25 15.39
N SER C 383 34.35 -6.22 15.20
CA SER C 383 33.55 -6.15 13.98
C SER C 383 34.42 -6.03 12.74
N LEU C 384 35.48 -5.23 12.80
CA LEU C 384 36.40 -5.15 11.68
C LEU C 384 37.14 -6.46 11.47
N SER C 385 37.51 -7.14 12.56
CA SER C 385 38.12 -8.46 12.42
C SER C 385 37.18 -9.45 11.73
N GLU C 386 35.87 -9.36 12.01
CA GLU C 386 34.89 -10.22 11.34
C GLU C 386 34.73 -9.83 9.88
N THR C 387 34.68 -8.53 9.60
CA THR C 387 34.49 -8.06 8.24
C THR C 387 35.69 -8.37 7.35
N ALA C 388 36.91 -8.30 7.88
CA ALA C 388 38.09 -8.67 7.13
C ALA C 388 38.14 -10.16 6.81
N GLU C 389 37.36 -10.98 7.53
CA GLU C 389 37.22 -12.39 7.20
C GLU C 389 36.09 -12.67 6.23
N PHE C 390 34.99 -11.92 6.32
CA PHE C 390 33.89 -12.08 5.35
C PHE C 390 34.20 -11.46 4.00
N ALA C 391 35.13 -10.49 3.95
CA ALA C 391 35.46 -9.85 2.68
C ALA C 391 36.08 -10.83 1.69
N ARG C 392 36.88 -11.79 2.18
CA ARG C 392 37.50 -12.78 1.32
C ARG C 392 36.48 -13.57 0.52
N LYS C 393 35.25 -13.69 1.01
CA LYS C 393 34.17 -14.31 0.24
C LYS C 393 33.30 -13.30 -0.48
N TRP C 394 33.07 -12.12 0.11
CA TRP C 394 32.18 -11.15 -0.52
C TRP C 394 32.78 -10.52 -1.77
N VAL C 395 34.08 -10.29 -1.80
CA VAL C 395 34.69 -9.51 -2.88
C VAL C 395 34.74 -10.27 -4.20
N PRO C 396 35.28 -11.51 -4.26
CA PRO C 396 35.34 -12.18 -5.57
C PRO C 396 34.00 -12.41 -6.21
N PHE C 397 32.98 -12.79 -5.42
CA PHE C 397 31.65 -12.98 -5.97
C PHE C 397 31.08 -11.69 -6.52
N CYS C 398 31.31 -10.57 -5.81
CA CYS C 398 30.85 -9.28 -6.30
C CYS C 398 31.56 -8.89 -7.58
N LYS C 399 32.86 -9.17 -7.67
CA LYS C 399 33.62 -8.82 -8.86
C LYS C 399 33.17 -9.63 -10.08
N LYS C 400 32.90 -10.93 -9.89
CA LYS C 400 32.64 -11.79 -11.03
C LYS C 400 31.35 -11.43 -11.74
N PHE C 401 30.27 -11.25 -10.99
CA PHE C 401 28.94 -11.09 -11.59
C PHE C 401 28.51 -9.64 -11.71
N ALA C 402 29.37 -8.68 -11.34
CA ALA C 402 29.07 -7.25 -11.43
C ALA C 402 27.78 -6.90 -10.69
N ILE C 403 27.87 -6.78 -9.37
CA ILE C 403 26.69 -6.48 -8.56
C ILE C 403 26.45 -4.97 -8.56
N GLU C 404 25.17 -4.59 -8.48
CA GLU C 404 24.77 -3.19 -8.59
C GLU C 404 25.10 -2.39 -7.33
N PRO C 405 24.65 -2.80 -6.12
CA PRO C 405 24.93 -1.98 -4.94
C PRO C 405 26.29 -2.26 -4.32
N ARG C 406 26.74 -3.51 -4.42
CA ARG C 406 28.00 -3.98 -3.84
C ARG C 406 28.01 -3.88 -2.32
N ALA C 407 26.85 -3.72 -1.70
CA ALA C 407 26.71 -3.76 -0.25
C ALA C 407 25.73 -4.87 0.09
N PRO C 408 26.05 -5.77 1.02
CA PRO C 408 25.23 -6.98 1.21
C PRO C 408 23.78 -6.71 1.59
N GLU C 409 23.56 -5.93 2.65
CA GLU C 409 22.19 -5.73 3.12
C GLU C 409 21.37 -4.91 2.15
N MET C 410 22.01 -3.98 1.43
CA MET C 410 21.30 -3.17 0.45
C MET C 410 21.22 -3.84 -0.91
N TYR C 411 21.78 -5.03 -1.06
CA TYR C 411 21.62 -5.82 -2.28
C TYR C 411 20.62 -6.97 -2.10
N PHE C 412 20.69 -7.66 -0.96
CA PHE C 412 19.76 -8.76 -0.70
C PHE C 412 18.39 -8.29 -0.24
N THR C 413 18.14 -6.98 -0.20
CA THR C 413 16.85 -6.41 0.17
C THR C 413 16.35 -5.48 -0.92
N LEU C 414 16.44 -5.93 -2.17
CA LEU C 414 15.97 -5.18 -3.32
C LEU C 414 14.70 -5.83 -3.85
N LYS C 415 13.65 -5.03 -4.04
CA LYS C 415 12.39 -5.57 -4.53
C LYS C 415 12.48 -5.95 -6.01
N VAL C 416 13.42 -5.35 -6.74
CA VAL C 416 13.54 -5.63 -8.17
C VAL C 416 14.05 -7.05 -8.38
N ASP C 417 13.67 -7.64 -9.50
CA ASP C 417 14.13 -8.98 -9.85
C ASP C 417 15.65 -8.99 -10.01
N TYR C 418 16.27 -10.06 -9.53
CA TYR C 418 17.72 -10.16 -9.51
C TYR C 418 18.29 -11.01 -10.63
N LEU C 419 17.48 -11.33 -11.64
CA LEU C 419 17.94 -12.04 -12.84
C LEU C 419 17.57 -11.27 -14.09
N LYS C 420 17.50 -9.94 -14.00
CA LYS C 420 17.06 -9.14 -15.12
C LYS C 420 18.04 -9.22 -16.30
N ASP C 421 19.34 -9.12 -16.02
CA ASP C 421 20.33 -9.11 -17.10
C ASP C 421 21.49 -10.06 -16.83
N LYS C 422 21.38 -10.95 -15.84
CA LYS C 422 22.45 -11.88 -15.56
C LYS C 422 22.45 -13.01 -16.58
N VAL C 423 23.65 -13.38 -17.05
CA VAL C 423 23.78 -14.36 -18.12
C VAL C 423 24.62 -15.57 -17.73
N GLN C 424 25.43 -15.50 -16.68
CA GLN C 424 26.32 -16.60 -16.37
C GLN C 424 25.53 -17.81 -15.89
N PRO C 425 25.88 -19.02 -16.34
CA PRO C 425 25.12 -20.21 -15.93
C PRO C 425 25.16 -20.49 -14.45
N THR C 426 26.25 -20.16 -13.76
CA THR C 426 26.44 -20.52 -12.37
C THR C 426 25.99 -19.44 -11.39
N PHE C 427 25.31 -18.40 -11.86
CA PHE C 427 24.97 -17.27 -11.00
C PHE C 427 24.03 -17.66 -9.86
N VAL C 428 23.00 -18.46 -10.17
CA VAL C 428 21.95 -18.73 -9.18
C VAL C 428 22.49 -19.50 -7.99
N LYS C 429 23.24 -20.59 -8.27
CA LYS C 429 23.74 -21.42 -7.18
C LYS C 429 24.69 -20.65 -6.28
N GLU C 430 25.60 -19.87 -6.87
CA GLU C 430 26.56 -19.16 -6.04
C GLU C 430 25.90 -18.01 -5.28
N ARG C 431 24.89 -17.37 -5.87
CA ARG C 431 24.18 -16.33 -5.13
C ARG C 431 23.44 -16.93 -3.94
N ARG C 432 22.78 -18.07 -4.14
CA ARG C 432 22.10 -18.73 -3.04
C ARG C 432 23.06 -19.34 -2.04
N ALA C 433 24.31 -19.57 -2.42
CA ALA C 433 25.33 -19.99 -1.46
C ALA C 433 25.91 -18.82 -0.68
N MET C 434 25.97 -17.63 -1.28
CA MET C 434 26.50 -16.45 -0.61
C MET C 434 25.50 -15.79 0.32
N LYS C 435 24.21 -15.90 0.02
CA LYS C 435 23.21 -15.34 0.93
C LYS C 435 23.28 -15.99 2.31
N ARG C 436 23.48 -17.31 2.34
CA ARG C 436 23.60 -18.01 3.62
C ARG C 436 24.84 -17.56 4.39
N GLU C 437 25.96 -17.37 3.68
CA GLU C 437 27.17 -16.87 4.33
C GLU C 437 26.93 -15.49 4.93
N TYR C 438 26.23 -14.63 4.20
CA TYR C 438 25.93 -13.30 4.74
C TYR C 438 25.05 -13.40 5.98
N GLU C 439 24.05 -14.29 5.97
CA GLU C 439 23.20 -14.46 7.14
C GLU C 439 24.01 -14.95 8.34
N GLU C 440 24.94 -15.89 8.11
CA GLU C 440 25.78 -16.38 9.18
C GLU C 440 26.67 -15.26 9.73
N PHE C 441 27.18 -14.41 8.84
CA PHE C 441 27.96 -13.24 9.29
C PHE C 441 27.12 -12.31 10.15
N LYS C 442 25.86 -12.10 9.76
CA LYS C 442 24.96 -11.29 10.57
C LYS C 442 24.78 -11.90 11.95
N VAL C 443 24.63 -13.22 12.01
CA VAL C 443 24.49 -13.90 13.30
C VAL C 443 25.74 -13.68 14.15
N ARG C 444 26.92 -13.79 13.55
CA ARG C 444 28.15 -13.58 14.29
C ARG C 444 28.25 -12.16 14.83
N ILE C 445 27.87 -11.16 14.02
CA ILE C 445 27.91 -9.78 14.49
C ILE C 445 26.93 -9.57 15.63
N ASN C 446 25.72 -10.14 15.51
CA ASN C 446 24.74 -10.03 16.58
C ASN C 446 25.23 -10.70 17.87
N ALA C 447 25.95 -11.80 17.76
CA ALA C 447 26.55 -12.44 18.92
C ALA C 447 27.64 -11.58 19.56
N LEU C 448 28.47 -10.94 18.72
CA LEU C 448 29.51 -10.06 19.25
C LEU C 448 28.89 -8.88 20.01
N VAL C 449 27.83 -8.30 19.47
CA VAL C 449 27.17 -7.18 20.15
C VAL C 449 26.63 -7.64 21.50
N ALA C 450 25.99 -8.80 21.53
CA ALA C 450 25.43 -9.32 22.77
C ALA C 450 26.51 -9.57 23.81
N LYS C 451 27.65 -10.14 23.38
CA LYS C 451 28.74 -10.37 24.32
C LYS C 451 29.31 -9.05 24.84
N ALA C 452 29.45 -8.05 23.97
CA ALA C 452 30.02 -6.78 24.39
C ALA C 452 29.05 -5.95 25.20
N GLN C 453 27.76 -6.30 25.22
CA GLN C 453 26.77 -5.52 25.95
C GLN C 453 27.01 -5.55 27.46
N LYS C 454 27.71 -6.55 27.99
CA LYS C 454 27.94 -6.69 29.42
C LYS C 454 29.40 -6.37 29.71
N VAL C 455 29.61 -5.35 30.55
CA VAL C 455 30.98 -4.91 30.85
C VAL C 455 31.56 -5.79 31.97
N PRO C 456 32.81 -6.24 31.84
CA PRO C 456 33.44 -6.99 32.93
C PRO C 456 34.00 -6.05 33.97
N PRO C 457 34.26 -6.54 35.19
CA PRO C 457 34.75 -5.65 36.25
C PRO C 457 36.19 -5.19 36.01
N GLU C 458 37.12 -6.13 35.86
CA GLU C 458 38.53 -5.77 35.77
C GLU C 458 38.84 -5.07 34.46
N GLY C 459 38.16 -5.44 33.38
CA GLY C 459 38.36 -4.83 32.08
C GLY C 459 38.31 -5.85 30.97
N TRP C 460 38.35 -5.34 29.74
CA TRP C 460 38.29 -6.20 28.56
C TRP C 460 39.59 -7.00 28.42
N ILE C 461 39.49 -8.13 27.72
CA ILE C 461 40.60 -9.05 27.55
C ILE C 461 40.78 -9.34 26.07
N MET C 462 42.01 -9.19 25.58
CA MET C 462 42.33 -9.55 24.21
C MET C 462 42.66 -11.03 24.11
N GLN C 463 42.64 -11.55 22.88
CA GLN C 463 42.81 -12.98 22.65
C GLN C 463 44.21 -13.44 23.05
N ASP C 464 45.23 -12.61 22.78
CA ASP C 464 46.60 -13.00 23.09
C ASP C 464 46.82 -13.14 24.59
N GLY C 465 46.39 -12.14 25.35
CA GLY C 465 46.56 -12.17 26.80
C GLY C 465 46.58 -10.80 27.44
N THR C 466 47.35 -9.88 26.85
CA THR C 466 47.43 -8.53 27.37
C THR C 466 46.06 -7.84 27.25
N PRO C 467 45.64 -7.06 28.24
CA PRO C 467 44.31 -6.46 28.20
C PRO C 467 44.19 -5.40 27.12
N TRP C 468 42.95 -5.12 26.77
CA TRP C 468 42.65 -4.10 25.76
C TRP C 468 43.08 -2.73 26.27
N PRO C 469 43.91 -1.99 25.53
CA PRO C 469 44.34 -0.66 26.00
C PRO C 469 43.23 0.38 26.08
N GLY C 470 42.04 0.08 25.57
CA GLY C 470 40.95 1.04 25.56
C GLY C 470 39.98 0.89 26.71
N ASN C 471 40.44 0.29 27.82
CA ASN C 471 39.57 0.09 28.98
C ASN C 471 39.08 1.43 29.52
N ASN C 472 39.98 2.40 29.65
CA ASN C 472 39.62 3.75 30.07
C ASN C 472 39.37 4.57 28.81
N THR C 473 38.10 4.86 28.54
CA THR C 473 37.73 5.55 27.30
C THR C 473 38.37 6.93 27.20
N LYS C 474 38.64 7.58 28.33
CA LYS C 474 39.18 8.93 28.34
C LYS C 474 40.69 8.97 28.53
N ASP C 475 41.36 7.82 28.44
CA ASP C 475 42.82 7.77 28.59
C ASP C 475 43.27 6.44 28.00
N HIS C 476 43.78 6.47 26.76
CA HIS C 476 44.27 5.27 26.12
C HIS C 476 45.36 5.67 25.14
N PRO C 477 46.42 4.87 25.00
CA PRO C 477 47.49 5.22 24.06
C PRO C 477 47.04 5.07 22.61
N GLY C 478 47.80 5.65 21.68
CA GLY C 478 47.53 5.45 20.28
C GLY C 478 47.77 3.99 19.88
N MET C 479 46.96 3.51 18.95
CA MET C 479 47.03 2.12 18.53
C MET C 479 46.54 1.99 17.09
N ILE C 480 47.36 1.38 16.24
CA ILE C 480 47.03 1.15 14.84
C ILE C 480 47.30 -0.31 14.51
N GLN C 481 46.45 -0.89 13.67
CA GLN C 481 46.66 -2.26 13.21
C GLN C 481 46.26 -2.36 11.75
N VAL C 482 46.78 -3.38 11.07
CA VAL C 482 46.65 -3.54 9.62
C VAL C 482 46.06 -4.90 9.31
N PHE C 483 45.05 -4.92 8.44
CA PHE C 483 44.43 -6.14 7.94
C PHE C 483 44.41 -6.12 6.42
N LEU C 484 44.28 -7.31 5.84
CA LEU C 484 43.99 -7.51 4.43
C LEU C 484 45.03 -6.94 3.48
N GLY C 485 46.19 -6.51 3.97
CA GLY C 485 47.19 -5.94 3.09
C GLY C 485 47.92 -6.99 2.28
N GLN C 486 49.12 -6.67 1.82
CA GLN C 486 49.94 -7.67 1.15
C GLN C 486 50.40 -8.75 2.12
N SER C 487 50.62 -8.39 3.38
CA SER C 487 50.96 -9.39 4.38
C SER C 487 49.79 -10.32 4.64
N GLY C 488 48.57 -9.79 4.63
CA GLY C 488 47.40 -10.61 4.86
C GLY C 488 47.16 -11.58 3.72
N GLY C 489 46.37 -12.61 4.02
CA GLY C 489 46.09 -13.64 3.05
C GLY C 489 45.20 -13.17 1.94
N HIS C 490 45.23 -13.92 0.83
CA HIS C 490 44.42 -13.64 -0.33
C HIS C 490 42.97 -14.07 -0.09
N ASP C 491 42.13 -13.86 -1.09
CA ASP C 491 40.71 -14.20 -1.00
C ASP C 491 40.50 -15.65 -1.44
N THR C 492 39.50 -15.89 -2.28
CA THR C 492 39.26 -17.24 -2.76
C THR C 492 40.00 -17.52 -4.06
N GLU C 493 39.89 -16.61 -5.03
CA GLU C 493 40.60 -16.77 -6.30
C GLU C 493 42.12 -16.67 -6.12
N GLY C 494 42.59 -15.73 -5.31
CA GLY C 494 44.00 -15.51 -5.09
C GLY C 494 44.44 -14.07 -5.15
N ASN C 495 43.56 -13.13 -5.47
CA ASN C 495 43.92 -11.72 -5.54
C ASN C 495 43.82 -11.12 -4.14
N GLU C 496 44.91 -10.49 -3.70
CA GLU C 496 44.94 -9.92 -2.36
C GLU C 496 43.95 -8.78 -2.23
N LEU C 497 43.45 -8.58 -1.03
CA LEU C 497 42.44 -7.57 -0.73
C LEU C 497 43.08 -6.21 -0.56
N PRO C 498 42.30 -5.15 -0.70
CA PRO C 498 42.82 -3.81 -0.34
C PRO C 498 43.15 -3.74 1.14
N ARG C 499 44.17 -2.96 1.45
CA ARG C 499 44.59 -2.81 2.84
C ARG C 499 43.51 -2.12 3.66
N LEU C 500 43.39 -2.53 4.92
CA LEU C 500 42.38 -1.98 5.83
C LEU C 500 43.08 -1.71 7.16
N VAL C 501 43.36 -0.45 7.44
CA VAL C 501 44.09 -0.07 8.64
C VAL C 501 43.13 0.58 9.62
N TYR C 502 43.17 0.11 10.86
CA TYR C 502 42.32 0.61 11.93
C TYR C 502 43.18 1.45 12.87
N VAL C 503 42.78 2.69 13.10
CA VAL C 503 43.55 3.66 13.85
C VAL C 503 42.75 4.13 15.05
N SER C 504 43.47 4.47 16.13
CA SER C 504 42.85 5.09 17.29
C SER C 504 43.90 5.99 17.95
N ARG C 505 43.69 7.30 17.85
CA ARG C 505 44.62 8.27 18.39
C ARG C 505 44.56 8.28 19.92
N GLU C 506 45.69 8.58 20.54
CA GLU C 506 45.73 8.71 21.99
C GLU C 506 44.92 9.92 22.43
N LYS C 507 44.30 9.82 23.61
CA LYS C 507 43.44 10.88 24.12
C LYS C 507 43.69 11.01 25.63
N ARG C 508 44.83 11.57 25.99
CA ARG C 508 45.11 11.86 27.39
C ARG C 508 44.15 12.96 27.88
N PRO C 509 43.66 12.83 29.11
CA PRO C 509 42.80 13.90 29.66
C PRO C 509 43.60 15.15 29.96
N GLY C 510 42.98 16.30 29.73
CA GLY C 510 43.61 17.59 29.95
C GLY C 510 43.97 18.34 28.69
N PHE C 511 43.69 17.79 27.51
CA PHE C 511 43.95 18.46 26.25
C PHE C 511 42.66 18.57 25.45
N LEU C 512 42.58 19.63 24.64
CA LEU C 512 41.39 19.88 23.85
C LEU C 512 41.32 18.92 22.67
N HIS C 513 40.23 18.17 22.57
CA HIS C 513 40.02 17.22 21.50
C HIS C 513 38.84 17.68 20.66
N HIS C 514 38.99 17.64 19.34
CA HIS C 514 37.98 18.13 18.42
C HIS C 514 37.15 16.97 17.89
N LYS C 515 35.86 17.22 17.70
CA LYS C 515 34.90 16.12 17.48
C LYS C 515 35.18 15.36 16.20
N LYS C 516 35.44 16.07 15.10
CA LYS C 516 35.61 15.41 13.81
C LYS C 516 36.80 15.90 13.01
N ALA C 517 37.17 17.17 13.08
CA ALA C 517 38.33 17.65 12.33
C ALA C 517 39.62 16.99 12.83
N GLY C 518 39.70 16.74 14.13
CA GLY C 518 40.89 16.14 14.68
C GLY C 518 41.14 14.72 14.18
N ALA C 519 40.08 13.91 14.11
CA ALA C 519 40.24 12.55 13.62
C ALA C 519 40.64 12.53 12.15
N MET C 520 40.04 13.40 11.34
CA MET C 520 40.42 13.48 9.94
C MET C 520 41.85 13.97 9.77
N ASN C 521 42.28 14.93 10.59
CA ASN C 521 43.67 15.38 10.55
C ASN C 521 44.62 14.25 10.92
N ALA C 522 44.27 13.47 11.94
CA ALA C 522 45.09 12.32 12.31
C ALA C 522 45.17 11.31 11.18
N LEU C 523 44.04 11.06 10.51
CA LEU C 523 44.06 10.16 9.35
C LEU C 523 44.96 10.69 8.24
N VAL C 524 44.87 11.99 7.95
CA VAL C 524 45.69 12.59 6.90
C VAL C 524 47.16 12.47 7.24
N ARG C 525 47.50 12.73 8.50
CA ARG C 525 48.90 12.65 8.92
C ARG C 525 49.42 11.21 8.95
N VAL C 526 48.56 10.24 9.28
CA VAL C 526 48.97 8.84 9.26
C VAL C 526 49.18 8.36 7.83
N SER C 527 48.30 8.75 6.92
CA SER C 527 48.41 8.29 5.54
C SER C 527 49.73 8.70 4.91
N GLY C 528 50.20 9.92 5.22
CA GLY C 528 51.45 10.39 4.68
C GLY C 528 52.64 9.51 5.03
N VAL C 529 52.60 8.85 6.19
CA VAL C 529 53.66 7.94 6.61
C VAL C 529 53.43 6.53 6.10
N LEU C 530 52.19 6.05 6.17
CA LEU C 530 51.89 4.69 5.73
C LEU C 530 51.93 4.58 4.21
N THR C 531 50.91 5.14 3.54
CA THR C 531 50.89 5.14 2.07
C THR C 531 50.36 6.49 1.60
N ASN C 532 51.20 7.23 0.88
CA ASN C 532 50.84 8.57 0.45
C ASN C 532 50.10 8.52 -0.88
N ALA C 533 48.95 9.19 -0.93
CA ALA C 533 48.15 9.22 -2.14
C ALA C 533 47.80 10.65 -2.52
N PRO C 534 47.83 10.98 -3.81
CA PRO C 534 47.48 12.35 -4.22
C PRO C 534 46.07 12.76 -3.84
N PHE C 535 45.12 11.84 -3.84
CA PHE C 535 43.72 12.15 -3.56
C PHE C 535 43.23 11.28 -2.40
N MET C 536 42.08 11.67 -1.87
CA MET C 536 41.50 10.95 -0.74
C MET C 536 39.99 11.19 -0.69
N LEU C 537 39.24 10.12 -0.44
CA LEU C 537 37.79 10.20 -0.33
C LEU C 537 37.40 10.01 1.14
N ASN C 538 36.31 10.66 1.55
CA ASN C 538 35.84 10.55 2.92
C ASN C 538 34.38 10.10 2.92
N LEU C 539 33.97 9.38 3.96
CA LEU C 539 32.63 8.85 4.05
C LEU C 539 32.19 8.77 5.51
N ASP C 540 30.87 8.81 5.70
CA ASP C 540 30.29 8.53 6.99
C ASP C 540 30.01 7.03 7.10
N CYS C 541 29.76 6.58 8.33
CA CYS C 541 29.47 5.17 8.56
C CYS C 541 28.19 4.74 7.85
N ASP C 542 27.15 5.59 7.91
CA ASP C 542 25.87 5.22 7.34
C ASP C 542 25.82 5.35 5.82
N HIS C 543 26.79 6.01 5.21
CA HIS C 543 26.82 6.21 3.77
C HIS C 543 27.68 5.12 3.13
N TYR C 544 27.06 4.33 2.26
CA TYR C 544 27.76 3.28 1.52
C TYR C 544 27.94 3.72 0.06
N ILE C 545 28.65 2.89 -0.70
CA ILE C 545 28.98 3.19 -2.08
C ILE C 545 28.01 2.41 -2.97
N ASN C 546 27.19 3.14 -3.73
CA ASN C 546 26.20 2.52 -4.60
C ASN C 546 26.78 2.25 -5.99
N ASN C 547 27.27 3.28 -6.67
CA ASN C 547 27.93 3.12 -7.95
C ASN C 547 29.38 2.74 -7.73
N SER C 548 29.82 1.68 -8.38
CA SER C 548 31.13 1.08 -8.13
C SER C 548 32.27 1.78 -8.84
N LYS C 549 31.98 2.81 -9.63
CA LYS C 549 33.01 3.53 -10.39
C LYS C 549 33.11 4.99 -9.96
N ALA C 550 32.74 5.33 -8.72
CA ALA C 550 32.73 6.73 -8.31
C ALA C 550 34.13 7.32 -8.32
N ALA C 551 35.11 6.61 -7.75
CA ALA C 551 36.48 7.10 -7.80
C ALA C 551 37.01 7.13 -9.23
N ARG C 552 36.69 6.09 -10.01
CA ARG C 552 37.07 6.06 -11.41
C ARG C 552 36.38 7.17 -12.21
N GLU C 553 35.21 7.62 -11.78
CA GLU C 553 34.51 8.73 -12.41
C GLU C 553 35.00 10.09 -11.93
N ALA C 554 35.65 10.14 -10.77
CA ALA C 554 36.29 11.38 -10.31
C ALA C 554 37.70 11.54 -10.86
N MET C 555 38.37 10.45 -11.24
CA MET C 555 39.70 10.59 -11.83
C MET C 555 39.68 11.22 -13.20
N CYS C 556 38.59 11.08 -13.96
CA CYS C 556 38.50 11.80 -15.22
C CYS C 556 38.53 13.31 -15.01
N PHE C 557 38.14 13.77 -13.83
CA PHE C 557 38.20 15.19 -13.49
C PHE C 557 39.52 15.58 -12.81
N LEU C 558 40.06 14.71 -11.96
CA LEU C 558 41.25 15.04 -11.18
C LEU C 558 42.55 14.66 -11.85
N MET C 559 42.53 13.97 -12.98
CA MET C 559 43.76 13.50 -13.61
C MET C 559 44.02 14.13 -14.97
N ASP C 560 43.05 14.83 -15.55
CA ASP C 560 43.31 15.57 -16.78
C ASP C 560 44.25 16.73 -16.49
N PRO C 561 45.40 16.82 -17.18
CA PRO C 561 46.24 18.01 -17.01
C PRO C 561 45.60 19.28 -17.53
N GLN C 562 44.58 19.18 -18.39
CA GLN C 562 43.99 20.36 -19.01
C GLN C 562 42.98 21.03 -18.08
N ILE C 563 41.79 20.45 -17.96
CA ILE C 563 40.71 21.05 -17.19
C ILE C 563 40.64 20.52 -15.76
N GLY C 564 41.70 19.86 -15.29
CA GLY C 564 41.71 19.33 -13.95
C GLY C 564 42.93 19.72 -13.15
N ARG C 565 43.82 20.50 -13.76
CA ARG C 565 45.04 20.93 -13.10
C ARG C 565 44.79 21.88 -11.93
N LYS C 566 43.66 22.57 -11.91
CA LYS C 566 43.38 23.57 -10.89
C LYS C 566 42.14 23.26 -10.08
N VAL C 567 41.71 22.01 -10.03
CA VAL C 567 40.54 21.61 -9.24
C VAL C 567 41.01 21.05 -7.91
N CYS C 568 40.38 21.51 -6.82
CA CYS C 568 40.78 21.09 -5.49
C CYS C 568 39.95 19.94 -4.92
N TYR C 569 38.68 19.81 -5.29
CA TYR C 569 37.93 18.62 -4.89
C TYR C 569 36.75 18.40 -5.82
N VAL C 570 36.27 17.16 -5.80
CA VAL C 570 35.09 16.73 -6.56
C VAL C 570 34.00 16.37 -5.56
N GLN C 571 32.80 16.91 -5.76
CA GLN C 571 31.70 16.76 -4.82
C GLN C 571 30.52 16.08 -5.48
N PHE C 572 29.97 15.08 -4.79
CA PHE C 572 28.79 14.34 -5.20
C PHE C 572 27.58 14.74 -4.35
N PRO C 573 26.37 14.65 -4.89
CA PRO C 573 25.18 14.99 -4.12
C PRO C 573 24.87 13.91 -3.10
N GLN C 574 24.23 14.31 -2.02
CA GLN C 574 23.83 13.37 -0.97
C GLN C 574 22.49 12.75 -1.33
N ARG C 575 22.50 11.47 -1.68
CA ARG C 575 21.27 10.72 -1.93
C ARG C 575 20.99 9.83 -0.74
N PHE C 576 19.72 9.76 -0.36
CA PHE C 576 19.28 9.01 0.81
C PHE C 576 18.39 7.84 0.38
N ASP C 577 18.42 6.79 1.20
CA ASP C 577 17.68 5.56 0.95
C ASP C 577 16.61 5.35 2.01
N GLY C 578 15.55 4.65 1.64
CA GLY C 578 14.47 4.38 2.55
C GLY C 578 13.49 5.52 2.77
N ILE C 579 13.60 6.60 2.00
CA ILE C 579 12.68 7.71 2.15
C ILE C 579 11.30 7.30 1.63
N ASP C 580 10.26 7.78 2.31
CA ASP C 580 8.90 7.49 1.91
C ASP C 580 8.52 8.27 0.65
N ARG C 581 7.47 7.80 -0.03
CA ARG C 581 6.97 8.53 -1.19
C ARG C 581 6.51 9.93 -0.82
N HIS C 582 5.81 10.05 0.31
CA HIS C 582 5.49 11.36 0.85
C HIS C 582 6.67 11.90 1.64
N ASP C 583 7.00 13.17 1.41
CA ASP C 583 8.09 13.82 2.14
C ASP C 583 7.49 14.48 3.37
N ARG C 584 7.61 13.80 4.51
CA ARG C 584 6.95 14.26 5.73
C ARG C 584 7.58 15.58 6.22
N TYR C 585 8.90 15.71 6.14
CA TYR C 585 9.59 16.87 6.68
C TYR C 585 10.85 17.19 5.87
N ALA C 586 10.71 17.17 4.55
CA ALA C 586 11.75 17.66 3.62
C ALA C 586 13.08 16.96 3.84
N ASN C 587 13.08 15.64 3.65
CA ASN C 587 14.32 14.87 3.75
C ASN C 587 15.02 14.72 2.40
N ARG C 588 14.31 14.93 1.29
CA ARG C 588 14.90 14.65 -0.01
C ARG C 588 15.91 15.72 -0.42
N ASN C 589 15.67 16.97 0.00
CA ASN C 589 16.57 18.10 -0.28
C ASN C 589 16.80 18.28 -1.78
N THR C 590 15.72 18.27 -2.56
CA THR C 590 15.85 18.41 -4.00
C THR C 590 16.36 19.78 -4.41
N VAL C 591 15.80 20.84 -3.79
CA VAL C 591 16.08 22.20 -4.26
C VAL C 591 17.56 22.50 -4.17
N PHE C 592 18.18 22.20 -3.02
CA PHE C 592 19.59 22.47 -2.82
C PHE C 592 20.44 21.75 -3.86
N PHE C 593 20.52 20.42 -3.75
CA PHE C 593 21.42 19.61 -4.56
C PHE C 593 21.07 19.61 -6.05
N ASP C 594 19.88 20.09 -6.43
CA ASP C 594 19.47 20.08 -7.82
C ASP C 594 19.48 21.45 -8.48
N ILE C 595 19.16 22.51 -7.74
CA ILE C 595 19.11 23.85 -8.31
C ILE C 595 20.36 24.62 -7.88
N ASN C 596 20.55 24.76 -6.56
CA ASN C 596 21.56 25.68 -6.05
C ASN C 596 22.96 25.24 -6.45
N MET C 597 23.30 23.99 -6.17
CA MET C 597 24.67 23.54 -6.40
C MET C 597 24.93 23.29 -7.87
N LYS C 598 23.92 22.79 -8.61
CA LYS C 598 24.08 22.64 -10.05
C LYS C 598 24.28 23.98 -10.75
N GLY C 599 23.53 25.01 -10.35
CA GLY C 599 23.73 26.33 -10.91
C GLY C 599 24.91 27.08 -10.37
N LEU C 600 25.46 26.64 -9.25
CA LEU C 600 26.65 27.24 -8.66
C LEU C 600 27.92 26.55 -9.17
N ASP C 601 27.79 25.39 -9.81
CA ASP C 601 28.93 24.71 -10.41
C ASP C 601 29.68 25.58 -11.42
N GLY C 602 29.00 26.54 -12.05
CA GLY C 602 29.66 27.41 -13.01
C GLY C 602 30.68 28.34 -12.38
N ILE C 603 30.65 28.48 -11.05
CA ILE C 603 31.57 29.38 -10.35
C ILE C 603 32.35 28.62 -9.29
N GLN C 604 33.58 28.24 -9.61
CA GLN C 604 34.53 27.63 -8.67
C GLN C 604 33.96 26.38 -8.00
N GLY C 605 32.89 25.82 -8.54
CA GLY C 605 32.35 24.58 -8.04
C GLY C 605 31.58 24.75 -6.75
N PRO C 606 30.94 23.68 -6.29
CA PRO C 606 30.01 23.80 -5.15
C PRO C 606 30.71 23.98 -3.82
N VAL C 607 29.93 23.94 -2.74
CA VAL C 607 30.45 24.06 -1.39
C VAL C 607 30.58 22.66 -0.80
N TYR C 608 31.63 22.47 0.00
CA TYR C 608 31.89 21.14 0.57
C TYR C 608 30.89 20.78 1.65
N VAL C 609 29.98 19.88 1.34
CA VAL C 609 29.09 19.31 2.35
C VAL C 609 29.86 18.28 3.18
N GLY C 610 29.13 17.59 4.05
CA GLY C 610 29.74 16.66 4.97
C GLY C 610 30.53 15.53 4.34
N THR C 611 29.84 14.54 3.82
CA THR C 611 30.46 13.31 3.34
C THR C 611 30.26 13.14 1.84
N GLY C 612 31.07 12.29 1.25
CA GLY C 612 30.98 12.00 -0.18
C GLY C 612 31.66 13.05 -1.02
N CYS C 613 32.99 13.15 -0.90
CA CYS C 613 33.76 14.13 -1.65
C CYS C 613 35.20 13.66 -1.74
N VAL C 614 35.82 13.87 -2.89
CA VAL C 614 37.20 13.46 -3.13
C VAL C 614 38.08 14.70 -3.16
N PHE C 615 39.01 14.78 -2.20
CA PHE C 615 39.93 15.90 -2.06
C PHE C 615 41.28 15.57 -2.69
N ARG C 616 42.00 16.62 -3.06
CA ARG C 616 43.39 16.50 -3.48
C ARG C 616 44.29 16.82 -2.31
N ARG C 617 45.27 15.94 -2.05
CA ARG C 617 46.10 16.08 -0.86
C ARG C 617 46.89 17.39 -0.88
N GLN C 618 47.47 17.74 -2.02
CA GLN C 618 48.32 18.92 -2.09
C GLN C 618 47.55 20.22 -1.84
N ALA C 619 46.23 20.19 -1.91
CA ALA C 619 45.42 21.37 -1.60
C ALA C 619 45.18 21.53 -0.11
N LEU C 620 45.07 20.42 0.63
CA LEU C 620 44.83 20.52 2.06
C LEU C 620 46.03 21.11 2.79
N TYR C 621 47.23 20.97 2.23
CA TYR C 621 48.43 21.47 2.88
C TYR C 621 48.56 22.99 2.81
N GLY C 622 47.69 23.66 2.05
CA GLY C 622 47.71 25.11 1.98
C GLY C 622 48.38 25.68 0.74
N TYR C 623 48.93 24.83 -0.12
CA TYR C 623 49.63 25.31 -1.30
C TYR C 623 48.65 25.84 -2.34
N GLU C 624 49.06 26.91 -3.02
CA GLU C 624 48.29 27.49 -4.09
C GLU C 624 48.42 26.64 -5.35
N PRO C 625 47.46 26.75 -6.28
CA PRO C 625 47.52 25.92 -7.50
C PRO C 625 48.74 26.24 -8.33
N PRO C 626 49.23 25.29 -9.12
CA PRO C 626 50.50 25.50 -9.84
C PRO C 626 50.37 26.48 -10.99
N LYS C 627 51.45 26.60 -11.78
CA LYS C 627 51.51 27.49 -12.93
C LYS C 627 51.24 28.94 -12.54
N GLY C 628 51.72 29.35 -11.38
CA GLY C 628 51.53 30.72 -10.91
C GLY C 628 50.08 31.06 -10.61
N MET C 675 68.11 24.66 8.43
CA MET C 675 67.98 25.96 7.76
C MET C 675 66.57 26.11 7.23
N SER C 676 66.25 25.39 6.14
CA SER C 676 64.90 25.45 5.59
C SER C 676 63.92 24.62 6.39
N GLN C 677 64.39 23.56 7.06
CA GLN C 677 63.50 22.63 7.76
C GLN C 677 62.67 23.31 8.83
N MET C 678 63.13 24.44 9.36
CA MET C 678 62.43 25.10 10.46
C MET C 678 61.04 25.57 10.06
N ASN C 679 60.90 26.15 8.86
CA ASN C 679 59.59 26.65 8.46
C ASN C 679 58.62 25.49 8.26
N PHE C 680 59.13 24.36 7.75
CA PHE C 680 58.31 23.16 7.66
C PHE C 680 57.88 22.69 9.04
N GLU C 681 58.78 22.78 10.03
CA GLU C 681 58.43 22.36 11.38
C GLU C 681 57.38 23.25 12.01
N LYS C 682 57.45 24.58 11.79
CA LYS C 682 56.32 25.41 12.19
C LYS C 682 55.05 25.08 11.42
N LYS C 683 55.15 24.81 10.11
CA LYS C 683 53.96 24.67 9.30
C LYS C 683 53.16 23.44 9.70
N PHE C 684 53.84 22.31 9.89
CA PHE C 684 53.16 21.07 10.24
C PHE C 684 54.14 20.08 10.86
N GLY C 685 53.96 19.84 12.15
CA GLY C 685 54.69 18.81 12.88
C GLY C 685 56.18 18.98 12.97
N GLN C 686 56.81 18.23 13.89
CA GLN C 686 58.26 18.12 13.96
C GLN C 686 58.74 16.73 13.54
N SER C 687 57.88 15.96 12.88
CA SER C 687 58.22 14.62 12.40
C SER C 687 58.89 14.77 11.03
N ALA C 688 60.18 14.42 10.97
CA ALA C 688 60.93 14.58 9.73
C ALA C 688 60.38 13.68 8.62
N ILE C 689 59.99 12.45 8.96
CA ILE C 689 59.53 11.50 7.95
C ILE C 689 58.27 12.01 7.27
N PHE C 690 57.30 12.50 8.04
CA PHE C 690 56.05 12.97 7.45
C PHE C 690 56.29 14.25 6.65
N VAL C 691 57.16 15.12 7.14
CA VAL C 691 57.49 16.35 6.41
C VAL C 691 58.10 16.01 5.06
N THR C 692 59.04 15.05 5.04
CA THR C 692 59.61 14.61 3.77
C THR C 692 58.56 13.96 2.88
N SER C 693 57.64 13.19 3.46
CA SER C 693 56.57 12.55 2.70
C SER C 693 55.62 13.55 2.06
N THR C 694 55.51 14.76 2.59
CA THR C 694 54.67 15.79 1.99
C THR C 694 55.34 16.52 0.82
N LEU C 695 56.66 16.55 0.76
CA LEU C 695 57.37 17.25 -0.30
C LEU C 695 57.30 16.53 -1.64
N MET C 696 56.80 15.30 -1.67
CA MET C 696 56.65 14.56 -2.91
C MET C 696 55.44 15.12 -3.65
N ASP C 697 55.63 15.48 -4.92
CA ASP C 697 54.58 16.18 -5.66
C ASP C 697 53.34 15.32 -5.83
N GLN C 698 53.52 14.05 -6.21
CA GLN C 698 52.36 13.17 -6.44
C GLN C 698 52.73 11.76 -6.00
N GLY C 699 52.16 11.31 -4.90
CA GLY C 699 52.36 9.95 -4.45
C GLY C 699 53.77 9.69 -3.92
N GLY C 700 54.05 8.42 -3.73
CA GLY C 700 55.34 7.98 -3.26
C GLY C 700 55.48 8.10 -1.75
N VAL C 701 56.43 7.34 -1.21
CA VAL C 701 56.68 7.31 0.23
C VAL C 701 58.15 7.62 0.46
N PRO C 702 58.50 8.11 1.65
CA PRO C 702 59.91 8.42 1.95
C PRO C 702 60.77 7.17 1.82
N PRO C 703 62.04 7.33 1.44
CA PRO C 703 62.88 6.18 1.11
C PRO C 703 63.25 5.29 2.29
N SER C 704 62.58 5.42 3.43
CA SER C 704 62.84 4.50 4.54
C SER C 704 62.47 3.06 4.16
N SER C 705 61.33 2.88 3.48
CA SER C 705 60.91 1.61 2.90
C SER C 705 60.65 0.54 3.96
N SER C 706 61.53 0.41 4.95
CA SER C 706 61.39 -0.61 5.97
C SER C 706 60.11 -0.39 6.77
N PRO C 707 59.23 -1.39 6.87
CA PRO C 707 57.97 -1.19 7.59
C PRO C 707 58.15 -0.90 9.08
N ALA C 708 59.29 -1.25 9.67
CA ALA C 708 59.49 -1.05 11.10
C ALA C 708 59.44 0.43 11.46
N ALA C 709 60.22 1.25 10.75
CA ALA C 709 60.25 2.68 11.05
C ALA C 709 58.90 3.33 10.80
N LEU C 710 58.23 2.98 9.70
CA LEU C 710 56.94 3.58 9.39
C LEU C 710 55.89 3.21 10.43
N LEU C 711 55.83 1.93 10.82
CA LEU C 711 54.85 1.48 11.80
C LEU C 711 55.20 1.89 13.22
N LYS C 712 56.44 2.29 13.48
CA LYS C 712 56.82 2.84 14.77
C LYS C 712 56.68 4.35 14.84
N GLU C 713 56.63 5.03 13.69
CA GLU C 713 56.51 6.47 13.65
C GLU C 713 55.08 6.95 13.42
N ALA C 714 54.27 6.19 12.68
CA ALA C 714 52.87 6.55 12.51
C ALA C 714 52.10 6.56 13.82
N ILE C 715 52.57 5.83 14.83
CA ILE C 715 52.01 5.94 16.17
C ILE C 715 52.52 7.16 16.91
N HIS C 716 53.69 7.68 16.53
CA HIS C 716 54.17 8.96 17.07
C HIS C 716 53.42 10.14 16.46
N VAL C 717 52.96 10.01 15.22
CA VAL C 717 52.26 11.11 14.55
C VAL C 717 50.91 11.42 15.18
N ILE C 718 50.27 10.45 15.81
CA ILE C 718 48.97 10.65 16.45
C ILE C 718 49.10 10.91 17.94
N SER C 719 50.19 11.57 18.36
CA SER C 719 50.35 11.93 19.76
C SER C 719 49.37 13.04 20.13
N CYS C 720 49.19 13.25 21.43
CA CYS C 720 48.23 14.23 21.93
C CYS C 720 48.77 15.65 21.91
N GLY C 721 50.07 15.84 21.72
CA GLY C 721 50.64 17.18 21.70
C GLY C 721 51.26 17.55 20.37
N TYR C 722 50.87 16.83 19.32
CA TYR C 722 51.45 17.08 17.99
C TYR C 722 51.04 18.45 17.47
N GLU C 723 49.74 18.75 17.50
CA GLU C 723 49.23 20.02 16.97
C GLU C 723 49.26 21.09 18.06
N ASP C 724 50.46 21.64 18.25
CA ASP C 724 50.66 22.70 19.24
C ASP C 724 51.22 23.94 18.58
N LYS C 725 52.52 23.94 18.32
CA LYS C 725 53.17 25.09 17.69
C LYS C 725 53.08 25.00 16.17
N THR C 726 52.03 24.35 15.67
CA THR C 726 51.87 24.16 14.23
C THR C 726 50.62 24.87 13.72
N GLU C 727 50.31 24.70 12.44
CA GLU C 727 49.18 25.35 11.80
C GLU C 727 48.01 24.41 11.54
N TRP C 728 48.05 23.19 12.06
CA TRP C 728 46.95 22.25 11.81
C TRP C 728 45.66 22.77 12.41
N GLY C 729 44.59 22.74 11.61
CA GLY C 729 43.29 23.20 12.06
C GLY C 729 43.04 24.68 11.94
N SER C 730 44.08 25.49 11.74
CA SER C 730 43.93 26.92 11.54
C SER C 730 44.24 27.36 10.12
N GLU C 731 45.10 26.64 9.40
CA GLU C 731 45.39 26.92 7.99
C GLU C 731 45.50 25.68 7.12
N LEU C 732 45.73 24.50 7.69
CA LEU C 732 45.86 23.26 6.94
C LEU C 732 44.78 22.27 7.34
N GLY C 733 44.63 21.25 6.51
CA GLY C 733 43.70 20.17 6.81
C GLY C 733 42.28 20.67 6.93
N TRP C 734 41.61 20.24 8.01
CA TRP C 734 40.23 20.59 8.28
C TRP C 734 40.20 21.68 9.33
N ILE C 735 39.53 22.80 9.01
CA ILE C 735 39.59 23.98 9.86
C ILE C 735 38.87 23.71 11.17
N TYR C 736 39.54 24.00 12.28
CA TYR C 736 38.96 23.81 13.61
C TYR C 736 37.89 24.86 13.89
N GLY C 737 36.72 24.70 13.28
CA GLY C 737 35.63 25.63 13.50
C GLY C 737 34.96 25.44 14.83
N SER C 738 33.62 25.47 14.84
CA SER C 738 32.87 25.29 16.08
C SER C 738 32.20 23.93 16.13
N ILE C 739 31.03 23.82 15.48
CA ILE C 739 30.26 22.59 15.47
C ILE C 739 30.36 21.90 14.12
N THR C 740 30.17 22.64 13.03
CA THR C 740 30.33 22.12 11.68
C THR C 740 31.56 22.76 11.04
N GLU C 741 32.45 21.93 10.52
CA GLU C 741 33.73 22.40 10.01
C GLU C 741 33.89 22.16 8.50
N ASP C 742 32.86 21.64 7.84
CA ASP C 742 32.96 21.33 6.42
C ASP C 742 33.01 22.61 5.58
N ILE C 743 32.11 23.55 5.87
CA ILE C 743 31.99 24.75 5.05
C ILE C 743 33.27 25.59 5.16
N LEU C 744 33.80 25.75 6.37
CA LEU C 744 35.04 26.48 6.54
C LEU C 744 36.20 25.77 5.84
N THR C 745 36.22 24.43 5.88
CA THR C 745 37.27 23.69 5.20
C THR C 745 37.25 23.95 3.70
N GLY C 746 36.06 23.92 3.10
CA GLY C 746 35.97 24.22 1.67
C GLY C 746 36.30 25.66 1.35
N PHE C 747 35.82 26.59 2.19
CA PHE C 747 36.00 28.01 1.91
C PHE C 747 37.45 28.43 2.06
N LYS C 748 38.20 27.80 2.97
CA LYS C 748 39.60 28.17 3.14
C LYS C 748 40.40 27.94 1.86
N MET C 749 40.08 26.89 1.11
CA MET C 749 40.75 26.63 -0.16
C MET C 749 40.09 27.31 -1.36
N HIS C 750 38.79 27.61 -1.28
CA HIS C 750 38.20 28.44 -2.33
C HIS C 750 38.73 29.87 -2.28
N CYS C 751 39.06 30.36 -1.09
CA CYS C 751 39.63 31.70 -0.94
C CYS C 751 40.94 31.85 -1.69
N ARG C 752 41.67 30.75 -1.90
CA ARG C 752 42.86 30.77 -2.74
C ARG C 752 42.45 30.71 -4.21
N GLY C 753 43.32 30.19 -5.08
CA GLY C 753 43.03 30.14 -6.49
C GLY C 753 42.46 28.80 -6.94
N TRP C 754 41.95 28.01 -6.00
CA TRP C 754 41.51 26.67 -6.30
C TRP C 754 40.06 26.64 -6.79
N ARG C 755 39.80 25.73 -7.71
CA ARG C 755 38.46 25.41 -8.17
C ARG C 755 38.00 24.09 -7.54
N SER C 756 36.68 23.91 -7.47
CA SER C 756 36.09 22.62 -7.13
C SER C 756 35.13 22.28 -8.25
N ILE C 757 34.62 21.05 -8.24
CA ILE C 757 33.79 20.59 -9.34
C ILE C 757 32.73 19.65 -8.81
N TYR C 758 31.53 19.74 -9.40
CA TYR C 758 30.36 18.97 -9.00
C TYR C 758 30.10 17.84 -9.99
N CYS C 759 29.60 16.72 -9.47
CA CYS C 759 29.42 15.53 -10.29
C CYS C 759 28.08 14.87 -9.99
N MET C 760 27.35 14.51 -11.04
CA MET C 760 26.09 13.78 -10.92
C MET C 760 26.14 12.53 -11.80
N PRO C 761 26.59 11.40 -11.25
CA PRO C 761 26.50 10.15 -12.00
C PRO C 761 25.05 9.74 -12.21
N LYS C 762 24.79 9.06 -13.33
CA LYS C 762 23.44 8.56 -13.57
C LYS C 762 23.03 7.54 -12.51
N LEU C 763 23.93 6.62 -12.17
CA LEU C 763 23.73 5.76 -11.02
C LEU C 763 24.29 6.48 -9.81
N PRO C 764 23.50 6.77 -8.78
CA PRO C 764 24.00 7.55 -7.65
C PRO C 764 25.24 6.92 -7.03
N ALA C 765 26.23 7.76 -6.72
CA ALA C 765 27.51 7.26 -6.26
C ALA C 765 27.43 6.77 -4.82
N PHE C 766 26.93 7.60 -3.92
CA PHE C 766 26.85 7.25 -2.50
C PHE C 766 25.44 7.44 -2.02
N LYS C 767 24.88 6.41 -1.39
CA LYS C 767 23.57 6.46 -0.77
C LYS C 767 23.72 6.28 0.73
N GLY C 768 22.99 7.09 1.50
CA GLY C 768 23.08 7.04 2.94
C GLY C 768 21.71 6.94 3.58
N SER C 769 21.70 6.45 4.81
CA SER C 769 20.47 6.31 5.56
C SER C 769 19.91 7.69 5.92
N ALA C 770 18.60 7.73 6.10
CA ALA C 770 17.89 8.97 6.40
C ALA C 770 17.48 9.01 7.86
N PRO C 771 17.30 10.20 8.43
CA PRO C 771 16.82 10.29 9.81
C PRO C 771 15.44 9.68 9.96
N ILE C 772 15.19 9.08 11.13
CA ILE C 772 13.99 8.29 11.32
C ILE C 772 12.79 9.18 11.65
N ASN C 773 12.91 10.00 12.69
CA ASN C 773 11.79 10.78 13.19
C ASN C 773 12.08 12.27 13.06
N LEU C 774 11.06 13.08 13.36
CA LEU C 774 11.17 14.52 13.17
C LEU C 774 11.99 15.19 14.26
N SER C 775 12.13 14.55 15.43
CA SER C 775 12.93 15.14 16.50
C SER C 775 14.40 15.23 16.09
N ASP C 776 14.93 14.17 15.48
CA ASP C 776 16.29 14.22 14.97
C ASP C 776 16.42 15.26 13.86
N ARG C 777 15.37 15.39 13.03
CA ARG C 777 15.35 16.41 11.99
C ARG C 777 15.49 17.81 12.58
N LEU C 778 14.72 18.12 13.62
CA LEU C 778 14.77 19.43 14.24
C LEU C 778 16.10 19.67 14.94
N ASN C 779 16.62 18.66 15.63
CA ASN C 779 17.95 18.79 16.22
C ASN C 779 18.99 19.04 15.13
N GLN C 780 18.84 18.38 13.99
CA GLN C 780 19.79 18.54 12.88
C GLN C 780 19.77 19.95 12.31
N VAL C 781 18.57 20.50 12.08
CA VAL C 781 18.50 21.86 11.55
C VAL C 781 19.01 22.86 12.58
N LEU C 782 18.75 22.61 13.87
CA LEU C 782 19.29 23.48 14.90
C LEU C 782 20.82 23.45 14.89
N ARG C 783 21.41 22.26 14.76
CA ARG C 783 22.86 22.16 14.74
C ARG C 783 23.46 22.86 13.53
N TRP C 784 22.88 22.66 12.34
CA TRP C 784 23.38 23.34 11.15
C TRP C 784 23.26 24.86 11.29
N ALA C 785 22.10 25.34 11.75
CA ALA C 785 21.90 26.78 11.87
C ALA C 785 22.86 27.39 12.89
N LEU C 786 23.09 26.69 14.02
CA LEU C 786 24.01 27.20 15.02
C LEU C 786 25.44 27.22 14.51
N GLY C 787 25.82 26.19 13.75
CA GLY C 787 27.14 26.20 13.12
C GLY C 787 27.32 27.40 12.20
N SER C 788 26.29 27.67 11.39
CA SER C 788 26.35 28.84 10.51
C SER C 788 26.44 30.14 11.31
N VAL C 789 25.66 30.24 12.39
CA VAL C 789 25.66 31.45 13.22
C VAL C 789 27.05 31.68 13.80
N GLU C 790 27.67 30.63 14.34
CA GLU C 790 29.01 30.79 14.89
C GLU C 790 30.05 31.05 13.82
N ILE C 791 29.83 30.56 12.60
CA ILE C 791 30.71 30.93 11.49
C ILE C 791 30.60 32.42 11.19
N PHE C 792 29.40 32.98 11.33
CA PHE C 792 29.20 34.40 11.06
C PHE C 792 29.83 35.30 12.13
N PHE C 793 30.75 34.77 12.93
CA PHE C 793 31.28 35.56 14.04
C PHE C 793 32.79 35.45 14.22
N SER C 794 33.51 34.78 13.33
CA SER C 794 34.95 34.64 13.46
C SER C 794 35.66 35.41 12.35
N ARG C 795 37.00 35.29 12.34
CA ARG C 795 37.78 35.91 11.28
C ARG C 795 37.64 35.21 9.94
N HIS C 796 37.08 33.99 9.93
CA HIS C 796 36.86 33.25 8.69
C HIS C 796 35.52 33.56 8.05
N CYS C 797 34.83 34.61 8.51
CA CYS C 797 33.52 34.91 7.98
C CYS C 797 33.60 35.27 6.50
N PRO C 798 32.72 34.73 5.65
CA PRO C 798 32.81 35.02 4.22
C PRO C 798 32.58 36.48 3.86
N ALA C 799 31.97 37.27 4.76
CA ALA C 799 31.62 38.64 4.42
C ALA C 799 32.87 39.49 4.16
N TRP C 800 33.91 39.34 4.99
CA TRP C 800 35.08 40.19 4.84
C TRP C 800 36.39 39.42 4.93
N TYR C 801 36.39 38.12 4.64
CA TYR C 801 37.61 37.33 4.66
C TYR C 801 38.33 37.49 3.32
N GLY C 802 39.55 38.02 3.36
CA GLY C 802 40.38 38.11 2.19
C GLY C 802 39.82 38.97 1.07
N LEU C 803 39.27 40.13 1.42
CA LEU C 803 38.81 41.05 0.38
C LEU C 803 39.95 41.51 -0.50
N LYS C 804 41.10 41.83 0.11
CA LYS C 804 42.31 42.07 -0.65
C LYS C 804 42.99 40.74 -0.97
N GLY C 805 43.63 40.70 -2.14
CA GLY C 805 44.21 39.46 -2.63
C GLY C 805 43.27 38.76 -3.59
N ALA C 806 41.97 38.94 -3.37
CA ALA C 806 40.90 38.45 -4.26
C ALA C 806 41.02 36.92 -4.34
N LYS C 807 41.26 36.36 -5.53
CA LYS C 807 41.35 34.91 -5.75
C LYS C 807 40.01 34.21 -5.57
N LEU C 808 39.04 34.90 -4.98
CA LEU C 808 37.68 34.37 -4.82
C LEU C 808 36.73 35.24 -5.65
N ARG C 809 35.95 34.60 -6.52
CA ARG C 809 35.02 35.34 -7.35
C ARG C 809 33.85 35.85 -6.50
N TRP C 810 33.25 36.97 -6.95
CA TRP C 810 32.25 37.65 -6.15
C TRP C 810 30.99 36.81 -5.98
N LEU C 811 30.58 36.08 -7.03
CA LEU C 811 29.37 35.28 -6.95
C LEU C 811 29.50 34.18 -5.89
N GLU C 812 30.69 33.57 -5.80
CA GLU C 812 30.93 32.60 -4.74
C GLU C 812 30.87 33.25 -3.36
N ARG C 813 31.34 34.50 -3.24
CA ARG C 813 31.21 35.21 -1.98
C ARG C 813 29.75 35.42 -1.62
N PHE C 814 28.92 35.78 -2.60
CA PHE C 814 27.49 35.92 -2.36
C PHE C 814 26.87 34.59 -1.93
N ALA C 815 27.28 33.50 -2.56
CA ALA C 815 26.76 32.19 -2.19
C ALA C 815 27.13 31.83 -0.75
N TYR C 816 28.38 32.09 -0.37
CA TYR C 816 28.80 31.83 1.00
C TYR C 816 28.08 32.72 1.99
N VAL C 817 27.85 33.99 1.63
CA VAL C 817 27.09 34.90 2.49
C VAL C 817 25.67 34.40 2.67
N ASN C 818 25.05 33.89 1.60
CA ASN C 818 23.73 33.28 1.73
C ASN C 818 23.78 32.09 2.69
N THR C 819 24.72 31.17 2.47
CA THR C 819 24.84 29.98 3.30
C THR C 819 25.18 30.32 4.74
N THR C 820 25.67 31.53 5.00
CA THR C 820 26.00 31.96 6.35
C THR C 820 24.85 32.67 7.04
N ILE C 821 24.15 33.56 6.32
CA ILE C 821 23.14 34.42 6.94
C ILE C 821 21.72 33.92 6.66
N TYR C 822 21.57 32.68 6.18
CA TYR C 822 20.23 32.14 6.02
C TYR C 822 19.41 32.07 7.31
N PRO C 823 19.95 31.67 8.48
CA PRO C 823 19.11 31.64 9.68
C PRO C 823 18.57 32.99 10.10
N PHE C 824 19.33 34.08 9.90
CA PHE C 824 18.91 35.40 10.37
C PHE C 824 17.65 35.91 9.70
N THR C 825 17.30 35.38 8.52
CA THR C 825 16.07 35.79 7.87
C THR C 825 14.84 35.43 8.70
N SER C 826 14.99 34.52 9.68
CA SER C 826 13.92 34.18 10.59
C SER C 826 13.63 35.27 11.61
N LEU C 827 14.51 36.27 11.74
CA LEU C 827 14.23 37.33 12.70
C LEU C 827 13.13 38.25 12.17
N PRO C 828 13.27 38.88 11.00
CA PRO C 828 12.14 39.66 10.48
C PRO C 828 10.92 38.80 10.17
N LEU C 829 11.14 37.55 9.78
CA LEU C 829 10.03 36.70 9.34
C LEU C 829 8.93 36.61 10.38
N LEU C 830 9.31 36.37 11.64
CA LEU C 830 8.33 36.31 12.72
C LEU C 830 7.48 37.57 12.74
N ALA C 831 8.12 38.74 12.69
CA ALA C 831 7.38 39.99 12.67
C ALA C 831 6.41 40.01 11.50
N TYR C 832 6.88 39.66 10.31
CA TYR C 832 6.01 39.68 9.14
C TYR C 832 4.94 38.62 9.21
N CYS C 833 5.13 37.58 10.03
CA CYS C 833 4.09 36.58 10.22
C CYS C 833 3.00 37.10 11.15
N THR C 834 3.36 37.99 12.07
CA THR C 834 2.39 38.48 13.05
C THR C 834 1.75 39.79 12.66
N LEU C 835 2.43 40.61 11.85
CA LEU C 835 1.96 41.96 11.54
C LEU C 835 0.57 42.01 10.91
N PRO C 836 0.21 41.15 9.95
CA PRO C 836 -1.19 41.16 9.47
C PRO C 836 -2.21 41.01 10.59
N ALA C 837 -2.15 39.92 11.35
CA ALA C 837 -3.07 39.74 12.46
C ALA C 837 -3.02 40.92 13.43
N ILE C 838 -1.82 41.45 13.66
CA ILE C 838 -1.66 42.60 14.56
C ILE C 838 -2.52 43.76 14.10
N CYS C 839 -2.50 44.06 12.79
CA CYS C 839 -3.36 45.14 12.32
C CYS C 839 -4.81 44.68 12.21
N LEU C 840 -5.04 43.38 12.05
CA LEU C 840 -6.39 42.87 11.87
C LEU C 840 -7.20 43.00 13.15
N LEU C 841 -6.54 42.90 14.30
CA LEU C 841 -7.24 43.00 15.58
C LEU C 841 -7.76 44.40 15.85
N THR C 842 -7.24 45.43 15.19
CA THR C 842 -7.69 46.79 15.46
C THR C 842 -7.58 47.74 14.28
N ASP C 843 -6.36 47.98 13.76
CA ASP C 843 -6.19 49.01 12.73
C ASP C 843 -6.73 48.56 11.38
N LYS C 844 -6.41 47.33 10.98
CA LYS C 844 -6.86 46.76 9.70
C LYS C 844 -6.40 47.60 8.51
N PHE C 845 -5.19 48.15 8.61
CA PHE C 845 -4.56 48.80 7.46
C PHE C 845 -3.05 48.65 7.57
N ILE C 846 -2.38 48.73 6.42
CA ILE C 846 -0.93 48.66 6.36
C ILE C 846 -0.43 49.81 5.49
N MET C 847 -1.06 50.00 4.33
CA MET C 847 -0.74 51.12 3.45
C MET C 847 -2.04 51.66 2.88
N PRO C 848 -2.09 52.93 2.52
CA PRO C 848 -3.28 53.46 1.82
C PRO C 848 -3.48 52.74 0.50
N PRO C 849 -4.73 52.43 0.15
CA PRO C 849 -4.98 51.69 -1.09
C PRO C 849 -5.31 52.59 -2.28
N ILE C 850 -4.56 52.43 -3.36
CA ILE C 850 -4.84 53.11 -4.63
C ILE C 850 -4.81 52.07 -5.73
N SER C 851 -5.95 51.88 -6.40
CA SER C 851 -6.05 50.85 -7.43
C SER C 851 -5.36 51.26 -8.73
N THR C 852 -5.36 52.56 -9.04
CA THR C 852 -4.79 53.02 -10.31
C THR C 852 -3.30 52.74 -10.39
N PHE C 853 -2.57 52.99 -9.30
CA PHE C 853 -1.11 52.91 -9.31
C PHE C 853 -0.58 51.61 -8.71
N ALA C 854 -0.95 51.32 -7.46
CA ALA C 854 -0.29 50.25 -6.72
C ALA C 854 -0.72 48.86 -7.17
N SER C 855 -1.98 48.72 -7.60
CA SER C 855 -2.53 47.39 -7.86
C SER C 855 -1.79 46.67 -8.99
N LEU C 856 -1.42 47.41 -10.04
CA LEU C 856 -0.77 46.80 -11.18
C LEU C 856 0.56 46.15 -10.78
N PHE C 857 1.42 46.92 -10.11
CA PHE C 857 2.71 46.38 -9.68
C PHE C 857 2.52 45.32 -8.60
N PHE C 858 1.48 45.47 -7.77
CA PHE C 858 1.20 44.47 -6.74
C PHE C 858 0.91 43.11 -7.35
N ILE C 859 0.10 43.09 -8.41
CA ILE C 859 -0.18 41.85 -9.12
C ILE C 859 1.05 41.37 -9.88
N ALA C 860 1.79 42.31 -10.50
CA ALA C 860 2.94 41.95 -11.32
C ALA C 860 4.03 41.28 -10.49
N LEU C 861 4.16 41.65 -9.22
CA LEU C 861 5.14 41.00 -8.35
C LEU C 861 4.85 39.50 -8.22
N PHE C 862 3.61 39.16 -7.90
CA PHE C 862 3.23 37.75 -7.78
C PHE C 862 3.36 37.03 -9.12
N LEU C 863 2.98 37.71 -10.21
CA LEU C 863 3.12 37.09 -11.53
C LEU C 863 4.58 36.79 -11.86
N SER C 864 5.48 37.72 -11.54
CA SER C 864 6.90 37.50 -11.79
C SER C 864 7.42 36.34 -10.95
N ILE C 865 6.99 36.27 -9.69
CA ILE C 865 7.44 35.16 -8.82
C ILE C 865 6.95 33.82 -9.37
N PHE C 866 5.69 33.77 -9.81
CA PHE C 866 5.14 32.53 -10.36
C PHE C 866 5.87 32.12 -11.63
N ALA C 867 6.15 33.08 -12.52
CA ALA C 867 6.90 32.77 -13.71
C ALA C 867 8.30 32.29 -13.38
N THR C 868 8.92 32.89 -12.35
CA THR C 868 10.23 32.45 -11.90
C THR C 868 10.20 31.00 -11.46
N GLY C 869 9.20 30.62 -10.66
CA GLY C 869 9.09 29.24 -10.23
C GLY C 869 8.86 28.28 -11.37
N ILE C 870 7.99 28.67 -12.31
CA ILE C 870 7.71 27.82 -13.47
C ILE C 870 8.98 27.59 -14.28
N LEU C 871 9.75 28.65 -14.51
CA LEU C 871 10.98 28.50 -15.28
C LEU C 871 12.06 27.79 -14.50
N GLU C 872 12.04 27.88 -13.17
CA GLU C 872 12.93 27.04 -12.35
C GLU C 872 12.66 25.58 -12.63
N LEU C 873 11.39 25.17 -12.52
CA LEU C 873 11.05 23.77 -12.70
C LEU C 873 11.11 23.34 -14.16
N ARG C 874 11.16 24.29 -15.11
CA ARG C 874 11.32 23.93 -16.52
C ARG C 874 12.66 23.23 -16.76
N TRP C 875 13.76 23.79 -16.24
CA TRP C 875 15.08 23.24 -16.50
C TRP C 875 15.66 22.46 -15.34
N SER C 876 15.15 22.63 -14.12
CA SER C 876 15.71 21.90 -12.99
C SER C 876 15.26 20.45 -12.96
N GLY C 877 14.03 20.17 -13.38
CA GLY C 877 13.48 18.84 -13.26
C GLY C 877 12.89 18.52 -11.91
N VAL C 878 12.92 19.46 -10.96
CA VAL C 878 12.32 19.23 -9.66
C VAL C 878 10.80 19.22 -9.79
N SER C 879 10.16 18.23 -9.16
CA SER C 879 8.72 18.11 -9.24
C SER C 879 8.04 19.27 -8.51
N ILE C 880 6.77 19.50 -8.87
CA ILE C 880 6.00 20.56 -8.24
C ILE C 880 5.84 20.30 -6.75
N GLU C 881 5.53 19.06 -6.39
CA GLU C 881 5.29 18.71 -4.99
C GLU C 881 6.52 18.97 -4.13
N GLU C 882 7.69 18.55 -4.63
CA GLU C 882 8.93 18.79 -3.88
C GLU C 882 9.23 20.28 -3.80
N TRP C 883 8.96 21.01 -4.88
CA TRP C 883 9.17 22.46 -4.86
C TRP C 883 8.36 23.12 -3.75
N TRP C 884 7.07 22.80 -3.66
CA TRP C 884 6.28 23.44 -2.62
C TRP C 884 6.60 22.89 -1.24
N ARG C 885 7.01 21.62 -1.15
CA ARG C 885 7.45 21.10 0.13
C ARG C 885 8.60 21.92 0.68
N ASN C 886 9.61 22.17 -0.16
CA ASN C 886 10.73 23.01 0.26
C ASN C 886 10.26 24.44 0.53
N GLU C 887 9.37 24.97 -0.31
CA GLU C 887 8.95 26.36 -0.16
C GLU C 887 8.22 26.59 1.16
N GLN C 888 7.35 25.67 1.58
CA GLN C 888 6.68 25.80 2.86
C GLN C 888 7.60 25.44 4.02
N PHE C 889 8.46 24.44 3.86
CA PHE C 889 9.42 24.11 4.92
C PHE C 889 10.38 25.25 5.19
N TRP C 890 10.62 26.13 4.22
CA TRP C 890 11.33 27.37 4.48
C TRP C 890 10.80 28.03 5.75
N VAL C 891 9.56 28.53 5.70
CA VAL C 891 8.98 29.20 6.85
C VAL C 891 8.85 28.24 8.03
N ILE C 892 8.42 27.01 7.77
CA ILE C 892 8.12 26.08 8.86
C ILE C 892 9.35 25.84 9.72
N GLY C 893 10.50 25.63 9.10
CA GLY C 893 11.72 25.40 9.87
C GLY C 893 12.37 26.70 10.31
N GLY C 894 12.12 27.79 9.58
CA GLY C 894 12.68 29.07 9.97
C GLY C 894 12.11 29.59 11.27
N ILE C 895 10.80 29.47 11.45
CA ILE C 895 10.17 29.99 12.65
C ILE C 895 10.29 29.03 13.81
N SER C 896 10.75 27.80 13.57
CA SER C 896 10.78 26.80 14.64
C SER C 896 12.13 26.79 15.35
N ALA C 897 13.22 26.71 14.60
CA ALA C 897 14.53 26.47 15.19
C ALA C 897 15.57 27.52 14.86
N HIS C 898 15.41 28.27 13.76
CA HIS C 898 16.45 29.22 13.36
C HIS C 898 16.54 30.41 14.32
N LEU C 899 15.39 30.91 14.79
CA LEU C 899 15.43 31.96 15.80
C LEU C 899 16.05 31.45 17.09
N PHE C 900 15.80 30.18 17.43
CA PHE C 900 16.50 29.58 18.56
C PHE C 900 18.01 29.62 18.34
N ALA C 901 18.47 29.12 17.18
CA ALA C 901 19.91 29.11 16.91
C ALA C 901 20.50 30.51 17.03
N VAL C 902 19.75 31.53 16.59
CA VAL C 902 20.16 32.91 16.79
C VAL C 902 20.27 33.23 18.28
N VAL C 903 19.33 32.74 19.08
CA VAL C 903 19.38 33.02 20.52
C VAL C 903 20.63 32.40 21.15
N GLN C 904 20.96 31.15 20.82
CA GLN C 904 22.23 30.57 21.25
C GLN C 904 23.44 31.38 20.78
N GLY C 905 23.46 31.78 19.52
CA GLY C 905 24.62 32.49 19.01
C GLY C 905 24.85 33.81 19.73
N LEU C 906 23.80 34.62 19.86
CA LEU C 906 23.92 35.89 20.55
C LEU C 906 24.18 35.72 22.03
N LEU C 907 23.54 34.74 22.68
CA LEU C 907 23.75 34.53 24.11
C LEU C 907 25.19 34.11 24.38
N LYS C 908 25.73 33.19 23.58
CA LYS C 908 27.11 32.76 23.78
C LYS C 908 28.08 33.90 23.50
N VAL C 909 27.82 34.69 22.46
CA VAL C 909 28.71 35.81 22.17
C VAL C 909 28.70 36.83 23.30
N LEU C 910 27.51 37.17 23.82
CA LEU C 910 27.43 38.17 24.88
C LEU C 910 27.95 37.61 26.20
N ALA C 911 27.92 36.29 26.39
CA ALA C 911 28.43 35.71 27.62
C ALA C 911 29.93 35.95 27.78
N GLY C 912 30.68 35.83 26.68
CA GLY C 912 32.12 36.03 26.72
C GLY C 912 32.50 37.49 26.83
N GLU C 931 19.60 23.73 29.57
CA GLU C 931 19.49 25.11 29.14
C GLU C 931 20.31 25.36 27.88
N LEU C 932 21.64 25.24 28.01
CA LEU C 932 22.51 25.45 26.86
C LEU C 932 22.51 24.25 25.92
N TYR C 933 22.20 23.06 26.42
CA TYR C 933 22.28 21.84 25.61
C TYR C 933 21.04 21.70 24.74
N THR C 934 20.95 20.59 24.00
CA THR C 934 19.83 20.37 23.09
C THR C 934 18.50 20.38 23.85
N PHE C 935 17.51 21.05 23.28
CA PHE C 935 16.19 21.17 23.88
C PHE C 935 15.30 19.99 23.52
N LYS C 936 14.14 19.95 24.19
CA LYS C 936 13.13 18.96 23.88
C LYS C 936 12.55 19.20 22.50
N TRP C 937 12.08 18.12 21.87
CA TRP C 937 11.51 18.22 20.54
C TRP C 937 10.21 19.02 20.54
N THR C 938 9.45 18.94 21.63
CA THR C 938 8.15 19.61 21.67
C THR C 938 8.30 21.12 21.79
N THR C 939 9.22 21.59 22.65
CA THR C 939 9.37 23.02 22.90
C THR C 939 9.85 23.80 21.68
N LEU C 940 10.34 23.11 20.65
CA LEU C 940 10.82 23.80 19.45
C LEU C 940 9.67 24.37 18.62
N LEU C 941 8.50 23.76 18.70
CA LEU C 941 7.40 24.07 17.80
C LEU C 941 6.32 24.96 18.41
N ILE C 942 6.61 25.65 19.51
CA ILE C 942 5.60 26.50 20.14
C ILE C 942 5.52 27.88 19.49
N PRO C 943 6.57 28.47 18.92
CA PRO C 943 6.39 29.75 18.21
C PRO C 943 5.46 29.65 17.01
N PRO C 944 5.64 28.65 16.12
CA PRO C 944 4.68 28.56 15.00
C PRO C 944 3.24 28.33 15.45
N THR C 945 3.05 27.53 16.51
CA THR C 945 1.71 27.31 17.02
C THR C 945 1.12 28.61 17.56
N THR C 946 1.92 29.39 18.29
CA THR C 946 1.45 30.68 18.80
C THR C 946 1.07 31.60 17.65
N VAL C 947 1.90 31.66 16.61
CA VAL C 947 1.62 32.53 15.47
C VAL C 947 0.34 32.12 14.77
N LEU C 948 0.16 30.81 14.56
CA LEU C 948 -1.05 30.34 13.89
C LEU C 948 -2.29 30.63 14.73
N ILE C 949 -2.18 30.45 16.05
CA ILE C 949 -3.32 30.73 16.92
C ILE C 949 -3.68 32.21 16.88
N ILE C 950 -2.67 33.09 16.92
CA ILE C 950 -2.93 34.52 16.85
C ILE C 950 -3.57 34.89 15.52
N ASN C 951 -3.08 34.29 14.42
CA ASN C 951 -3.66 34.60 13.12
C ASN C 951 -5.10 34.10 13.01
N LEU C 952 -5.40 32.93 13.57
CA LEU C 952 -6.78 32.44 13.58
C LEU C 952 -7.68 33.34 14.40
N VAL C 953 -7.18 33.82 15.54
CA VAL C 953 -7.95 34.76 16.36
C VAL C 953 -8.20 36.05 15.59
N GLY C 954 -7.20 36.52 14.83
CA GLY C 954 -7.39 37.68 13.99
C GLY C 954 -8.42 37.45 12.90
N VAL C 955 -8.43 36.26 12.32
CA VAL C 955 -9.45 35.92 11.33
C VAL C 955 -10.84 35.95 11.95
N VAL C 956 -10.96 35.41 13.17
CA VAL C 956 -12.25 35.44 13.88
C VAL C 956 -12.68 36.89 14.13
N ALA C 957 -11.73 37.73 14.55
CA ALA C 957 -12.05 39.14 14.78
C ALA C 957 -12.48 39.82 13.49
N GLY C 958 -11.83 39.49 12.37
CA GLY C 958 -12.25 40.03 11.09
C GLY C 958 -13.64 39.59 10.70
N ILE C 959 -13.99 38.33 11.00
CA ILE C 959 -15.35 37.84 10.75
C ILE C 959 -16.34 38.62 11.60
N SER C 960 -16.00 38.88 12.87
CA SER C 960 -16.87 39.67 13.72
C SER C 960 -17.05 41.09 13.17
N ASP C 961 -15.96 41.69 12.68
CA ASP C 961 -16.06 43.01 12.07
C ASP C 961 -16.94 42.99 10.83
N ALA C 962 -16.81 41.93 10.02
CA ALA C 962 -17.68 41.78 8.85
C ALA C 962 -19.13 41.66 9.27
N ILE C 963 -19.40 40.99 10.38
CA ILE C 963 -20.75 40.97 10.94
C ILE C 963 -21.18 42.40 11.29
N ASN C 964 -20.30 43.16 11.92
CA ASN C 964 -20.57 44.58 12.17
C ASN C 964 -20.56 45.40 10.89
N ASN C 965 -19.89 44.92 9.84
CA ASN C 965 -19.78 45.68 8.61
C ASN C 965 -21.14 45.79 7.91
N GLY C 966 -21.40 46.95 7.34
CA GLY C 966 -22.59 47.17 6.54
C GLY C 966 -22.26 47.47 5.09
N TYR C 967 -21.42 46.63 4.49
CA TYR C 967 -20.99 46.74 3.09
C TYR C 967 -20.11 47.96 2.83
N GLN C 968 -20.26 49.01 3.64
CA GLN C 968 -19.42 50.19 3.49
C GLN C 968 -17.96 49.92 3.84
N SER C 969 -17.70 48.93 4.69
CA SER C 969 -16.34 48.53 5.04
C SER C 969 -16.01 47.12 4.51
N TRP C 970 -16.74 46.65 3.50
CA TRP C 970 -16.51 45.31 2.97
C TRP C 970 -15.26 45.26 2.10
N GLY C 971 -14.68 46.41 1.78
CA GLY C 971 -13.56 46.48 0.87
C GLY C 971 -12.20 46.24 1.50
N PRO C 972 -11.78 47.12 2.40
CA PRO C 972 -10.37 47.10 2.87
C PRO C 972 -9.93 45.79 3.52
N LEU C 973 -10.82 45.09 4.22
CA LEU C 973 -10.39 43.92 4.98
C LEU C 973 -10.01 42.74 4.09
N PHE C 974 -10.28 42.80 2.78
CA PHE C 974 -9.97 41.69 1.90
C PHE C 974 -8.46 41.43 1.84
N GLY C 975 -7.66 42.49 1.75
CA GLY C 975 -6.22 42.30 1.72
C GLY C 975 -5.66 41.75 3.01
N LYS C 976 -6.21 42.19 4.14
CA LYS C 976 -5.77 41.66 5.43
C LYS C 976 -6.13 40.20 5.57
N LEU C 977 -7.34 39.83 5.13
CA LEU C 977 -7.73 38.44 5.10
C LEU C 977 -6.79 37.62 4.22
N PHE C 978 -6.41 38.18 3.07
CA PHE C 978 -5.50 37.48 2.18
C PHE C 978 -4.13 37.27 2.83
N PHE C 979 -3.60 38.28 3.51
CA PHE C 979 -2.29 38.14 4.16
C PHE C 979 -2.35 37.10 5.27
N SER C 980 -3.37 37.18 6.12
CA SER C 980 -3.50 36.22 7.20
C SER C 980 -3.71 34.81 6.65
N PHE C 981 -4.44 34.70 5.54
CA PHE C 981 -4.67 33.39 4.91
C PHE C 981 -3.38 32.83 4.32
N TRP C 982 -2.55 33.68 3.72
CA TRP C 982 -1.25 33.24 3.25
C TRP C 982 -0.41 32.67 4.39
N VAL C 983 -0.37 33.40 5.51
CA VAL C 983 0.39 32.93 6.67
C VAL C 983 -0.16 31.61 7.18
N ILE C 984 -1.49 31.51 7.28
CA ILE C 984 -2.12 30.30 7.81
C ILE C 984 -1.88 29.11 6.89
N VAL C 985 -1.98 29.32 5.57
CA VAL C 985 -1.75 28.24 4.62
C VAL C 985 -0.31 27.77 4.68
N HIS C 986 0.63 28.69 4.92
CA HIS C 986 2.01 28.26 5.08
C HIS C 986 2.22 27.48 6.37
N LEU C 987 1.53 27.89 7.46
CA LEU C 987 1.83 27.31 8.77
C LEU C 987 1.12 25.98 9.00
N TYR C 988 -0.07 25.80 8.42
CA TYR C 988 -0.99 24.77 8.89
C TYR C 988 -0.62 23.34 8.48
N PRO C 989 -0.25 23.06 7.22
CA PRO C 989 -0.14 21.64 6.81
C PRO C 989 0.88 20.84 7.62
N PHE C 990 1.96 21.45 8.08
CA PHE C 990 2.92 20.72 8.90
C PHE C 990 2.29 20.26 10.21
N LEU C 991 1.50 21.14 10.84
CA LEU C 991 0.80 20.76 12.06
C LEU C 991 -0.26 19.70 11.78
N LYS C 992 -0.94 19.80 10.64
CA LYS C 992 -1.86 18.75 10.23
C LYS C 992 -1.15 17.40 10.15
N GLY C 993 0.01 17.37 9.49
CA GLY C 993 0.75 16.12 9.39
C GLY C 993 1.23 15.60 10.73
N LEU C 994 1.65 16.51 11.61
CA LEU C 994 2.14 16.10 12.92
C LEU C 994 1.03 15.48 13.76
N MET C 995 -0.09 16.19 13.88
CA MET C 995 -1.10 15.77 14.86
C MET C 995 -1.98 14.63 14.34
N GLY C 996 -1.99 14.39 13.03
CA GLY C 996 -2.79 13.34 12.44
C GLY C 996 -1.94 12.22 11.85
N ARG C 997 -2.26 11.00 12.25
CA ARG C 997 -1.62 9.81 11.69
C ARG C 997 -2.33 9.27 10.46
N GLN C 998 -3.51 9.79 10.14
CA GLN C 998 -4.26 9.38 8.96
C GLN C 998 -4.09 10.40 7.85
N ASN C 999 -4.44 9.99 6.63
CA ASN C 999 -4.29 10.86 5.48
C ASN C 999 -5.37 11.93 5.47
N ARG C 1000 -5.19 12.92 4.59
CA ARG C 1000 -6.11 14.05 4.46
C ARG C 1000 -6.26 14.77 5.80
N THR C 1001 -7.44 14.70 6.37
CA THR C 1001 -7.73 15.28 7.67
C THR C 1001 -7.27 14.34 8.78
N PRO C 1002 -6.75 14.89 9.89
CA PRO C 1002 -6.35 14.02 11.01
C PRO C 1002 -7.48 13.17 11.54
N THR C 1003 -8.52 13.78 12.09
CA THR C 1003 -9.72 13.07 12.50
C THR C 1003 -10.90 13.76 11.82
N ILE C 1004 -12.09 13.59 12.38
CA ILE C 1004 -13.29 14.18 11.78
C ILE C 1004 -14.06 14.97 12.84
N VAL C 1005 -14.58 14.26 13.84
CA VAL C 1005 -15.40 14.89 14.86
C VAL C 1005 -14.61 15.90 15.67
N VAL C 1006 -13.30 15.70 15.84
CA VAL C 1006 -12.51 16.63 16.64
C VAL C 1006 -12.34 17.95 15.92
N ILE C 1007 -12.07 17.91 14.61
CA ILE C 1007 -12.01 19.15 13.84
C ILE C 1007 -13.39 19.80 13.78
N TRP C 1008 -14.45 19.00 13.65
CA TRP C 1008 -15.80 19.55 13.67
C TRP C 1008 -16.10 20.25 14.98
N SER C 1009 -15.69 19.66 16.10
CA SER C 1009 -15.92 20.26 17.41
C SER C 1009 -15.03 21.45 17.65
N VAL C 1010 -13.83 21.47 17.06
CA VAL C 1010 -12.99 22.67 17.13
C VAL C 1010 -13.66 23.82 16.40
N LEU C 1011 -14.22 23.54 15.21
CA LEU C 1011 -14.99 24.56 14.50
C LEU C 1011 -16.20 25.02 15.31
N LEU C 1012 -16.87 24.07 15.96
CA LEU C 1012 -18.02 24.41 16.81
C LEU C 1012 -17.61 25.31 17.97
N ALA C 1013 -16.49 24.98 18.62
CA ALA C 1013 -16.00 25.79 19.73
C ALA C 1013 -15.60 27.18 19.26
N SER C 1014 -14.99 27.26 18.07
CA SER C 1014 -14.65 28.58 17.52
C SER C 1014 -15.91 29.39 17.23
N ILE C 1015 -16.95 28.74 16.69
CA ILE C 1015 -18.19 29.44 16.41
C ILE C 1015 -18.83 29.96 17.70
N PHE C 1016 -18.87 29.11 18.73
CA PHE C 1016 -19.46 29.57 20.00
C PHE C 1016 -18.61 30.64 20.67
N SER C 1017 -17.28 30.55 20.55
CA SER C 1017 -16.41 31.59 21.09
C SER C 1017 -16.62 32.92 20.39
N LEU C 1018 -16.76 32.90 19.06
CA LEU C 1018 -17.02 34.15 18.35
C LEU C 1018 -18.41 34.68 18.65
N LEU C 1019 -19.37 33.78 18.90
CA LEU C 1019 -20.69 34.22 19.34
C LEU C 1019 -20.61 34.94 20.68
N TRP C 1020 -19.85 34.38 21.63
CA TRP C 1020 -19.69 35.02 22.93
C TRP C 1020 -18.92 36.33 22.82
N VAL C 1021 -17.98 36.40 21.89
CA VAL C 1021 -17.26 37.65 21.64
C VAL C 1021 -18.21 38.70 21.08
N ARG C 1022 -19.09 38.30 20.14
CA ARG C 1022 -20.04 39.23 19.55
C ARG C 1022 -21.04 39.74 20.58
N ILE C 1023 -21.52 38.85 21.46
CA ILE C 1023 -22.51 39.29 22.45
C ILE C 1023 -21.87 40.20 23.49
N ASP C 1024 -20.54 40.15 23.63
CA ASP C 1024 -19.80 41.00 24.55
C ASP C 1024 -18.64 41.65 23.80
N PRO C 1025 -18.93 42.65 22.95
CA PRO C 1025 -17.89 43.30 22.16
C PRO C 1025 -17.10 44.33 22.95
#